data_3KEY
# 
_entry.id   3KEY 
# 
_audit_conform.dict_name       mmcif_pdbx.dic 
_audit_conform.dict_version    5.397 
_audit_conform.dict_location   http://mmcif.pdb.org/dictionaries/ascii/mmcif_pdbx.dic 
# 
loop_
_database_2.database_id 
_database_2.database_code 
_database_2.pdbx_database_accession 
_database_2.pdbx_DOI 
PDB   3KEY         pdb_00003key 10.2210/pdb3key/pdb 
RCSB  RCSB055907   ?            ?                   
WWPDB D_1000055907 ?            ?                   
# 
loop_
_pdbx_audit_revision_history.ordinal 
_pdbx_audit_revision_history.data_content_type 
_pdbx_audit_revision_history.major_revision 
_pdbx_audit_revision_history.minor_revision 
_pdbx_audit_revision_history.revision_date 
1 'Structure model' 1 0 2009-12-22 
2 'Structure model' 1 1 2011-07-13 
3 'Structure model' 1 2 2017-11-01 
4 'Structure model' 1 3 2024-10-16 
# 
_pdbx_audit_revision_details.ordinal             1 
_pdbx_audit_revision_details.revision_ordinal    1 
_pdbx_audit_revision_details.data_content_type   'Structure model' 
_pdbx_audit_revision_details.provider            repository 
_pdbx_audit_revision_details.type                'Initial release' 
_pdbx_audit_revision_details.description         ? 
_pdbx_audit_revision_details.details             ? 
# 
loop_
_pdbx_audit_revision_group.ordinal 
_pdbx_audit_revision_group.revision_ordinal 
_pdbx_audit_revision_group.data_content_type 
_pdbx_audit_revision_group.group 
1 2 'Structure model' 'Version format compliance' 
2 3 'Structure model' 'Refinement description'    
3 4 'Structure model' 'Data collection'           
4 4 'Structure model' 'Database references'       
5 4 'Structure model' 'Structure summary'         
# 
loop_
_pdbx_audit_revision_category.ordinal 
_pdbx_audit_revision_category.revision_ordinal 
_pdbx_audit_revision_category.data_content_type 
_pdbx_audit_revision_category.category 
1 3 'Structure model' software                  
2 4 'Structure model' chem_comp_atom            
3 4 'Structure model' chem_comp_bond            
4 4 'Structure model' database_2                
5 4 'Structure model' pdbx_entry_details        
6 4 'Structure model' pdbx_modification_feature 
7 4 'Structure model' struct_ref_seq_dif        
# 
loop_
_pdbx_audit_revision_item.ordinal 
_pdbx_audit_revision_item.revision_ordinal 
_pdbx_audit_revision_item.data_content_type 
_pdbx_audit_revision_item.item 
1 3 'Structure model' '_software.name'                      
2 4 'Structure model' '_database_2.pdbx_DOI'                
3 4 'Structure model' '_database_2.pdbx_database_accession' 
4 4 'Structure model' '_struct_ref_seq_dif.details'         
# 
_pdbx_database_status.status_code                     REL 
_pdbx_database_status.entry_id                        3KEY 
_pdbx_database_status.recvd_initial_deposition_date   2009-10-26 
_pdbx_database_status.deposit_site                    RCSB 
_pdbx_database_status.process_site                    RCSB 
_pdbx_database_status.status_code_sf                  REL 
_pdbx_database_status.status_code_mr                  ? 
_pdbx_database_status.SG_entry                        ? 
_pdbx_database_status.pdb_format_compatible           Y 
_pdbx_database_status.status_code_cs                  ? 
_pdbx_database_status.methods_development_category    ? 
_pdbx_database_status.status_code_nmr_data            ? 
# 
loop_
_pdbx_database_related.db_name 
_pdbx_database_related.db_id 
_pdbx_database_related.details 
_pdbx_database_related.content_type 
PDB 3KF6 'Crystal structure of S. pombe Stn1-ten1 complex'      unspecified 
PDB 3KF8 'Crystal structure of C. tropicalis Stn1-ten1 complex' unspecified 
# 
loop_
_audit_author.name 
_audit_author.pdbx_ordinal 
'Sun, J.'      1 
'Yu, E.Y.'     2 
'Yang, Y.T.'   3 
'Confer, L.A.' 4 
'Sun, S.H.'    5 
'Wan, K.'      6 
'Lue, N.F.'    7 
'Lei, M.'      8 
# 
_citation.id                        primary 
_citation.title                     'Stn1-Ten1 is an Rpa2-Rpa3-like complex at telomeres.' 
_citation.journal_abbrev            'Genes Dev.' 
_citation.journal_volume            23 
_citation.page_first                2900 
_citation.page_last                 2914 
_citation.year                      2009 
_citation.journal_id_ASTM           GEDEEP 
_citation.country                   US 
_citation.journal_id_ISSN           0890-9369 
_citation.journal_id_CSD            2056 
_citation.book_publisher            ? 
_citation.pdbx_database_id_PubMed   20008938 
_citation.pdbx_database_id_DOI      10.1101/gad.1851909 
# 
loop_
_citation_author.citation_id 
_citation_author.name 
_citation_author.ordinal 
_citation_author.identifier_ORCID 
primary 'Sun, J.'      1 ? 
primary 'Yu, E.Y.'     2 ? 
primary 'Yang, Y.'     3 ? 
primary 'Confer, L.A.' 4 ? 
primary 'Sun, S.H.'    5 ? 
primary 'Wan, K.'      6 ? 
primary 'Lue, N.F.'    7 ? 
primary 'Lei, M.'      8 ? 
# 
loop_
_entity.id 
_entity.type 
_entity.src_method 
_entity.pdbx_description 
_entity.formula_weight 
_entity.pdbx_number_of_molecules 
_entity.pdbx_ec 
_entity.pdbx_mutation 
_entity.pdbx_fragment 
_entity.details 
1 polymer man 'Protein STN1' 21236.600 1  ? ? 'C-terminal fragment: UNP residues 311-494' ? 
2 water   nat water          18.015    73 ? ? ?                                           ? 
# 
_entity_poly.entity_id                      1 
_entity_poly.type                           'polypeptide(L)' 
_entity_poly.nstd_linkage                   no 
_entity_poly.nstd_monomer                   no 
_entity_poly.pdbx_seq_one_letter_code       
;SNRTSAKSNLMLILLGLQMKEISNSDLYKLKEVRSVVTSLASFLFQQQNVGVMKSFDSLEKEAFRDLVNRLVSQGLIGLK
DKTSETFDLLPLKNLFEYAEKRISVLMKLQCYTGTVQLSHVQEKLHLPYITTNGIVDVFKECLKRTKKQYPEVLKNWWID
LDPKNGMEDQNSGILLHLEYAAAYS
;
_entity_poly.pdbx_seq_one_letter_code_can   
;SNRTSAKSNLMLILLGLQMKEISNSDLYKLKEVRSVVTSLASFLFQQQNVGVMKSFDSLEKEAFRDLVNRLVSQGLIGLK
DKTSETFDLLPLKNLFEYAEKRISVLMKLQCYTGTVQLSHVQEKLHLPYITTNGIVDVFKECLKRTKKQYPEVLKNWWID
LDPKNGMEDQNSGILLHLEYAAAYS
;
_entity_poly.pdbx_strand_id                 A 
_entity_poly.pdbx_target_identifier         ? 
# 
_pdbx_entity_nonpoly.entity_id   2 
_pdbx_entity_nonpoly.name        water 
_pdbx_entity_nonpoly.comp_id     HOH 
# 
loop_
_entity_poly_seq.entity_id 
_entity_poly_seq.num 
_entity_poly_seq.mon_id 
_entity_poly_seq.hetero 
1 1   SER n 
1 2   ASN n 
1 3   ARG n 
1 4   THR n 
1 5   SER n 
1 6   ALA n 
1 7   LYS n 
1 8   SER n 
1 9   ASN n 
1 10  LEU n 
1 11  MET n 
1 12  LEU n 
1 13  ILE n 
1 14  LEU n 
1 15  LEU n 
1 16  GLY n 
1 17  LEU n 
1 18  GLN n 
1 19  MET n 
1 20  LYS n 
1 21  GLU n 
1 22  ILE n 
1 23  SER n 
1 24  ASN n 
1 25  SER n 
1 26  ASP n 
1 27  LEU n 
1 28  TYR n 
1 29  LYS n 
1 30  LEU n 
1 31  LYS n 
1 32  GLU n 
1 33  VAL n 
1 34  ARG n 
1 35  SER n 
1 36  VAL n 
1 37  VAL n 
1 38  THR n 
1 39  SER n 
1 40  LEU n 
1 41  ALA n 
1 42  SER n 
1 43  PHE n 
1 44  LEU n 
1 45  PHE n 
1 46  GLN n 
1 47  GLN n 
1 48  GLN n 
1 49  ASN n 
1 50  VAL n 
1 51  GLY n 
1 52  VAL n 
1 53  MET n 
1 54  LYS n 
1 55  SER n 
1 56  PHE n 
1 57  ASP n 
1 58  SER n 
1 59  LEU n 
1 60  GLU n 
1 61  LYS n 
1 62  GLU n 
1 63  ALA n 
1 64  PHE n 
1 65  ARG n 
1 66  ASP n 
1 67  LEU n 
1 68  VAL n 
1 69  ASN n 
1 70  ARG n 
1 71  LEU n 
1 72  VAL n 
1 73  SER n 
1 74  GLN n 
1 75  GLY n 
1 76  LEU n 
1 77  ILE n 
1 78  GLY n 
1 79  LEU n 
1 80  LYS n 
1 81  ASP n 
1 82  LYS n 
1 83  THR n 
1 84  SER n 
1 85  GLU n 
1 86  THR n 
1 87  PHE n 
1 88  ASP n 
1 89  LEU n 
1 90  LEU n 
1 91  PRO n 
1 92  LEU n 
1 93  LYS n 
1 94  ASN n 
1 95  LEU n 
1 96  PHE n 
1 97  GLU n 
1 98  TYR n 
1 99  ALA n 
1 100 GLU n 
1 101 LYS n 
1 102 ARG n 
1 103 ILE n 
1 104 SER n 
1 105 VAL n 
1 106 LEU n 
1 107 MET n 
1 108 LYS n 
1 109 LEU n 
1 110 GLN n 
1 111 CYS n 
1 112 TYR n 
1 113 THR n 
1 114 GLY n 
1 115 THR n 
1 116 VAL n 
1 117 GLN n 
1 118 LEU n 
1 119 SER n 
1 120 HIS n 
1 121 VAL n 
1 122 GLN n 
1 123 GLU n 
1 124 LYS n 
1 125 LEU n 
1 126 HIS n 
1 127 LEU n 
1 128 PRO n 
1 129 TYR n 
1 130 ILE n 
1 131 THR n 
1 132 THR n 
1 133 ASN n 
1 134 GLY n 
1 135 ILE n 
1 136 VAL n 
1 137 ASP n 
1 138 VAL n 
1 139 PHE n 
1 140 LYS n 
1 141 GLU n 
1 142 CYS n 
1 143 LEU n 
1 144 LYS n 
1 145 ARG n 
1 146 THR n 
1 147 LYS n 
1 148 LYS n 
1 149 GLN n 
1 150 TYR n 
1 151 PRO n 
1 152 GLU n 
1 153 VAL n 
1 154 LEU n 
1 155 LYS n 
1 156 ASN n 
1 157 TRP n 
1 158 TRP n 
1 159 ILE n 
1 160 ASP n 
1 161 LEU n 
1 162 ASP n 
1 163 PRO n 
1 164 LYS n 
1 165 ASN n 
1 166 GLY n 
1 167 MET n 
1 168 GLU n 
1 169 ASP n 
1 170 GLN n 
1 171 ASN n 
1 172 SER n 
1 173 GLY n 
1 174 ILE n 
1 175 LEU n 
1 176 LEU n 
1 177 HIS n 
1 178 LEU n 
1 179 GLU n 
1 180 TYR n 
1 181 ALA n 
1 182 ALA n 
1 183 ALA n 
1 184 TYR n 
1 185 SER n 
# 
_entity_src_gen.entity_id                          1 
_entity_src_gen.pdbx_src_id                        1 
_entity_src_gen.pdbx_alt_source_flag               sample 
_entity_src_gen.pdbx_seq_type                      ? 
_entity_src_gen.pdbx_beg_seq_num                   ? 
_entity_src_gen.pdbx_end_seq_num                   ? 
_entity_src_gen.gene_src_common_name               yeast 
_entity_src_gen.gene_src_genus                     ? 
_entity_src_gen.pdbx_gene_src_gene                 'STN1, YDR082W, D4456, YD8554.15' 
_entity_src_gen.gene_src_species                   ? 
_entity_src_gen.gene_src_strain                    ? 
_entity_src_gen.gene_src_tissue                    ? 
_entity_src_gen.gene_src_tissue_fraction           ? 
_entity_src_gen.gene_src_details                   ? 
_entity_src_gen.pdbx_gene_src_fragment             ? 
_entity_src_gen.pdbx_gene_src_scientific_name      'Saccharomyces cerevisiae' 
_entity_src_gen.pdbx_gene_src_ncbi_taxonomy_id     4932 
_entity_src_gen.pdbx_gene_src_variant              ? 
_entity_src_gen.pdbx_gene_src_cell_line            ? 
_entity_src_gen.pdbx_gene_src_atcc                 ? 
_entity_src_gen.pdbx_gene_src_organ                ? 
_entity_src_gen.pdbx_gene_src_organelle            ? 
_entity_src_gen.pdbx_gene_src_cell                 ? 
_entity_src_gen.pdbx_gene_src_cellular_location    ? 
_entity_src_gen.host_org_common_name               ? 
_entity_src_gen.pdbx_host_org_scientific_name      'Escherichia coli' 
_entity_src_gen.pdbx_host_org_ncbi_taxonomy_id     562 
_entity_src_gen.host_org_genus                     ? 
_entity_src_gen.pdbx_host_org_gene                 ? 
_entity_src_gen.pdbx_host_org_organ                ? 
_entity_src_gen.host_org_species                   ? 
_entity_src_gen.pdbx_host_org_tissue               ? 
_entity_src_gen.pdbx_host_org_tissue_fraction      ? 
_entity_src_gen.pdbx_host_org_strain               BL21 
_entity_src_gen.pdbx_host_org_variant              ? 
_entity_src_gen.pdbx_host_org_cell_line            ? 
_entity_src_gen.pdbx_host_org_atcc                 ? 
_entity_src_gen.pdbx_host_org_culture_collection   ? 
_entity_src_gen.pdbx_host_org_cell                 ? 
_entity_src_gen.pdbx_host_org_organelle            ? 
_entity_src_gen.pdbx_host_org_cellular_location    ? 
_entity_src_gen.pdbx_host_org_vector_type          Plasmid 
_entity_src_gen.pdbx_host_org_vector               ? 
_entity_src_gen.host_org_details                   ? 
_entity_src_gen.expression_system_id               ? 
_entity_src_gen.plasmid_name                       pET28b 
_entity_src_gen.plasmid_details                    ? 
_entity_src_gen.pdbx_description                   ? 
# 
loop_
_chem_comp.id 
_chem_comp.type 
_chem_comp.mon_nstd_flag 
_chem_comp.name 
_chem_comp.pdbx_synonyms 
_chem_comp.formula 
_chem_comp.formula_weight 
ALA 'L-peptide linking' y ALANINE         ? 'C3 H7 N O2'     89.093  
ARG 'L-peptide linking' y ARGININE        ? 'C6 H15 N4 O2 1' 175.209 
ASN 'L-peptide linking' y ASPARAGINE      ? 'C4 H8 N2 O3'    132.118 
ASP 'L-peptide linking' y 'ASPARTIC ACID' ? 'C4 H7 N O4'     133.103 
CYS 'L-peptide linking' y CYSTEINE        ? 'C3 H7 N O2 S'   121.158 
GLN 'L-peptide linking' y GLUTAMINE       ? 'C5 H10 N2 O3'   146.144 
GLU 'L-peptide linking' y 'GLUTAMIC ACID' ? 'C5 H9 N O4'     147.129 
GLY 'peptide linking'   y GLYCINE         ? 'C2 H5 N O2'     75.067  
HIS 'L-peptide linking' y HISTIDINE       ? 'C6 H10 N3 O2 1' 156.162 
HOH non-polymer         . WATER           ? 'H2 O'           18.015  
ILE 'L-peptide linking' y ISOLEUCINE      ? 'C6 H13 N O2'    131.173 
LEU 'L-peptide linking' y LEUCINE         ? 'C6 H13 N O2'    131.173 
LYS 'L-peptide linking' y LYSINE          ? 'C6 H15 N2 O2 1' 147.195 
MET 'L-peptide linking' y METHIONINE      ? 'C5 H11 N O2 S'  149.211 
PHE 'L-peptide linking' y PHENYLALANINE   ? 'C9 H11 N O2'    165.189 
PRO 'L-peptide linking' y PROLINE         ? 'C5 H9 N O2'     115.130 
SER 'L-peptide linking' y SERINE          ? 'C3 H7 N O3'     105.093 
THR 'L-peptide linking' y THREONINE       ? 'C4 H9 N O3'     119.119 
TRP 'L-peptide linking' y TRYPTOPHAN      ? 'C11 H12 N2 O2'  204.225 
TYR 'L-peptide linking' y TYROSINE        ? 'C9 H11 N O3'    181.189 
VAL 'L-peptide linking' y VALINE          ? 'C5 H11 N O2'    117.146 
# 
loop_
_pdbx_poly_seq_scheme.asym_id 
_pdbx_poly_seq_scheme.entity_id 
_pdbx_poly_seq_scheme.seq_id 
_pdbx_poly_seq_scheme.mon_id 
_pdbx_poly_seq_scheme.ndb_seq_num 
_pdbx_poly_seq_scheme.pdb_seq_num 
_pdbx_poly_seq_scheme.auth_seq_num 
_pdbx_poly_seq_scheme.pdb_mon_id 
_pdbx_poly_seq_scheme.auth_mon_id 
_pdbx_poly_seq_scheme.pdb_strand_id 
_pdbx_poly_seq_scheme.pdb_ins_code 
_pdbx_poly_seq_scheme.hetero 
A 1 1   SER 1   310 ?   ?   ?   A . n 
A 1 2   ASN 2   311 ?   ?   ?   A . n 
A 1 3   ARG 3   312 312 ARG ARG A . n 
A 1 4   THR 4   313 313 THR THR A . n 
A 1 5   SER 5   314 314 SER SER A . n 
A 1 6   ALA 6   315 315 ALA ALA A . n 
A 1 7   LYS 7   316 316 LYS LYS A . n 
A 1 8   SER 8   317 317 SER SER A . n 
A 1 9   ASN 9   318 318 ASN ASN A . n 
A 1 10  LEU 10  319 319 LEU LEU A . n 
A 1 11  MET 11  320 320 MET MET A . n 
A 1 12  LEU 12  321 321 LEU LEU A . n 
A 1 13  ILE 13  322 322 ILE ILE A . n 
A 1 14  LEU 14  323 323 LEU LEU A . n 
A 1 15  LEU 15  324 324 LEU LEU A . n 
A 1 16  GLY 16  325 325 GLY GLY A . n 
A 1 17  LEU 17  326 326 LEU LEU A . n 
A 1 18  GLN 18  327 327 GLN GLN A . n 
A 1 19  MET 19  328 328 MET MET A . n 
A 1 20  LYS 20  329 329 LYS LYS A . n 
A 1 21  GLU 21  330 330 GLU GLU A . n 
A 1 22  ILE 22  331 331 ILE ILE A . n 
A 1 23  SER 23  332 332 SER SER A . n 
A 1 24  ASN 24  333 333 ASN ASN A . n 
A 1 25  SER 25  334 334 SER SER A . n 
A 1 26  ASP 26  335 335 ASP ASP A . n 
A 1 27  LEU 27  336 336 LEU LEU A . n 
A 1 28  TYR 28  337 337 TYR TYR A . n 
A 1 29  LYS 29  338 338 LYS LYS A . n 
A 1 30  LEU 30  339 339 LEU LEU A . n 
A 1 31  LYS 31  340 340 LYS LYS A . n 
A 1 32  GLU 32  341 341 GLU GLU A . n 
A 1 33  VAL 33  342 342 VAL VAL A . n 
A 1 34  ARG 34  343 343 ARG ARG A . n 
A 1 35  SER 35  344 344 SER SER A . n 
A 1 36  VAL 36  345 345 VAL VAL A . n 
A 1 37  VAL 37  346 346 VAL VAL A . n 
A 1 38  THR 38  347 347 THR THR A . n 
A 1 39  SER 39  348 348 SER SER A . n 
A 1 40  LEU 40  349 349 LEU LEU A . n 
A 1 41  ALA 41  350 350 ALA ALA A . n 
A 1 42  SER 42  351 351 SER SER A . n 
A 1 43  PHE 43  352 352 PHE PHE A . n 
A 1 44  LEU 44  353 353 LEU LEU A . n 
A 1 45  PHE 45  354 354 PHE PHE A . n 
A 1 46  GLN 46  355 355 GLN GLN A . n 
A 1 47  GLN 47  356 356 GLN GLN A . n 
A 1 48  GLN 48  357 357 GLN GLN A . n 
A 1 49  ASN 49  358 358 ASN ASN A . n 
A 1 50  VAL 50  359 359 VAL VAL A . n 
A 1 51  GLY 51  360 360 GLY GLY A . n 
A 1 52  VAL 52  361 361 VAL VAL A . n 
A 1 53  MET 53  362 362 MET MET A . n 
A 1 54  LYS 54  363 363 LYS LYS A . n 
A 1 55  SER 55  364 364 SER SER A . n 
A 1 56  PHE 56  365 365 PHE PHE A . n 
A 1 57  ASP 57  366 366 ASP ASP A . n 
A 1 58  SER 58  367 367 SER SER A . n 
A 1 59  LEU 59  368 368 LEU LEU A . n 
A 1 60  GLU 60  369 369 GLU GLU A . n 
A 1 61  LYS 61  370 370 LYS LYS A . n 
A 1 62  GLU 62  371 371 GLU GLU A . n 
A 1 63  ALA 63  372 372 ALA ALA A . n 
A 1 64  PHE 64  373 373 PHE PHE A . n 
A 1 65  ARG 65  374 374 ARG ARG A . n 
A 1 66  ASP 66  375 375 ASP ASP A . n 
A 1 67  LEU 67  376 376 LEU LEU A . n 
A 1 68  VAL 68  377 377 VAL VAL A . n 
A 1 69  ASN 69  378 378 ASN ASN A . n 
A 1 70  ARG 70  379 379 ARG ARG A . n 
A 1 71  LEU 71  380 380 LEU LEU A . n 
A 1 72  VAL 72  381 381 VAL VAL A . n 
A 1 73  SER 73  382 382 SER SER A . n 
A 1 74  GLN 74  383 383 GLN GLN A . n 
A 1 75  GLY 75  384 384 GLY GLY A . n 
A 1 76  LEU 76  385 385 LEU LEU A . n 
A 1 77  ILE 77  386 386 ILE ILE A . n 
A 1 78  GLY 78  387 387 GLY GLY A . n 
A 1 79  LEU 79  388 388 LEU LEU A . n 
A 1 80  LYS 80  389 389 LYS LYS A . n 
A 1 81  ASP 81  390 390 ASP ASP A . n 
A 1 82  LYS 82  391 391 LYS LYS A . n 
A 1 83  THR 83  392 392 THR THR A . n 
A 1 84  SER 84  393 393 SER SER A . n 
A 1 85  GLU 85  394 394 GLU GLU A . n 
A 1 86  THR 86  395 395 THR THR A . n 
A 1 87  PHE 87  396 396 PHE PHE A . n 
A 1 88  ASP 88  397 397 ASP ASP A . n 
A 1 89  LEU 89  398 398 LEU LEU A . n 
A 1 90  LEU 90  399 399 LEU LEU A . n 
A 1 91  PRO 91  400 400 PRO PRO A . n 
A 1 92  LEU 92  401 401 LEU LEU A . n 
A 1 93  LYS 93  402 402 LYS LYS A . n 
A 1 94  ASN 94  403 403 ASN ASN A . n 
A 1 95  LEU 95  404 404 LEU LEU A . n 
A 1 96  PHE 96  405 405 PHE PHE A . n 
A 1 97  GLU 97  406 406 GLU GLU A . n 
A 1 98  TYR 98  407 407 TYR TYR A . n 
A 1 99  ALA 99  408 408 ALA ALA A . n 
A 1 100 GLU 100 409 409 GLU GLU A . n 
A 1 101 LYS 101 410 410 LYS LYS A . n 
A 1 102 ARG 102 411 411 ARG ARG A . n 
A 1 103 ILE 103 412 412 ILE ILE A . n 
A 1 104 SER 104 413 413 SER SER A . n 
A 1 105 VAL 105 414 414 VAL VAL A . n 
A 1 106 LEU 106 415 415 LEU LEU A . n 
A 1 107 MET 107 416 416 MET MET A . n 
A 1 108 LYS 108 417 417 LYS LYS A . n 
A 1 109 LEU 109 418 418 LEU LEU A . n 
A 1 110 GLN 110 419 419 GLN GLN A . n 
A 1 111 CYS 111 420 420 CYS CYS A . n 
A 1 112 TYR 112 421 421 TYR TYR A . n 
A 1 113 THR 113 422 422 THR THR A . n 
A 1 114 GLY 114 423 423 GLY GLY A . n 
A 1 115 THR 115 424 424 THR THR A . n 
A 1 116 VAL 116 425 425 VAL VAL A . n 
A 1 117 GLN 117 426 426 GLN GLN A . n 
A 1 118 LEU 118 427 427 LEU LEU A . n 
A 1 119 SER 119 428 428 SER SER A . n 
A 1 120 HIS 120 429 429 HIS HIS A . n 
A 1 121 VAL 121 430 430 VAL VAL A . n 
A 1 122 GLN 122 431 431 GLN GLN A . n 
A 1 123 GLU 123 432 432 GLU GLU A . n 
A 1 124 LYS 124 433 433 LYS LYS A . n 
A 1 125 LEU 125 434 434 LEU LEU A . n 
A 1 126 HIS 126 435 435 HIS HIS A . n 
A 1 127 LEU 127 436 436 LEU LEU A . n 
A 1 128 PRO 128 437 437 PRO PRO A . n 
A 1 129 TYR 129 438 438 TYR TYR A . n 
A 1 130 ILE 130 439 439 ILE ILE A . n 
A 1 131 THR 131 440 440 THR THR A . n 
A 1 132 THR 132 441 441 THR THR A . n 
A 1 133 ASN 133 442 442 ASN ASN A . n 
A 1 134 GLY 134 443 443 GLY GLY A . n 
A 1 135 ILE 135 444 444 ILE ILE A . n 
A 1 136 VAL 136 445 445 VAL VAL A . n 
A 1 137 ASP 137 446 446 ASP ASP A . n 
A 1 138 VAL 138 447 447 VAL VAL A . n 
A 1 139 PHE 139 448 448 PHE PHE A . n 
A 1 140 LYS 140 449 449 LYS LYS A . n 
A 1 141 GLU 141 450 450 GLU GLU A . n 
A 1 142 CYS 142 451 451 CYS CYS A . n 
A 1 143 LEU 143 452 452 LEU LEU A . n 
A 1 144 LYS 144 453 453 LYS LYS A . n 
A 1 145 ARG 145 454 454 ARG ARG A . n 
A 1 146 THR 146 455 455 THR THR A . n 
A 1 147 LYS 147 456 456 LYS LYS A . n 
A 1 148 LYS 148 457 457 LYS LYS A . n 
A 1 149 GLN 149 458 458 GLN GLN A . n 
A 1 150 TYR 150 459 459 TYR TYR A . n 
A 1 151 PRO 151 460 460 PRO PRO A . n 
A 1 152 GLU 152 461 461 GLU GLU A . n 
A 1 153 VAL 153 462 462 VAL VAL A . n 
A 1 154 LEU 154 463 463 LEU LEU A . n 
A 1 155 LYS 155 464 464 LYS LYS A . n 
A 1 156 ASN 156 465 465 ASN ASN A . n 
A 1 157 TRP 157 466 466 TRP TRP A . n 
A 1 158 TRP 158 467 467 TRP TRP A . n 
A 1 159 ILE 159 468 468 ILE ILE A . n 
A 1 160 ASP 160 469 469 ASP ASP A . n 
A 1 161 LEU 161 470 470 LEU LEU A . n 
A 1 162 ASP 162 471 471 ASP ASP A . n 
A 1 163 PRO 163 472 ?   ?   ?   A . n 
A 1 164 LYS 164 473 ?   ?   ?   A . n 
A 1 165 ASN 165 474 ?   ?   ?   A . n 
A 1 166 GLY 166 475 ?   ?   ?   A . n 
A 1 167 MET 167 476 ?   ?   ?   A . n 
A 1 168 GLU 168 477 ?   ?   ?   A . n 
A 1 169 ASP 169 478 ?   ?   ?   A . n 
A 1 170 GLN 170 479 ?   ?   ?   A . n 
A 1 171 ASN 171 480 480 ASN ASN A . n 
A 1 172 SER 172 481 481 SER SER A . n 
A 1 173 GLY 173 482 482 GLY GLY A . n 
A 1 174 ILE 174 483 483 ILE ILE A . n 
A 1 175 LEU 175 484 484 LEU LEU A . n 
A 1 176 LEU 176 485 485 LEU LEU A . n 
A 1 177 HIS 177 486 486 HIS HIS A . n 
A 1 178 LEU 178 487 487 LEU LEU A . n 
A 1 179 GLU 179 488 488 GLU GLU A . n 
A 1 180 TYR 180 489 489 TYR TYR A . n 
A 1 181 ALA 181 490 490 ALA ALA A . n 
A 1 182 ALA 182 491 491 ALA ALA A . n 
A 1 183 ALA 183 492 492 ALA ALA A . n 
A 1 184 TYR 184 493 493 TYR TYR A . n 
A 1 185 SER 185 494 494 SER SER A . n 
# 
loop_
_pdbx_nonpoly_scheme.asym_id 
_pdbx_nonpoly_scheme.entity_id 
_pdbx_nonpoly_scheme.mon_id 
_pdbx_nonpoly_scheme.ndb_seq_num 
_pdbx_nonpoly_scheme.pdb_seq_num 
_pdbx_nonpoly_scheme.auth_seq_num 
_pdbx_nonpoly_scheme.pdb_mon_id 
_pdbx_nonpoly_scheme.auth_mon_id 
_pdbx_nonpoly_scheme.pdb_strand_id 
_pdbx_nonpoly_scheme.pdb_ins_code 
B 2 HOH 1  495 495 HOH HOH A . 
B 2 HOH 2  496 496 HOH HOH A . 
B 2 HOH 3  497 497 HOH HOH A . 
B 2 HOH 4  498 498 HOH HOH A . 
B 2 HOH 5  499 499 HOH HOH A . 
B 2 HOH 6  500 500 HOH HOH A . 
B 2 HOH 7  501 501 HOH HOH A . 
B 2 HOH 8  502 502 HOH HOH A . 
B 2 HOH 9  503 503 HOH HOH A . 
B 2 HOH 10 504 504 HOH HOH A . 
B 2 HOH 11 505 505 HOH HOH A . 
B 2 HOH 12 506 506 HOH HOH A . 
B 2 HOH 13 507 507 HOH HOH A . 
B 2 HOH 14 508 508 HOH HOH A . 
B 2 HOH 15 511 511 HOH HOH A . 
B 2 HOH 16 512 512 HOH HOH A . 
B 2 HOH 17 513 513 HOH HOH A . 
B 2 HOH 18 514 514 HOH HOH A . 
B 2 HOH 19 517 517 HOH HOH A . 
B 2 HOH 20 518 518 HOH HOH A . 
B 2 HOH 21 519 519 HOH HOH A . 
B 2 HOH 22 520 520 HOH HOH A . 
B 2 HOH 23 523 523 HOH HOH A . 
B 2 HOH 24 524 524 HOH HOH A . 
B 2 HOH 25 525 525 HOH HOH A . 
B 2 HOH 26 526 526 HOH HOH A . 
B 2 HOH 27 527 527 HOH HOH A . 
B 2 HOH 28 528 528 HOH HOH A . 
B 2 HOH 29 529 529 HOH HOH A . 
B 2 HOH 30 530 530 HOH HOH A . 
B 2 HOH 31 531 531 HOH HOH A . 
B 2 HOH 32 532 532 HOH HOH A . 
B 2 HOH 33 533 533 HOH HOH A . 
B 2 HOH 34 534 534 HOH HOH A . 
B 2 HOH 35 537 537 HOH HOH A . 
B 2 HOH 36 538 538 HOH HOH A . 
B 2 HOH 37 539 539 HOH HOH A . 
B 2 HOH 38 540 540 HOH HOH A . 
B 2 HOH 39 541 541 HOH HOH A . 
B 2 HOH 40 542 542 HOH HOH A . 
B 2 HOH 41 543 543 HOH HOH A . 
B 2 HOH 42 544 544 HOH HOH A . 
B 2 HOH 43 545 545 HOH HOH A . 
B 2 HOH 44 546 546 HOH HOH A . 
B 2 HOH 45 547 547 HOH HOH A . 
B 2 HOH 46 548 548 HOH HOH A . 
B 2 HOH 47 549 549 HOH HOH A . 
B 2 HOH 48 550 550 HOH HOH A . 
B 2 HOH 49 551 551 HOH HOH A . 
B 2 HOH 50 552 552 HOH HOH A . 
B 2 HOH 51 553 553 HOH HOH A . 
B 2 HOH 52 554 554 HOH HOH A . 
B 2 HOH 53 555 555 HOH HOH A . 
B 2 HOH 54 556 556 HOH HOH A . 
B 2 HOH 55 557 557 HOH HOH A . 
B 2 HOH 56 558 558 HOH HOH A . 
B 2 HOH 57 559 559 HOH HOH A . 
B 2 HOH 58 560 560 HOH HOH A . 
B 2 HOH 59 561 561 HOH HOH A . 
B 2 HOH 60 562 562 HOH HOH A . 
B 2 HOH 61 563 563 HOH HOH A . 
B 2 HOH 62 564 564 HOH HOH A . 
B 2 HOH 63 565 565 HOH HOH A . 
B 2 HOH 64 566 566 HOH HOH A . 
B 2 HOH 65 567 567 HOH HOH A . 
B 2 HOH 66 568 568 HOH HOH A . 
B 2 HOH 67 569 569 HOH HOH A . 
B 2 HOH 68 570 570 HOH HOH A . 
B 2 HOH 69 571 571 HOH HOH A . 
B 2 HOH 70 572 572 HOH HOH A . 
B 2 HOH 71 573 573 HOH HOH A . 
B 2 HOH 72 574 574 HOH HOH A . 
B 2 HOH 73 575 575 HOH HOH A . 
# 
loop_
_software.name 
_software.classification 
_software.version 
_software.citation_id 
_software.pdbx_ordinal 
MAR345   'data collection' CCD ? 1 
SHARP    phasing           .   ? 2 
CNS      refinement        1.1 ? 3 
HKL-2000 'data reduction'  .   ? 4 
HKL-2000 'data scaling'    .   ? 5 
# 
_cell.entry_id           3KEY 
_cell.length_a           52.957 
_cell.length_b           52.957 
_cell.length_c           186.397 
_cell.angle_alpha        90.00 
_cell.angle_beta         90.00 
_cell.angle_gamma        90.00 
_cell.Z_PDB              8 
_cell.pdbx_unique_axis   ? 
_cell.length_a_esd       ? 
_cell.length_b_esd       ? 
_cell.length_c_esd       ? 
_cell.angle_alpha_esd    ? 
_cell.angle_beta_esd     ? 
_cell.angle_gamma_esd    ? 
# 
_symmetry.entry_id                         3KEY 
_symmetry.space_group_name_H-M             'P 43 21 2' 
_symmetry.pdbx_full_space_group_name_H-M   ? 
_symmetry.cell_setting                     ? 
_symmetry.Int_Tables_number                96 
_symmetry.space_group_name_Hall            ? 
# 
_exptl.entry_id          3KEY 
_exptl.method            'X-RAY DIFFRACTION' 
_exptl.crystals_number   1 
# 
_exptl_crystal.id                    1 
_exptl_crystal.density_meas          ? 
_exptl_crystal.density_Matthews      3.08 
_exptl_crystal.density_percent_sol   60.02 
_exptl_crystal.description           ? 
_exptl_crystal.F_000                 ? 
_exptl_crystal.preparation           ? 
# 
_exptl_crystal_grow.crystal_id      1 
_exptl_crystal_grow.method          'VAPOR DIFFUSION, SITTING DROP' 
_exptl_crystal_grow.temp            277 
_exptl_crystal_grow.temp_details    ? 
_exptl_crystal_grow.pH              7.0 
_exptl_crystal_grow.pdbx_details    '10% PEG 6000, 2 M NaCl, 0.1 M HEPES pH 7.0, VAPOR DIFFUSION, SITTING DROP, temperature 277K' 
_exptl_crystal_grow.pdbx_pH_range   ? 
# 
_diffrn.id                     1 
_diffrn.ambient_temp           100 
_diffrn.ambient_temp_details   ? 
_diffrn.crystal_id             1 
# 
_diffrn_detector.diffrn_id              1 
_diffrn_detector.detector               CCD 
_diffrn_detector.type                   'MARMOSAIC 225 mm CCD' 
_diffrn_detector.pdbx_collection_date   2008-10-03 
_diffrn_detector.details                ? 
# 
_diffrn_radiation.diffrn_id                        1 
_diffrn_radiation.wavelength_id                    1 
_diffrn_radiation.pdbx_monochromatic_or_laue_m_l   M 
_diffrn_radiation.monochromator                    ? 
_diffrn_radiation.pdbx_diffrn_protocol             'SINGLE WAVELENGTH' 
_diffrn_radiation.pdbx_scattering_type             x-ray 
# 
_diffrn_radiation_wavelength.id           1 
_diffrn_radiation_wavelength.wavelength   1.0000 
_diffrn_radiation_wavelength.wt           1.0 
# 
_diffrn_source.diffrn_id                   1 
_diffrn_source.source                      SYNCHROTRON 
_diffrn_source.type                        'APS BEAMLINE 21-ID-D' 
_diffrn_source.pdbx_synchrotron_site       APS 
_diffrn_source.pdbx_synchrotron_beamline   21-ID-D 
_diffrn_source.pdbx_wavelength             ? 
_diffrn_source.pdbx_wavelength_list        1.0000 
# 
_reflns.entry_id                     3KEY 
_reflns.observed_criterion_sigma_I   ? 
_reflns.observed_criterion_sigma_F   ? 
_reflns.d_resolution_low             50.0 
_reflns.d_resolution_high            2.10 
_reflns.number_obs                   16057 
_reflns.number_all                   16368 
_reflns.percent_possible_obs         98.8 
_reflns.pdbx_Rmerge_I_obs            0.061 
_reflns.pdbx_Rsym_value              ? 
_reflns.pdbx_netI_over_sigmaI        35.3 
_reflns.B_iso_Wilson_estimate        ? 
_reflns.pdbx_redundancy              9.2 
_reflns.R_free_details               ? 
_reflns.limit_h_max                  ? 
_reflns.limit_h_min                  ? 
_reflns.limit_k_max                  ? 
_reflns.limit_k_min                  ? 
_reflns.limit_l_max                  ? 
_reflns.limit_l_min                  ? 
_reflns.observed_criterion_F_max     ? 
_reflns.observed_criterion_F_min     ? 
_reflns.pdbx_chi_squared             ? 
_reflns.pdbx_scaling_rejects         ? 
_reflns.pdbx_diffrn_id               1 
_reflns.pdbx_ordinal                 1 
# 
_refine.entry_id                                 3KEY 
_refine.ls_number_reflns_obs                     15826 
_refine.ls_number_reflns_all                     16057 
_refine.pdbx_ls_sigma_I                          ? 
_refine.pdbx_ls_sigma_F                          ? 
_refine.pdbx_data_cutoff_high_absF               ? 
_refine.pdbx_data_cutoff_low_absF                ? 
_refine.pdbx_data_cutoff_high_rms_absF           ? 
_refine.ls_d_res_low                             50.0 
_refine.ls_d_res_high                            2.10 
_refine.ls_percent_reflns_obs                    ? 
_refine.ls_R_factor_obs                          0.2378 
_refine.ls_R_factor_all                          ? 
_refine.ls_R_factor_R_work                       0.2378 
_refine.ls_R_factor_R_free                       0.2472 
_refine.ls_R_factor_R_free_error                 ? 
_refine.ls_R_factor_R_free_error_details         ? 
_refine.ls_percent_reflns_R_free                 ? 
_refine.ls_number_reflns_R_free                  768 
_refine.ls_number_parameters                     ? 
_refine.ls_number_restraints                     ? 
_refine.occupancy_min                            ? 
_refine.occupancy_max                            ? 
_refine.correlation_coeff_Fo_to_Fc               ? 
_refine.correlation_coeff_Fo_to_Fc_free          ? 
_refine.B_iso_mean                               ? 
_refine.aniso_B[1][1]                            ? 
_refine.aniso_B[2][2]                            ? 
_refine.aniso_B[3][3]                            ? 
_refine.aniso_B[1][2]                            ? 
_refine.aniso_B[1][3]                            ? 
_refine.aniso_B[2][3]                            ? 
_refine.solvent_model_details                    ? 
_refine.solvent_model_param_ksol                 ? 
_refine.solvent_model_param_bsol                 ? 
_refine.pdbx_solvent_vdw_probe_radii             ? 
_refine.pdbx_solvent_ion_probe_radii             ? 
_refine.pdbx_solvent_shrinkage_radii             ? 
_refine.pdbx_ls_cross_valid_method               ? 
_refine.details                                  ? 
_refine.pdbx_starting_model                      ? 
_refine.pdbx_method_to_determine_struct          SAD 
_refine.pdbx_isotropic_thermal_model             ? 
_refine.pdbx_stereochemistry_target_values       ? 
_refine.pdbx_stereochem_target_val_spec_case     ? 
_refine.pdbx_R_Free_selection_details            ? 
_refine.pdbx_overall_ESU_R                       ? 
_refine.pdbx_overall_ESU_R_Free                  ? 
_refine.overall_SU_ML                            ? 
_refine.overall_SU_B                             ? 
_refine.ls_redundancy_reflns_obs                 ? 
_refine.B_iso_min                                ? 
_refine.B_iso_max                                ? 
_refine.overall_SU_R_Cruickshank_DPI             ? 
_refine.overall_SU_R_free                        ? 
_refine.ls_wR_factor_R_free                      ? 
_refine.ls_wR_factor_R_work                      ? 
_refine.overall_FOM_free_R_set                   ? 
_refine.overall_FOM_work_R_set                   ? 
_refine.pdbx_overall_phase_error                 ? 
_refine.pdbx_refine_id                           'X-RAY DIFFRACTION' 
_refine.pdbx_diffrn_id                           1 
_refine.pdbx_TLS_residual_ADP_flag               ? 
_refine.pdbx_overall_SU_R_free_Cruickshank_DPI   ? 
_refine.pdbx_overall_SU_R_Blow_DPI               ? 
_refine.pdbx_overall_SU_R_free_Blow_DPI          ? 
# 
_refine_hist.pdbx_refine_id                   'X-RAY DIFFRACTION' 
_refine_hist.cycle_id                         LAST 
_refine_hist.pdbx_number_atoms_protein        1414 
_refine_hist.pdbx_number_atoms_nucleic_acid   0 
_refine_hist.pdbx_number_atoms_ligand         0 
_refine_hist.number_atoms_solvent             73 
_refine_hist.number_atoms_total               1487 
_refine_hist.d_res_high                       2.10 
_refine_hist.d_res_low                        50.0 
# 
_struct.entry_id                  3KEY 
_struct.title                     'Crystal structure of S. cerevisiae Stn1 C-terminal' 
_struct.pdbx_model_details        ? 
_struct.pdbx_CASP_flag            ? 
_struct.pdbx_model_type_details   ? 
# 
_struct_keywords.entry_id        3KEY 
_struct_keywords.pdbx_keywords   'STRUCTURAL PROTEIN' 
_struct_keywords.text            'butterfly wing-shaped, helix, Chromosomal protein, Phosphoprotein, Telomere, STRUCTURAL PROTEIN' 
# 
loop_
_struct_asym.id 
_struct_asym.pdbx_blank_PDB_chainid_flag 
_struct_asym.pdbx_modified 
_struct_asym.entity_id 
_struct_asym.details 
A N N 1 ? 
B N N 2 ? 
# 
_struct_ref.id                         1 
_struct_ref.db_name                    UNP 
_struct_ref.db_code                    STN1_YEAST 
_struct_ref.pdbx_db_accession          P38960 
_struct_ref.entity_id                  1 
_struct_ref.pdbx_seq_one_letter_code   
;NRTSAKSNLMLILLGLQMKEISNSDLYKLKEVRSVVTSLASFLFQQQNVGVMKSFDSLEKEAFRDLVNRLVSQGLIGLKD
KTSETFDLLPLKNLFEYAEKRISVLMKLQCYTGTVQLSHVQEKLHLPYITTNGIVDVFKECLKRTKKQYPEVLKNWWIDL
DPKNGMEDQNSGILLHLEYAAAYS
;
_struct_ref.pdbx_align_begin           311 
_struct_ref.pdbx_db_isoform            ? 
# 
_struct_ref_seq.align_id                      1 
_struct_ref_seq.ref_id                        1 
_struct_ref_seq.pdbx_PDB_id_code              3KEY 
_struct_ref_seq.pdbx_strand_id                A 
_struct_ref_seq.seq_align_beg                 2 
_struct_ref_seq.pdbx_seq_align_beg_ins_code   ? 
_struct_ref_seq.seq_align_end                 185 
_struct_ref_seq.pdbx_seq_align_end_ins_code   ? 
_struct_ref_seq.pdbx_db_accession             P38960 
_struct_ref_seq.db_align_beg                  311 
_struct_ref_seq.pdbx_db_align_beg_ins_code    ? 
_struct_ref_seq.db_align_end                  494 
_struct_ref_seq.pdbx_db_align_end_ins_code    ? 
_struct_ref_seq.pdbx_auth_seq_align_beg       311 
_struct_ref_seq.pdbx_auth_seq_align_end       494 
# 
_struct_ref_seq_dif.align_id                     1 
_struct_ref_seq_dif.pdbx_pdb_id_code             3KEY 
_struct_ref_seq_dif.mon_id                       SER 
_struct_ref_seq_dif.pdbx_pdb_strand_id           A 
_struct_ref_seq_dif.seq_num                      1 
_struct_ref_seq_dif.pdbx_pdb_ins_code            ? 
_struct_ref_seq_dif.pdbx_seq_db_name             UNP 
_struct_ref_seq_dif.pdbx_seq_db_accession_code   P38960 
_struct_ref_seq_dif.db_mon_id                    ? 
_struct_ref_seq_dif.pdbx_seq_db_seq_num          ? 
_struct_ref_seq_dif.details                      'expression tag' 
_struct_ref_seq_dif.pdbx_auth_seq_num            310 
_struct_ref_seq_dif.pdbx_ordinal                 1 
# 
_pdbx_struct_assembly.id                   1 
_pdbx_struct_assembly.details              author_and_software_defined_assembly 
_pdbx_struct_assembly.method_details       PISA 
_pdbx_struct_assembly.oligomeric_details   monomeric 
_pdbx_struct_assembly.oligomeric_count     1 
# 
_pdbx_struct_assembly_gen.assembly_id       1 
_pdbx_struct_assembly_gen.oper_expression   1 
_pdbx_struct_assembly_gen.asym_id_list      A,B 
# 
_pdbx_struct_oper_list.id                   1 
_pdbx_struct_oper_list.type                 'identity operation' 
_pdbx_struct_oper_list.name                 1_555 
_pdbx_struct_oper_list.symmetry_operation   x,y,z 
_pdbx_struct_oper_list.matrix[1][1]         1.0000000000 
_pdbx_struct_oper_list.matrix[1][2]         0.0000000000 
_pdbx_struct_oper_list.matrix[1][3]         0.0000000000 
_pdbx_struct_oper_list.vector[1]            0.0000000000 
_pdbx_struct_oper_list.matrix[2][1]         0.0000000000 
_pdbx_struct_oper_list.matrix[2][2]         1.0000000000 
_pdbx_struct_oper_list.matrix[2][3]         0.0000000000 
_pdbx_struct_oper_list.vector[2]            0.0000000000 
_pdbx_struct_oper_list.matrix[3][1]         0.0000000000 
_pdbx_struct_oper_list.matrix[3][2]         0.0000000000 
_pdbx_struct_oper_list.matrix[3][3]         1.0000000000 
_pdbx_struct_oper_list.vector[3]            0.0000000000 
# 
_struct_biol.id        1 
_struct_biol.details   ? 
# 
loop_
_struct_conf.conf_type_id 
_struct_conf.id 
_struct_conf.pdbx_PDB_helix_id 
_struct_conf.beg_label_comp_id 
_struct_conf.beg_label_asym_id 
_struct_conf.beg_label_seq_id 
_struct_conf.pdbx_beg_PDB_ins_code 
_struct_conf.end_label_comp_id 
_struct_conf.end_label_asym_id 
_struct_conf.end_label_seq_id 
_struct_conf.pdbx_end_PDB_ins_code 
_struct_conf.beg_auth_comp_id 
_struct_conf.beg_auth_asym_id 
_struct_conf.beg_auth_seq_id 
_struct_conf.end_auth_comp_id 
_struct_conf.end_auth_asym_id 
_struct_conf.end_auth_seq_id 
_struct_conf.pdbx_PDB_helix_class 
_struct_conf.details 
_struct_conf.pdbx_PDB_helix_length 
HELX_P HELX_P1 1 SER A 5   ? LEU A 17  ? SER A 314 LEU A 326 1 ? 13 
HELX_P HELX_P2 2 ASN A 24  ? LYS A 29  ? ASN A 333 LYS A 338 1 ? 6  
HELX_P HELX_P3 3 LEU A 30  ? GLN A 48  ? LEU A 339 GLN A 357 1 ? 19 
HELX_P HELX_P4 4 SER A 55  ? GLN A 74  ? SER A 364 GLN A 383 1 ? 20 
HELX_P HELX_P5 5 LEU A 89  ? LEU A 109 ? LEU A 398 LEU A 418 1 ? 21 
HELX_P HELX_P6 6 LEU A 118 ? HIS A 126 ? LEU A 427 HIS A 435 1 ? 9  
HELX_P HELX_P7 7 THR A 131 ? TYR A 150 ? THR A 440 TYR A 459 1 ? 20 
# 
_struct_conf_type.id          HELX_P 
_struct_conf_type.criteria    ? 
_struct_conf_type.reference   ? 
# 
_struct_conn.id                            disulf1 
_struct_conn.conn_type_id                  disulf 
_struct_conn.pdbx_leaving_atom_flag        ? 
_struct_conn.pdbx_PDB_id                   ? 
_struct_conn.ptnr1_label_asym_id           A 
_struct_conn.ptnr1_label_comp_id           CYS 
_struct_conn.ptnr1_label_seq_id            111 
_struct_conn.ptnr1_label_atom_id           SG 
_struct_conn.pdbx_ptnr1_label_alt_id       ? 
_struct_conn.pdbx_ptnr1_PDB_ins_code       ? 
_struct_conn.pdbx_ptnr1_standard_comp_id   ? 
_struct_conn.ptnr1_symmetry                1_555 
_struct_conn.ptnr2_label_asym_id           A 
_struct_conn.ptnr2_label_comp_id           CYS 
_struct_conn.ptnr2_label_seq_id            111 
_struct_conn.ptnr2_label_atom_id           SG 
_struct_conn.pdbx_ptnr2_label_alt_id       ? 
_struct_conn.pdbx_ptnr2_PDB_ins_code       ? 
_struct_conn.ptnr1_auth_asym_id            A 
_struct_conn.ptnr1_auth_comp_id            CYS 
_struct_conn.ptnr1_auth_seq_id             420 
_struct_conn.ptnr2_auth_asym_id            A 
_struct_conn.ptnr2_auth_comp_id            CYS 
_struct_conn.ptnr2_auth_seq_id             420 
_struct_conn.ptnr2_symmetry                7_556 
_struct_conn.pdbx_ptnr3_label_atom_id      ? 
_struct_conn.pdbx_ptnr3_label_seq_id       ? 
_struct_conn.pdbx_ptnr3_label_comp_id      ? 
_struct_conn.pdbx_ptnr3_label_asym_id      ? 
_struct_conn.pdbx_ptnr3_label_alt_id       ? 
_struct_conn.pdbx_ptnr3_PDB_ins_code       ? 
_struct_conn.details                       ? 
_struct_conn.pdbx_dist_value               2.435 
_struct_conn.pdbx_value_order              ? 
_struct_conn.pdbx_role                     ? 
# 
_struct_conn_type.id          disulf 
_struct_conn_type.criteria    ? 
_struct_conn_type.reference   ? 
# 
_pdbx_modification_feature.ordinal                            1 
_pdbx_modification_feature.label_comp_id                      CYS 
_pdbx_modification_feature.label_asym_id                      A 
_pdbx_modification_feature.label_seq_id                       111 
_pdbx_modification_feature.label_alt_id                       ? 
_pdbx_modification_feature.modified_residue_label_comp_id     CYS 
_pdbx_modification_feature.modified_residue_label_asym_id     A 
_pdbx_modification_feature.modified_residue_label_seq_id      111 
_pdbx_modification_feature.modified_residue_label_alt_id      ? 
_pdbx_modification_feature.auth_comp_id                       CYS 
_pdbx_modification_feature.auth_asym_id                       A 
_pdbx_modification_feature.auth_seq_id                        420 
_pdbx_modification_feature.PDB_ins_code                       ? 
_pdbx_modification_feature.symmetry                           1_555 
_pdbx_modification_feature.modified_residue_auth_comp_id      CYS 
_pdbx_modification_feature.modified_residue_auth_asym_id      A 
_pdbx_modification_feature.modified_residue_auth_seq_id       420 
_pdbx_modification_feature.modified_residue_PDB_ins_code      ? 
_pdbx_modification_feature.modified_residue_symmetry          7_556 
_pdbx_modification_feature.comp_id_linking_atom               SG 
_pdbx_modification_feature.modified_residue_id_linking_atom   SG 
_pdbx_modification_feature.modified_residue_id                . 
_pdbx_modification_feature.ref_pcm_id                         . 
_pdbx_modification_feature.ref_comp_id                        . 
_pdbx_modification_feature.type                               None 
_pdbx_modification_feature.category                           'Disulfide bridge' 
# 
loop_
_struct_sheet.id 
_struct_sheet.type 
_struct_sheet.number_strands 
_struct_sheet.details 
A ? 3 ? 
B ? 3 ? 
# 
loop_
_struct_sheet_order.sheet_id 
_struct_sheet_order.range_id_1 
_struct_sheet_order.range_id_2 
_struct_sheet_order.offset 
_struct_sheet_order.sense 
A 1 2 ? anti-parallel 
A 2 3 ? anti-parallel 
B 1 2 ? anti-parallel 
B 2 3 ? anti-parallel 
# 
loop_
_struct_sheet_range.sheet_id 
_struct_sheet_range.id 
_struct_sheet_range.beg_label_comp_id 
_struct_sheet_range.beg_label_asym_id 
_struct_sheet_range.beg_label_seq_id 
_struct_sheet_range.pdbx_beg_PDB_ins_code 
_struct_sheet_range.end_label_comp_id 
_struct_sheet_range.end_label_asym_id 
_struct_sheet_range.end_label_seq_id 
_struct_sheet_range.pdbx_end_PDB_ins_code 
_struct_sheet_range.beg_auth_comp_id 
_struct_sheet_range.beg_auth_asym_id 
_struct_sheet_range.beg_auth_seq_id 
_struct_sheet_range.end_auth_comp_id 
_struct_sheet_range.end_auth_asym_id 
_struct_sheet_range.end_auth_seq_id 
A 1 GLU A 21  ? SER A 23  ? GLU A 330 SER A 332 
A 2 THR A 86  ? ASP A 88  ? THR A 395 ASP A 397 
A 3 GLY A 78  ? ASP A 81  ? GLY A 387 ASP A 390 
B 1 THR A 113 ? GLN A 117 ? THR A 422 GLN A 426 
B 2 GLY A 173 ? TYR A 180 ? GLY A 482 TYR A 489 
B 3 LEU A 154 ? LEU A 161 ? LEU A 463 LEU A 470 
# 
loop_
_pdbx_struct_sheet_hbond.sheet_id 
_pdbx_struct_sheet_hbond.range_id_1 
_pdbx_struct_sheet_hbond.range_id_2 
_pdbx_struct_sheet_hbond.range_1_label_atom_id 
_pdbx_struct_sheet_hbond.range_1_label_comp_id 
_pdbx_struct_sheet_hbond.range_1_label_asym_id 
_pdbx_struct_sheet_hbond.range_1_label_seq_id 
_pdbx_struct_sheet_hbond.range_1_PDB_ins_code 
_pdbx_struct_sheet_hbond.range_1_auth_atom_id 
_pdbx_struct_sheet_hbond.range_1_auth_comp_id 
_pdbx_struct_sheet_hbond.range_1_auth_asym_id 
_pdbx_struct_sheet_hbond.range_1_auth_seq_id 
_pdbx_struct_sheet_hbond.range_2_label_atom_id 
_pdbx_struct_sheet_hbond.range_2_label_comp_id 
_pdbx_struct_sheet_hbond.range_2_label_asym_id 
_pdbx_struct_sheet_hbond.range_2_label_seq_id 
_pdbx_struct_sheet_hbond.range_2_PDB_ins_code 
_pdbx_struct_sheet_hbond.range_2_auth_atom_id 
_pdbx_struct_sheet_hbond.range_2_auth_comp_id 
_pdbx_struct_sheet_hbond.range_2_auth_asym_id 
_pdbx_struct_sheet_hbond.range_2_auth_seq_id 
A 1 2 N ILE A 22  ? N ILE A 331 O PHE A 87  ? O PHE A 396 
A 2 3 O ASP A 88  ? O ASP A 397 N GLY A 78  ? N GLY A 387 
B 1 2 N GLY A 114 ? N GLY A 423 O LEU A 176 ? O LEU A 485 
B 2 3 O HIS A 177 ? O HIS A 486 N TRP A 158 ? N TRP A 467 
# 
_pdbx_entry_details.entry_id                   3KEY 
_pdbx_entry_details.compound_details           ? 
_pdbx_entry_details.source_details             ? 
_pdbx_entry_details.nonpolymer_details         ? 
_pdbx_entry_details.sequence_details           ? 
_pdbx_entry_details.has_ligand_of_interest     ? 
_pdbx_entry_details.has_protein_modification   Y 
# 
loop_
_pdbx_unobs_or_zero_occ_residues.id 
_pdbx_unobs_or_zero_occ_residues.PDB_model_num 
_pdbx_unobs_or_zero_occ_residues.polymer_flag 
_pdbx_unobs_or_zero_occ_residues.occupancy_flag 
_pdbx_unobs_or_zero_occ_residues.auth_asym_id 
_pdbx_unobs_or_zero_occ_residues.auth_comp_id 
_pdbx_unobs_or_zero_occ_residues.auth_seq_id 
_pdbx_unobs_or_zero_occ_residues.PDB_ins_code 
_pdbx_unobs_or_zero_occ_residues.label_asym_id 
_pdbx_unobs_or_zero_occ_residues.label_comp_id 
_pdbx_unobs_or_zero_occ_residues.label_seq_id 
1  1 Y 1 A SER 310 ? A SER 1   
2  1 Y 1 A ASN 311 ? A ASN 2   
3  1 Y 1 A PRO 472 ? A PRO 163 
4  1 Y 1 A LYS 473 ? A LYS 164 
5  1 Y 1 A ASN 474 ? A ASN 165 
6  1 Y 1 A GLY 475 ? A GLY 166 
7  1 Y 1 A MET 476 ? A MET 167 
8  1 Y 1 A GLU 477 ? A GLU 168 
9  1 Y 1 A ASP 478 ? A ASP 169 
10 1 Y 1 A GLN 479 ? A GLN 170 
# 
loop_
_chem_comp_atom.comp_id 
_chem_comp_atom.atom_id 
_chem_comp_atom.type_symbol 
_chem_comp_atom.pdbx_aromatic_flag 
_chem_comp_atom.pdbx_stereo_config 
_chem_comp_atom.pdbx_ordinal 
ALA N    N N N 1   
ALA CA   C N S 2   
ALA C    C N N 3   
ALA O    O N N 4   
ALA CB   C N N 5   
ALA OXT  O N N 6   
ALA H    H N N 7   
ALA H2   H N N 8   
ALA HA   H N N 9   
ALA HB1  H N N 10  
ALA HB2  H N N 11  
ALA HB3  H N N 12  
ALA HXT  H N N 13  
ARG N    N N N 14  
ARG CA   C N S 15  
ARG C    C N N 16  
ARG O    O N N 17  
ARG CB   C N N 18  
ARG CG   C N N 19  
ARG CD   C N N 20  
ARG NE   N N N 21  
ARG CZ   C N N 22  
ARG NH1  N N N 23  
ARG NH2  N N N 24  
ARG OXT  O N N 25  
ARG H    H N N 26  
ARG H2   H N N 27  
ARG HA   H N N 28  
ARG HB2  H N N 29  
ARG HB3  H N N 30  
ARG HG2  H N N 31  
ARG HG3  H N N 32  
ARG HD2  H N N 33  
ARG HD3  H N N 34  
ARG HE   H N N 35  
ARG HH11 H N N 36  
ARG HH12 H N N 37  
ARG HH21 H N N 38  
ARG HH22 H N N 39  
ARG HXT  H N N 40  
ASN N    N N N 41  
ASN CA   C N S 42  
ASN C    C N N 43  
ASN O    O N N 44  
ASN CB   C N N 45  
ASN CG   C N N 46  
ASN OD1  O N N 47  
ASN ND2  N N N 48  
ASN OXT  O N N 49  
ASN H    H N N 50  
ASN H2   H N N 51  
ASN HA   H N N 52  
ASN HB2  H N N 53  
ASN HB3  H N N 54  
ASN HD21 H N N 55  
ASN HD22 H N N 56  
ASN HXT  H N N 57  
ASP N    N N N 58  
ASP CA   C N S 59  
ASP C    C N N 60  
ASP O    O N N 61  
ASP CB   C N N 62  
ASP CG   C N N 63  
ASP OD1  O N N 64  
ASP OD2  O N N 65  
ASP OXT  O N N 66  
ASP H    H N N 67  
ASP H2   H N N 68  
ASP HA   H N N 69  
ASP HB2  H N N 70  
ASP HB3  H N N 71  
ASP HD2  H N N 72  
ASP HXT  H N N 73  
CYS N    N N N 74  
CYS CA   C N R 75  
CYS C    C N N 76  
CYS O    O N N 77  
CYS CB   C N N 78  
CYS SG   S N N 79  
CYS OXT  O N N 80  
CYS H    H N N 81  
CYS H2   H N N 82  
CYS HA   H N N 83  
CYS HB2  H N N 84  
CYS HB3  H N N 85  
CYS HG   H N N 86  
CYS HXT  H N N 87  
GLN N    N N N 88  
GLN CA   C N S 89  
GLN C    C N N 90  
GLN O    O N N 91  
GLN CB   C N N 92  
GLN CG   C N N 93  
GLN CD   C N N 94  
GLN OE1  O N N 95  
GLN NE2  N N N 96  
GLN OXT  O N N 97  
GLN H    H N N 98  
GLN H2   H N N 99  
GLN HA   H N N 100 
GLN HB2  H N N 101 
GLN HB3  H N N 102 
GLN HG2  H N N 103 
GLN HG3  H N N 104 
GLN HE21 H N N 105 
GLN HE22 H N N 106 
GLN HXT  H N N 107 
GLU N    N N N 108 
GLU CA   C N S 109 
GLU C    C N N 110 
GLU O    O N N 111 
GLU CB   C N N 112 
GLU CG   C N N 113 
GLU CD   C N N 114 
GLU OE1  O N N 115 
GLU OE2  O N N 116 
GLU OXT  O N N 117 
GLU H    H N N 118 
GLU H2   H N N 119 
GLU HA   H N N 120 
GLU HB2  H N N 121 
GLU HB3  H N N 122 
GLU HG2  H N N 123 
GLU HG3  H N N 124 
GLU HE2  H N N 125 
GLU HXT  H N N 126 
GLY N    N N N 127 
GLY CA   C N N 128 
GLY C    C N N 129 
GLY O    O N N 130 
GLY OXT  O N N 131 
GLY H    H N N 132 
GLY H2   H N N 133 
GLY HA2  H N N 134 
GLY HA3  H N N 135 
GLY HXT  H N N 136 
HIS N    N N N 137 
HIS CA   C N S 138 
HIS C    C N N 139 
HIS O    O N N 140 
HIS CB   C N N 141 
HIS CG   C Y N 142 
HIS ND1  N Y N 143 
HIS CD2  C Y N 144 
HIS CE1  C Y N 145 
HIS NE2  N Y N 146 
HIS OXT  O N N 147 
HIS H    H N N 148 
HIS H2   H N N 149 
HIS HA   H N N 150 
HIS HB2  H N N 151 
HIS HB3  H N N 152 
HIS HD1  H N N 153 
HIS HD2  H N N 154 
HIS HE1  H N N 155 
HIS HE2  H N N 156 
HIS HXT  H N N 157 
HOH O    O N N 158 
HOH H1   H N N 159 
HOH H2   H N N 160 
ILE N    N N N 161 
ILE CA   C N S 162 
ILE C    C N N 163 
ILE O    O N N 164 
ILE CB   C N S 165 
ILE CG1  C N N 166 
ILE CG2  C N N 167 
ILE CD1  C N N 168 
ILE OXT  O N N 169 
ILE H    H N N 170 
ILE H2   H N N 171 
ILE HA   H N N 172 
ILE HB   H N N 173 
ILE HG12 H N N 174 
ILE HG13 H N N 175 
ILE HG21 H N N 176 
ILE HG22 H N N 177 
ILE HG23 H N N 178 
ILE HD11 H N N 179 
ILE HD12 H N N 180 
ILE HD13 H N N 181 
ILE HXT  H N N 182 
LEU N    N N N 183 
LEU CA   C N S 184 
LEU C    C N N 185 
LEU O    O N N 186 
LEU CB   C N N 187 
LEU CG   C N N 188 
LEU CD1  C N N 189 
LEU CD2  C N N 190 
LEU OXT  O N N 191 
LEU H    H N N 192 
LEU H2   H N N 193 
LEU HA   H N N 194 
LEU HB2  H N N 195 
LEU HB3  H N N 196 
LEU HG   H N N 197 
LEU HD11 H N N 198 
LEU HD12 H N N 199 
LEU HD13 H N N 200 
LEU HD21 H N N 201 
LEU HD22 H N N 202 
LEU HD23 H N N 203 
LEU HXT  H N N 204 
LYS N    N N N 205 
LYS CA   C N S 206 
LYS C    C N N 207 
LYS O    O N N 208 
LYS CB   C N N 209 
LYS CG   C N N 210 
LYS CD   C N N 211 
LYS CE   C N N 212 
LYS NZ   N N N 213 
LYS OXT  O N N 214 
LYS H    H N N 215 
LYS H2   H N N 216 
LYS HA   H N N 217 
LYS HB2  H N N 218 
LYS HB3  H N N 219 
LYS HG2  H N N 220 
LYS HG3  H N N 221 
LYS HD2  H N N 222 
LYS HD3  H N N 223 
LYS HE2  H N N 224 
LYS HE3  H N N 225 
LYS HZ1  H N N 226 
LYS HZ2  H N N 227 
LYS HZ3  H N N 228 
LYS HXT  H N N 229 
MET N    N N N 230 
MET CA   C N S 231 
MET C    C N N 232 
MET O    O N N 233 
MET CB   C N N 234 
MET CG   C N N 235 
MET SD   S N N 236 
MET CE   C N N 237 
MET OXT  O N N 238 
MET H    H N N 239 
MET H2   H N N 240 
MET HA   H N N 241 
MET HB2  H N N 242 
MET HB3  H N N 243 
MET HG2  H N N 244 
MET HG3  H N N 245 
MET HE1  H N N 246 
MET HE2  H N N 247 
MET HE3  H N N 248 
MET HXT  H N N 249 
PHE N    N N N 250 
PHE CA   C N S 251 
PHE C    C N N 252 
PHE O    O N N 253 
PHE CB   C N N 254 
PHE CG   C Y N 255 
PHE CD1  C Y N 256 
PHE CD2  C Y N 257 
PHE CE1  C Y N 258 
PHE CE2  C Y N 259 
PHE CZ   C Y N 260 
PHE OXT  O N N 261 
PHE H    H N N 262 
PHE H2   H N N 263 
PHE HA   H N N 264 
PHE HB2  H N N 265 
PHE HB3  H N N 266 
PHE HD1  H N N 267 
PHE HD2  H N N 268 
PHE HE1  H N N 269 
PHE HE2  H N N 270 
PHE HZ   H N N 271 
PHE HXT  H N N 272 
PRO N    N N N 273 
PRO CA   C N S 274 
PRO C    C N N 275 
PRO O    O N N 276 
PRO CB   C N N 277 
PRO CG   C N N 278 
PRO CD   C N N 279 
PRO OXT  O N N 280 
PRO H    H N N 281 
PRO HA   H N N 282 
PRO HB2  H N N 283 
PRO HB3  H N N 284 
PRO HG2  H N N 285 
PRO HG3  H N N 286 
PRO HD2  H N N 287 
PRO HD3  H N N 288 
PRO HXT  H N N 289 
SER N    N N N 290 
SER CA   C N S 291 
SER C    C N N 292 
SER O    O N N 293 
SER CB   C N N 294 
SER OG   O N N 295 
SER OXT  O N N 296 
SER H    H N N 297 
SER H2   H N N 298 
SER HA   H N N 299 
SER HB2  H N N 300 
SER HB3  H N N 301 
SER HG   H N N 302 
SER HXT  H N N 303 
THR N    N N N 304 
THR CA   C N S 305 
THR C    C N N 306 
THR O    O N N 307 
THR CB   C N R 308 
THR OG1  O N N 309 
THR CG2  C N N 310 
THR OXT  O N N 311 
THR H    H N N 312 
THR H2   H N N 313 
THR HA   H N N 314 
THR HB   H N N 315 
THR HG1  H N N 316 
THR HG21 H N N 317 
THR HG22 H N N 318 
THR HG23 H N N 319 
THR HXT  H N N 320 
TRP N    N N N 321 
TRP CA   C N S 322 
TRP C    C N N 323 
TRP O    O N N 324 
TRP CB   C N N 325 
TRP CG   C Y N 326 
TRP CD1  C Y N 327 
TRP CD2  C Y N 328 
TRP NE1  N Y N 329 
TRP CE2  C Y N 330 
TRP CE3  C Y N 331 
TRP CZ2  C Y N 332 
TRP CZ3  C Y N 333 
TRP CH2  C Y N 334 
TRP OXT  O N N 335 
TRP H    H N N 336 
TRP H2   H N N 337 
TRP HA   H N N 338 
TRP HB2  H N N 339 
TRP HB3  H N N 340 
TRP HD1  H N N 341 
TRP HE1  H N N 342 
TRP HE3  H N N 343 
TRP HZ2  H N N 344 
TRP HZ3  H N N 345 
TRP HH2  H N N 346 
TRP HXT  H N N 347 
TYR N    N N N 348 
TYR CA   C N S 349 
TYR C    C N N 350 
TYR O    O N N 351 
TYR CB   C N N 352 
TYR CG   C Y N 353 
TYR CD1  C Y N 354 
TYR CD2  C Y N 355 
TYR CE1  C Y N 356 
TYR CE2  C Y N 357 
TYR CZ   C Y N 358 
TYR OH   O N N 359 
TYR OXT  O N N 360 
TYR H    H N N 361 
TYR H2   H N N 362 
TYR HA   H N N 363 
TYR HB2  H N N 364 
TYR HB3  H N N 365 
TYR HD1  H N N 366 
TYR HD2  H N N 367 
TYR HE1  H N N 368 
TYR HE2  H N N 369 
TYR HH   H N N 370 
TYR HXT  H N N 371 
VAL N    N N N 372 
VAL CA   C N S 373 
VAL C    C N N 374 
VAL O    O N N 375 
VAL CB   C N N 376 
VAL CG1  C N N 377 
VAL CG2  C N N 378 
VAL OXT  O N N 379 
VAL H    H N N 380 
VAL H2   H N N 381 
VAL HA   H N N 382 
VAL HB   H N N 383 
VAL HG11 H N N 384 
VAL HG12 H N N 385 
VAL HG13 H N N 386 
VAL HG21 H N N 387 
VAL HG22 H N N 388 
VAL HG23 H N N 389 
VAL HXT  H N N 390 
# 
loop_
_chem_comp_bond.comp_id 
_chem_comp_bond.atom_id_1 
_chem_comp_bond.atom_id_2 
_chem_comp_bond.value_order 
_chem_comp_bond.pdbx_aromatic_flag 
_chem_comp_bond.pdbx_stereo_config 
_chem_comp_bond.pdbx_ordinal 
ALA N   CA   sing N N 1   
ALA N   H    sing N N 2   
ALA N   H2   sing N N 3   
ALA CA  C    sing N N 4   
ALA CA  CB   sing N N 5   
ALA CA  HA   sing N N 6   
ALA C   O    doub N N 7   
ALA C   OXT  sing N N 8   
ALA CB  HB1  sing N N 9   
ALA CB  HB2  sing N N 10  
ALA CB  HB3  sing N N 11  
ALA OXT HXT  sing N N 12  
ARG N   CA   sing N N 13  
ARG N   H    sing N N 14  
ARG N   H2   sing N N 15  
ARG CA  C    sing N N 16  
ARG CA  CB   sing N N 17  
ARG CA  HA   sing N N 18  
ARG C   O    doub N N 19  
ARG C   OXT  sing N N 20  
ARG CB  CG   sing N N 21  
ARG CB  HB2  sing N N 22  
ARG CB  HB3  sing N N 23  
ARG CG  CD   sing N N 24  
ARG CG  HG2  sing N N 25  
ARG CG  HG3  sing N N 26  
ARG CD  NE   sing N N 27  
ARG CD  HD2  sing N N 28  
ARG CD  HD3  sing N N 29  
ARG NE  CZ   sing N N 30  
ARG NE  HE   sing N N 31  
ARG CZ  NH1  sing N N 32  
ARG CZ  NH2  doub N N 33  
ARG NH1 HH11 sing N N 34  
ARG NH1 HH12 sing N N 35  
ARG NH2 HH21 sing N N 36  
ARG NH2 HH22 sing N N 37  
ARG OXT HXT  sing N N 38  
ASN N   CA   sing N N 39  
ASN N   H    sing N N 40  
ASN N   H2   sing N N 41  
ASN CA  C    sing N N 42  
ASN CA  CB   sing N N 43  
ASN CA  HA   sing N N 44  
ASN C   O    doub N N 45  
ASN C   OXT  sing N N 46  
ASN CB  CG   sing N N 47  
ASN CB  HB2  sing N N 48  
ASN CB  HB3  sing N N 49  
ASN CG  OD1  doub N N 50  
ASN CG  ND2  sing N N 51  
ASN ND2 HD21 sing N N 52  
ASN ND2 HD22 sing N N 53  
ASN OXT HXT  sing N N 54  
ASP N   CA   sing N N 55  
ASP N   H    sing N N 56  
ASP N   H2   sing N N 57  
ASP CA  C    sing N N 58  
ASP CA  CB   sing N N 59  
ASP CA  HA   sing N N 60  
ASP C   O    doub N N 61  
ASP C   OXT  sing N N 62  
ASP CB  CG   sing N N 63  
ASP CB  HB2  sing N N 64  
ASP CB  HB3  sing N N 65  
ASP CG  OD1  doub N N 66  
ASP CG  OD2  sing N N 67  
ASP OD2 HD2  sing N N 68  
ASP OXT HXT  sing N N 69  
CYS N   CA   sing N N 70  
CYS N   H    sing N N 71  
CYS N   H2   sing N N 72  
CYS CA  C    sing N N 73  
CYS CA  CB   sing N N 74  
CYS CA  HA   sing N N 75  
CYS C   O    doub N N 76  
CYS C   OXT  sing N N 77  
CYS CB  SG   sing N N 78  
CYS CB  HB2  sing N N 79  
CYS CB  HB3  sing N N 80  
CYS SG  HG   sing N N 81  
CYS OXT HXT  sing N N 82  
GLN N   CA   sing N N 83  
GLN N   H    sing N N 84  
GLN N   H2   sing N N 85  
GLN CA  C    sing N N 86  
GLN CA  CB   sing N N 87  
GLN CA  HA   sing N N 88  
GLN C   O    doub N N 89  
GLN C   OXT  sing N N 90  
GLN CB  CG   sing N N 91  
GLN CB  HB2  sing N N 92  
GLN CB  HB3  sing N N 93  
GLN CG  CD   sing N N 94  
GLN CG  HG2  sing N N 95  
GLN CG  HG3  sing N N 96  
GLN CD  OE1  doub N N 97  
GLN CD  NE2  sing N N 98  
GLN NE2 HE21 sing N N 99  
GLN NE2 HE22 sing N N 100 
GLN OXT HXT  sing N N 101 
GLU N   CA   sing N N 102 
GLU N   H    sing N N 103 
GLU N   H2   sing N N 104 
GLU CA  C    sing N N 105 
GLU CA  CB   sing N N 106 
GLU CA  HA   sing N N 107 
GLU C   O    doub N N 108 
GLU C   OXT  sing N N 109 
GLU CB  CG   sing N N 110 
GLU CB  HB2  sing N N 111 
GLU CB  HB3  sing N N 112 
GLU CG  CD   sing N N 113 
GLU CG  HG2  sing N N 114 
GLU CG  HG3  sing N N 115 
GLU CD  OE1  doub N N 116 
GLU CD  OE2  sing N N 117 
GLU OE2 HE2  sing N N 118 
GLU OXT HXT  sing N N 119 
GLY N   CA   sing N N 120 
GLY N   H    sing N N 121 
GLY N   H2   sing N N 122 
GLY CA  C    sing N N 123 
GLY CA  HA2  sing N N 124 
GLY CA  HA3  sing N N 125 
GLY C   O    doub N N 126 
GLY C   OXT  sing N N 127 
GLY OXT HXT  sing N N 128 
HIS N   CA   sing N N 129 
HIS N   H    sing N N 130 
HIS N   H2   sing N N 131 
HIS CA  C    sing N N 132 
HIS CA  CB   sing N N 133 
HIS CA  HA   sing N N 134 
HIS C   O    doub N N 135 
HIS C   OXT  sing N N 136 
HIS CB  CG   sing N N 137 
HIS CB  HB2  sing N N 138 
HIS CB  HB3  sing N N 139 
HIS CG  ND1  sing Y N 140 
HIS CG  CD2  doub Y N 141 
HIS ND1 CE1  doub Y N 142 
HIS ND1 HD1  sing N N 143 
HIS CD2 NE2  sing Y N 144 
HIS CD2 HD2  sing N N 145 
HIS CE1 NE2  sing Y N 146 
HIS CE1 HE1  sing N N 147 
HIS NE2 HE2  sing N N 148 
HIS OXT HXT  sing N N 149 
HOH O   H1   sing N N 150 
HOH O   H2   sing N N 151 
ILE N   CA   sing N N 152 
ILE N   H    sing N N 153 
ILE N   H2   sing N N 154 
ILE CA  C    sing N N 155 
ILE CA  CB   sing N N 156 
ILE CA  HA   sing N N 157 
ILE C   O    doub N N 158 
ILE C   OXT  sing N N 159 
ILE CB  CG1  sing N N 160 
ILE CB  CG2  sing N N 161 
ILE CB  HB   sing N N 162 
ILE CG1 CD1  sing N N 163 
ILE CG1 HG12 sing N N 164 
ILE CG1 HG13 sing N N 165 
ILE CG2 HG21 sing N N 166 
ILE CG2 HG22 sing N N 167 
ILE CG2 HG23 sing N N 168 
ILE CD1 HD11 sing N N 169 
ILE CD1 HD12 sing N N 170 
ILE CD1 HD13 sing N N 171 
ILE OXT HXT  sing N N 172 
LEU N   CA   sing N N 173 
LEU N   H    sing N N 174 
LEU N   H2   sing N N 175 
LEU CA  C    sing N N 176 
LEU CA  CB   sing N N 177 
LEU CA  HA   sing N N 178 
LEU C   O    doub N N 179 
LEU C   OXT  sing N N 180 
LEU CB  CG   sing N N 181 
LEU CB  HB2  sing N N 182 
LEU CB  HB3  sing N N 183 
LEU CG  CD1  sing N N 184 
LEU CG  CD2  sing N N 185 
LEU CG  HG   sing N N 186 
LEU CD1 HD11 sing N N 187 
LEU CD1 HD12 sing N N 188 
LEU CD1 HD13 sing N N 189 
LEU CD2 HD21 sing N N 190 
LEU CD2 HD22 sing N N 191 
LEU CD2 HD23 sing N N 192 
LEU OXT HXT  sing N N 193 
LYS N   CA   sing N N 194 
LYS N   H    sing N N 195 
LYS N   H2   sing N N 196 
LYS CA  C    sing N N 197 
LYS CA  CB   sing N N 198 
LYS CA  HA   sing N N 199 
LYS C   O    doub N N 200 
LYS C   OXT  sing N N 201 
LYS CB  CG   sing N N 202 
LYS CB  HB2  sing N N 203 
LYS CB  HB3  sing N N 204 
LYS CG  CD   sing N N 205 
LYS CG  HG2  sing N N 206 
LYS CG  HG3  sing N N 207 
LYS CD  CE   sing N N 208 
LYS CD  HD2  sing N N 209 
LYS CD  HD3  sing N N 210 
LYS CE  NZ   sing N N 211 
LYS CE  HE2  sing N N 212 
LYS CE  HE3  sing N N 213 
LYS NZ  HZ1  sing N N 214 
LYS NZ  HZ2  sing N N 215 
LYS NZ  HZ3  sing N N 216 
LYS OXT HXT  sing N N 217 
MET N   CA   sing N N 218 
MET N   H    sing N N 219 
MET N   H2   sing N N 220 
MET CA  C    sing N N 221 
MET CA  CB   sing N N 222 
MET CA  HA   sing N N 223 
MET C   O    doub N N 224 
MET C   OXT  sing N N 225 
MET CB  CG   sing N N 226 
MET CB  HB2  sing N N 227 
MET CB  HB3  sing N N 228 
MET CG  SD   sing N N 229 
MET CG  HG2  sing N N 230 
MET CG  HG3  sing N N 231 
MET SD  CE   sing N N 232 
MET CE  HE1  sing N N 233 
MET CE  HE2  sing N N 234 
MET CE  HE3  sing N N 235 
MET OXT HXT  sing N N 236 
PHE N   CA   sing N N 237 
PHE N   H    sing N N 238 
PHE N   H2   sing N N 239 
PHE CA  C    sing N N 240 
PHE CA  CB   sing N N 241 
PHE CA  HA   sing N N 242 
PHE C   O    doub N N 243 
PHE C   OXT  sing N N 244 
PHE CB  CG   sing N N 245 
PHE CB  HB2  sing N N 246 
PHE CB  HB3  sing N N 247 
PHE CG  CD1  doub Y N 248 
PHE CG  CD2  sing Y N 249 
PHE CD1 CE1  sing Y N 250 
PHE CD1 HD1  sing N N 251 
PHE CD2 CE2  doub Y N 252 
PHE CD2 HD2  sing N N 253 
PHE CE1 CZ   doub Y N 254 
PHE CE1 HE1  sing N N 255 
PHE CE2 CZ   sing Y N 256 
PHE CE2 HE2  sing N N 257 
PHE CZ  HZ   sing N N 258 
PHE OXT HXT  sing N N 259 
PRO N   CA   sing N N 260 
PRO N   CD   sing N N 261 
PRO N   H    sing N N 262 
PRO CA  C    sing N N 263 
PRO CA  CB   sing N N 264 
PRO CA  HA   sing N N 265 
PRO C   O    doub N N 266 
PRO C   OXT  sing N N 267 
PRO CB  CG   sing N N 268 
PRO CB  HB2  sing N N 269 
PRO CB  HB3  sing N N 270 
PRO CG  CD   sing N N 271 
PRO CG  HG2  sing N N 272 
PRO CG  HG3  sing N N 273 
PRO CD  HD2  sing N N 274 
PRO CD  HD3  sing N N 275 
PRO OXT HXT  sing N N 276 
SER N   CA   sing N N 277 
SER N   H    sing N N 278 
SER N   H2   sing N N 279 
SER CA  C    sing N N 280 
SER CA  CB   sing N N 281 
SER CA  HA   sing N N 282 
SER C   O    doub N N 283 
SER C   OXT  sing N N 284 
SER CB  OG   sing N N 285 
SER CB  HB2  sing N N 286 
SER CB  HB3  sing N N 287 
SER OG  HG   sing N N 288 
SER OXT HXT  sing N N 289 
THR N   CA   sing N N 290 
THR N   H    sing N N 291 
THR N   H2   sing N N 292 
THR CA  C    sing N N 293 
THR CA  CB   sing N N 294 
THR CA  HA   sing N N 295 
THR C   O    doub N N 296 
THR C   OXT  sing N N 297 
THR CB  OG1  sing N N 298 
THR CB  CG2  sing N N 299 
THR CB  HB   sing N N 300 
THR OG1 HG1  sing N N 301 
THR CG2 HG21 sing N N 302 
THR CG2 HG22 sing N N 303 
THR CG2 HG23 sing N N 304 
THR OXT HXT  sing N N 305 
TRP N   CA   sing N N 306 
TRP N   H    sing N N 307 
TRP N   H2   sing N N 308 
TRP CA  C    sing N N 309 
TRP CA  CB   sing N N 310 
TRP CA  HA   sing N N 311 
TRP C   O    doub N N 312 
TRP C   OXT  sing N N 313 
TRP CB  CG   sing N N 314 
TRP CB  HB2  sing N N 315 
TRP CB  HB3  sing N N 316 
TRP CG  CD1  doub Y N 317 
TRP CG  CD2  sing Y N 318 
TRP CD1 NE1  sing Y N 319 
TRP CD1 HD1  sing N N 320 
TRP CD2 CE2  doub Y N 321 
TRP CD2 CE3  sing Y N 322 
TRP NE1 CE2  sing Y N 323 
TRP NE1 HE1  sing N N 324 
TRP CE2 CZ2  sing Y N 325 
TRP CE3 CZ3  doub Y N 326 
TRP CE3 HE3  sing N N 327 
TRP CZ2 CH2  doub Y N 328 
TRP CZ2 HZ2  sing N N 329 
TRP CZ3 CH2  sing Y N 330 
TRP CZ3 HZ3  sing N N 331 
TRP CH2 HH2  sing N N 332 
TRP OXT HXT  sing N N 333 
TYR N   CA   sing N N 334 
TYR N   H    sing N N 335 
TYR N   H2   sing N N 336 
TYR CA  C    sing N N 337 
TYR CA  CB   sing N N 338 
TYR CA  HA   sing N N 339 
TYR C   O    doub N N 340 
TYR C   OXT  sing N N 341 
TYR CB  CG   sing N N 342 
TYR CB  HB2  sing N N 343 
TYR CB  HB3  sing N N 344 
TYR CG  CD1  doub Y N 345 
TYR CG  CD2  sing Y N 346 
TYR CD1 CE1  sing Y N 347 
TYR CD1 HD1  sing N N 348 
TYR CD2 CE2  doub Y N 349 
TYR CD2 HD2  sing N N 350 
TYR CE1 CZ   doub Y N 351 
TYR CE1 HE1  sing N N 352 
TYR CE2 CZ   sing Y N 353 
TYR CE2 HE2  sing N N 354 
TYR CZ  OH   sing N N 355 
TYR OH  HH   sing N N 356 
TYR OXT HXT  sing N N 357 
VAL N   CA   sing N N 358 
VAL N   H    sing N N 359 
VAL N   H2   sing N N 360 
VAL CA  C    sing N N 361 
VAL CA  CB   sing N N 362 
VAL CA  HA   sing N N 363 
VAL C   O    doub N N 364 
VAL C   OXT  sing N N 365 
VAL CB  CG1  sing N N 366 
VAL CB  CG2  sing N N 367 
VAL CB  HB   sing N N 368 
VAL CG1 HG11 sing N N 369 
VAL CG1 HG12 sing N N 370 
VAL CG1 HG13 sing N N 371 
VAL CG2 HG21 sing N N 372 
VAL CG2 HG22 sing N N 373 
VAL CG2 HG23 sing N N 374 
VAL OXT HXT  sing N N 375 
# 
_atom_sites.entry_id                    3KEY 
_atom_sites.fract_transf_matrix[1][1]   -0.01107435 
_atom_sites.fract_transf_matrix[1][2]   0.01461669 
_atom_sites.fract_transf_matrix[1][3]   -0.00450320 
_atom_sites.fract_transf_matrix[2][1]   0.01044753 
_atom_sites.fract_transf_matrix[2][2]   0.01128987 
_atom_sites.fract_transf_matrix[2][3]   0.01095242 
_atom_sites.fract_transf_matrix[3][1]   0.00317368 
_atom_sites.fract_transf_matrix[3][2]   0.00111709 
_atom_sites.fract_transf_matrix[3][3]   -0.00417889 
_atom_sites.fract_transf_vector[1]      0.367457 
_atom_sites.fract_transf_vector[2]      0.303714 
_atom_sites.fract_transf_vector[3]      0.372540 
# 
loop_
_atom_type.symbol 
C 
N 
O 
S 
# 
loop_
_atom_site.group_PDB 
_atom_site.id 
_atom_site.type_symbol 
_atom_site.label_atom_id 
_atom_site.label_alt_id 
_atom_site.label_comp_id 
_atom_site.label_asym_id 
_atom_site.label_entity_id 
_atom_site.label_seq_id 
_atom_site.pdbx_PDB_ins_code 
_atom_site.Cartn_x 
_atom_site.Cartn_y 
_atom_site.Cartn_z 
_atom_site.occupancy 
_atom_site.B_iso_or_equiv 
_atom_site.pdbx_formal_charge 
_atom_site.auth_seq_id 
_atom_site.auth_comp_id 
_atom_site.auth_asym_id 
_atom_site.auth_atom_id 
_atom_site.pdbx_PDB_model_num 
ATOM   1    N N   . ARG A 1 3   ? -8.608  -8.659  -7.124  1.00 65.94  ? 312 ARG A N   1 
ATOM   2    C CA  . ARG A 1 3   ? -7.649  -7.740  -7.800  1.00 64.35  ? 312 ARG A CA  1 
ATOM   3    C C   . ARG A 1 3   ? -6.654  -7.145  -6.798  1.00 62.77  ? 312 ARG A C   1 
ATOM   4    O O   . ARG A 1 3   ? -5.464  -7.021  -7.092  1.00 62.52  ? 312 ARG A O   1 
ATOM   5    C CB  . ARG A 1 3   ? -8.414  -6.613  -8.503  1.00 66.36  ? 312 ARG A CB  1 
ATOM   6    C CG  . ARG A 1 3   ? -9.931  -6.803  -8.521  1.00 68.72  ? 312 ARG A CG  1 
ATOM   7    C CD  . ARG A 1 3   ? -10.537 -6.513  -7.158  1.00 71.03  ? 312 ARG A CD  1 
ATOM   8    N NE  . ARG A 1 3   ? -10.421 -5.097  -6.820  1.00 72.83  ? 312 ARG A NE  1 
ATOM   9    C CZ  . ARG A 1 3   ? -10.771 -4.574  -5.648  1.00 74.12  ? 312 ARG A CZ  1 
ATOM   10   N NH1 . ARG A 1 3   ? -11.264 -5.349  -4.689  1.00 74.54  ? 312 ARG A NH1 1 
ATOM   11   N NH2 . ARG A 1 3   ? -10.618 -3.274  -5.432  1.00 73.66  ? 312 ARG A NH2 1 
ATOM   12   N N   . THR A 1 4   ? -7.143  -6.794  -5.611  1.00 60.09  ? 313 THR A N   1 
ATOM   13   C CA  . THR A 1 4   ? -6.303  -6.198  -4.574  1.00 57.43  ? 313 THR A CA  1 
ATOM   14   C C   . THR A 1 4   ? -6.605  -6.788  -3.191  1.00 54.32  ? 313 THR A C   1 
ATOM   15   O O   . THR A 1 4   ? -7.759  -7.072  -2.867  1.00 52.83  ? 313 THR A O   1 
ATOM   16   C CB  . THR A 1 4   ? -6.502  -4.656  -4.530  1.00 58.50  ? 313 THR A CB  1 
ATOM   17   O OG1 . THR A 1 4   ? -5.801  -4.100  -3.407  1.00 61.24  ? 313 THR A OG1 1 
ATOM   18   C CG2 . THR A 1 4   ? -7.970  -4.320  -4.413  1.00 59.18  ? 313 THR A CG2 1 
ATOM   19   N N   . SER A 1 5   ? -5.564  -6.970  -2.381  1.00 51.50  ? 314 SER A N   1 
ATOM   20   C CA  . SER A 1 5   ? -5.725  -7.523  -1.037  1.00 48.29  ? 314 SER A CA  1 
ATOM   21   C C   . SER A 1 5   ? -6.465  -6.544  -0.125  1.00 46.33  ? 314 SER A C   1 
ATOM   22   O O   . SER A 1 5   ? -6.573  -5.358  -0.438  1.00 45.85  ? 314 SER A O   1 
ATOM   23   C CB  . SER A 1 5   ? -4.357  -7.850  -0.430  1.00 47.91  ? 314 SER A CB  1 
ATOM   24   O OG  . SER A 1 5   ? -3.587  -6.678  -0.215  1.00 47.20  ? 314 SER A OG  1 
ATOM   25   N N   . ALA A 1 6   ? -6.979  -7.042  0.997   1.00 44.44  ? 315 ALA A N   1 
ATOM   26   C CA  . ALA A 1 6   ? -7.701  -6.192  1.941   1.00 44.01  ? 315 ALA A CA  1 
ATOM   27   C C   . ALA A 1 6   ? -6.771  -5.081  2.435   1.00 42.97  ? 315 ALA A C   1 
ATOM   28   O O   . ALA A 1 6   ? -7.168  -3.918  2.547   1.00 40.08  ? 315 ALA A O   1 
ATOM   29   C CB  . ALA A 1 6   ? -8.207  -7.026  3.116   1.00 42.40  ? 315 ALA A CB  1 
ATOM   30   N N   . LYS A 1 7   ? -5.529  -5.458  2.721   1.00 42.13  ? 316 LYS A N   1 
ATOM   31   C CA  . LYS A 1 7   ? -4.519  -4.519  3.187   1.00 42.93  ? 316 LYS A CA  1 
ATOM   32   C C   . LYS A 1 7   ? -4.337  -3.368  2.189   1.00 42.17  ? 316 LYS A C   1 
ATOM   33   O O   . LYS A 1 7   ? -4.316  -2.202  2.582   1.00 40.81  ? 316 LYS A O   1 
ATOM   34   C CB  . LYS A 1 7   ? -3.188  -5.250  3.388   1.00 44.20  ? 316 LYS A CB  1 
ATOM   35   C CG  . LYS A 1 7   ? -2.046  -4.368  3.856   1.00 46.59  ? 316 LYS A CG  1 
ATOM   36   C CD  . LYS A 1 7   ? -0.721  -5.099  3.740   1.00 48.78  ? 316 LYS A CD  1 
ATOM   37   C CE  . LYS A 1 7   ? -0.344  -5.304  2.280   1.00 53.37  ? 316 LYS A CE  1 
ATOM   38   N NZ  . LYS A 1 7   ? 0.873   -6.145  2.119   1.00 54.75  ? 316 LYS A NZ  1 
ATOM   39   N N   . SER A 1 8   ? -4.199  -3.691  0.903   1.00 41.62  ? 317 SER A N   1 
ATOM   40   C CA  . SER A 1 8   ? -4.021  -2.651  -0.106  1.00 42.38  ? 317 SER A CA  1 
ATOM   41   C C   . SER A 1 8   ? -5.293  -1.823  -0.323  1.00 41.69  ? 317 SER A C   1 
ATOM   42   O O   . SER A 1 8   ? -5.216  -0.673  -0.744  1.00 42.70  ? 317 SER A O   1 
ATOM   43   C CB  . SER A 1 8   ? -3.513  -3.252  -1.427  1.00 43.66  ? 317 SER A CB  1 
ATOM   44   O OG  . SER A 1 8   ? -2.109  -3.513  -1.366  1.00 42.42  ? 317 SER A OG  1 
ATOM   45   N N   . ASN A 1 9   ? -6.460  -2.393  -0.037  1.00 42.15  ? 318 ASN A N   1 
ATOM   46   C CA  . ASN A 1 9   ? -7.700  -1.623  -0.167  1.00 41.62  ? 318 ASN A CA  1 
ATOM   47   C C   . ASN A 1 9   ? -7.706  -0.548  0.935   1.00 40.51  ? 318 ASN A C   1 
ATOM   48   O O   . ASN A 1 9   ? -8.103  0.597   0.700   1.00 39.93  ? 318 ASN A O   1 
ATOM   49   C CB  . ASN A 1 9   ? -8.936  -2.520  -0.023  1.00 43.85  ? 318 ASN A CB  1 
ATOM   50   C CG  . ASN A 1 9   ? -9.290  -3.243  -1.319  1.00 48.44  ? 318 ASN A CG  1 
ATOM   51   O OD1 . ASN A 1 9   ? -9.211  -2.671  -2.409  1.00 50.93  ? 318 ASN A OD1 1 
ATOM   52   N ND2 . ASN A 1 9   ? -9.703  -4.501  -1.201  1.00 48.30  ? 318 ASN A ND2 1 
ATOM   53   N N   . LEU A 1 10  ? -7.267  -0.922  2.136   1.00 37.87  ? 319 LEU A N   1 
ATOM   54   C CA  . LEU A 1 10  ? -7.197  0.033   3.234   1.00 36.94  ? 319 LEU A CA  1 
ATOM   55   C C   . LEU A 1 10  ? -6.110  1.044   2.890   1.00 35.73  ? 319 LEU A C   1 
ATOM   56   O O   . LEU A 1 10  ? -6.268  2.240   3.132   1.00 36.11  ? 319 LEU A O   1 
ATOM   57   C CB  . LEU A 1 10  ? -6.860  -0.662  4.560   1.00 36.39  ? 319 LEU A CB  1 
ATOM   58   C CG  . LEU A 1 10  ? -6.623  0.298   5.736   1.00 36.43  ? 319 LEU A CG  1 
ATOM   59   C CD1 . LEU A 1 10  ? -7.850  1.184   5.942   1.00 40.32  ? 319 LEU A CD1 1 
ATOM   60   C CD2 . LEU A 1 10  ? -6.306  -0.490  6.995   1.00 36.61  ? 319 LEU A CD2 1 
ATOM   61   N N   . MET A 1 11  ? -5.008  0.558   2.319   1.00 35.29  ? 320 MET A N   1 
ATOM   62   C CA  . MET A 1 11  ? -3.917  1.443   1.928   1.00 36.34  ? 320 MET A CA  1 
ATOM   63   C C   . MET A 1 11  ? -4.431  2.531   0.973   1.00 36.59  ? 320 MET A C   1 
ATOM   64   O O   . MET A 1 11  ? -4.126  3.713   1.146   1.00 35.41  ? 320 MET A O   1 
ATOM   65   C CB  . MET A 1 11  ? -2.787  0.654   1.251   1.00 36.38  ? 320 MET A CB  1 
ATOM   66   C CG  . MET A 1 11  ? -1.647  1.545   0.745   1.00 35.96  ? 320 MET A CG  1 
ATOM   67   S SD  . MET A 1 11  ? -0.348  0.642   -0.140  1.00 38.75  ? 320 MET A SD  1 
ATOM   68   C CE  . MET A 1 11  ? -1.208  0.240   -1.697  1.00 35.44  ? 320 MET A CE  1 
ATOM   69   N N   . LEU A 1 12  ? -5.223  2.133   -0.020  1.00 36.83  ? 321 LEU A N   1 
ATOM   70   C CA  . LEU A 1 12  ? -5.763  3.090   -0.986  1.00 39.15  ? 321 LEU A CA  1 
ATOM   71   C C   . LEU A 1 12  ? -6.720  4.093   -0.348  1.00 38.28  ? 321 LEU A C   1 
ATOM   72   O O   . LEU A 1 12  ? -6.814  5.239   -0.791  1.00 39.24  ? 321 LEU A O   1 
ATOM   73   C CB  . LEU A 1 12  ? -6.477  2.357   -2.130  1.00 42.20  ? 321 LEU A CB  1 
ATOM   74   C CG  . LEU A 1 12  ? -5.587  1.551   -3.080  1.00 45.48  ? 321 LEU A CG  1 
ATOM   75   C CD1 . LEU A 1 12  ? -6.454  0.895   -4.144  1.00 46.92  ? 321 LEU A CD1 1 
ATOM   76   C CD2 . LEU A 1 12  ? -4.551  2.461   -3.728  1.00 45.76  ? 321 LEU A CD2 1 
ATOM   77   N N   . ILE A 1 13  ? -7.436  3.667   0.685   1.00 38.16  ? 322 ILE A N   1 
ATOM   78   C CA  . ILE A 1 13  ? -8.361  4.561   1.371   1.00 37.24  ? 322 ILE A CA  1 
ATOM   79   C C   . ILE A 1 13  ? -7.533  5.624   2.096   1.00 37.22  ? 322 ILE A C   1 
ATOM   80   O O   . ILE A 1 13  ? -7.801  6.826   1.993   1.00 35.87  ? 322 ILE A O   1 
ATOM   81   C CB  . ILE A 1 13  ? -9.228  3.781   2.384   1.00 38.78  ? 322 ILE A CB  1 
ATOM   82   C CG1 . ILE A 1 13  ? -10.153 2.817   1.628   1.00 39.31  ? 322 ILE A CG1 1 
ATOM   83   C CG2 . ILE A 1 13  ? -10.011 4.750   3.261   1.00 40.08  ? 322 ILE A CG2 1 
ATOM   84   C CD1 . ILE A 1 13  ? -11.017 1.940   2.518   1.00 36.15  ? 322 ILE A CD1 1 
ATOM   85   N N   . LEU A 1 14  ? -6.507  5.175   2.812   1.00 35.52  ? 323 LEU A N   1 
ATOM   86   C CA  . LEU A 1 14  ? -5.637  6.087   3.546   1.00 37.30  ? 323 LEU A CA  1 
ATOM   87   C C   . LEU A 1 14  ? -4.973  7.086   2.603   1.00 38.19  ? 323 LEU A C   1 
ATOM   88   O O   . LEU A 1 14  ? -4.892  8.276   2.904   1.00 40.00  ? 323 LEU A O   1 
ATOM   89   C CB  . LEU A 1 14  ? -4.577  5.294   4.312   1.00 34.08  ? 323 LEU A CB  1 
ATOM   90   C CG  . LEU A 1 14  ? -5.172  4.414   5.413   1.00 36.64  ? 323 LEU A CG  1 
ATOM   91   C CD1 . LEU A 1 14  ? -4.103  3.550   6.046   1.00 34.76  ? 323 LEU A CD1 1 
ATOM   92   C CD2 . LEU A 1 14  ? -5.823  5.299   6.452   1.00 35.36  ? 323 LEU A CD2 1 
ATOM   93   N N   . LEU A 1 15  ? -4.518  6.605   1.453   1.00 40.58  ? 324 LEU A N   1 
ATOM   94   C CA  . LEU A 1 15  ? -3.865  7.471   0.479   1.00 42.66  ? 324 LEU A CA  1 
ATOM   95   C C   . LEU A 1 15  ? -4.795  8.592   0.008   1.00 43.28  ? 324 LEU A C   1 
ATOM   96   O O   . LEU A 1 15  ? -4.359  9.730   -0.168  1.00 43.64  ? 324 LEU A O   1 
ATOM   97   C CB  . LEU A 1 15  ? -3.395  6.650   -0.724  1.00 42.76  ? 324 LEU A CB  1 
ATOM   98   C CG  . LEU A 1 15  ? -2.673  7.424   -1.834  1.00 45.50  ? 324 LEU A CG  1 
ATOM   99   C CD1 . LEU A 1 15  ? -1.360  7.988   -1.305  1.00 45.02  ? 324 LEU A CD1 1 
ATOM   100  C CD2 . LEU A 1 15  ? -2.410  6.501   -3.018  1.00 45.27  ? 324 LEU A CD2 1 
ATOM   101  N N   . GLY A 1 16  ? -6.074  8.267   -0.177  1.00 43.68  ? 325 GLY A N   1 
ATOM   102  C CA  . GLY A 1 16  ? -7.043  9.247   -0.637  1.00 44.54  ? 325 GLY A CA  1 
ATOM   103  C C   . GLY A 1 16  ? -7.547  10.261  0.379   1.00 46.84  ? 325 GLY A C   1 
ATOM   104  O O   . GLY A 1 16  ? -8.119  11.281  -0.006  1.00 48.08  ? 325 GLY A O   1 
ATOM   105  N N   . LEU A 1 17  ? -7.351  10.002  1.669   1.00 47.28  ? 326 LEU A N   1 
ATOM   106  C CA  . LEU A 1 17  ? -7.815  10.933  2.697   1.00 48.69  ? 326 LEU A CA  1 
ATOM   107  C C   . LEU A 1 17  ? -7.101  12.272  2.571   1.00 49.92  ? 326 LEU A C   1 
ATOM   108  O O   . LEU A 1 17  ? -5.879  12.322  2.446   1.00 50.21  ? 326 LEU A O   1 
ATOM   109  C CB  . LEU A 1 17  ? -7.564  10.365  4.098   1.00 47.27  ? 326 LEU A CB  1 
ATOM   110  C CG  . LEU A 1 17  ? -8.302  9.087   4.489   1.00 47.35  ? 326 LEU A CG  1 
ATOM   111  C CD1 . LEU A 1 17  ? -7.962  8.729   5.934   1.00 46.32  ? 326 LEU A CD1 1 
ATOM   112  C CD2 . LEU A 1 17  ? -9.801  9.291   4.323   1.00 47.21  ? 326 LEU A CD2 1 
ATOM   113  N N   . GLN A 1 18  ? -7.856  13.361  2.617   1.00 50.97  ? 327 GLN A N   1 
ATOM   114  C CA  . GLN A 1 18  ? -7.248  14.681  2.505   1.00 53.62  ? 327 GLN A CA  1 
ATOM   115  C C   . GLN A 1 18  ? -6.784  15.200  3.862   1.00 53.42  ? 327 GLN A C   1 
ATOM   116  O O   . GLN A 1 18  ? -7.337  16.163  4.396   1.00 53.56  ? 327 GLN A O   1 
ATOM   117  C CB  . GLN A 1 18  ? -8.234  15.658  1.861   1.00 55.87  ? 327 GLN A CB  1 
ATOM   118  C CG  . GLN A 1 18  ? -8.595  15.293  0.428   1.00 58.84  ? 327 GLN A CG  1 
ATOM   119  C CD  . GLN A 1 18  ? -7.370  15.168  -0.455  1.00 60.95  ? 327 GLN A CD  1 
ATOM   120  O OE1 . GLN A 1 18  ? -6.601  16.120  -0.604  1.00 61.99  ? 327 GLN A OE1 1 
ATOM   121  N NE2 . GLN A 1 18  ? -7.178  13.992  -1.045  1.00 61.79  ? 327 GLN A NE2 1 
ATOM   122  N N   . MET A 1 19  ? -5.756  14.548  4.400   1.00 52.59  ? 328 MET A N   1 
ATOM   123  C CA  . MET A 1 19  ? -5.186  14.894  5.699   1.00 50.97  ? 328 MET A CA  1 
ATOM   124  C C   . MET A 1 19  ? -3.823  14.236  5.870   1.00 49.45  ? 328 MET A C   1 
ATOM   125  O O   . MET A 1 19  ? -3.495  13.281  5.167   1.00 48.26  ? 328 MET A O   1 
ATOM   126  C CB  . MET A 1 19  ? -6.127  14.437  6.820   1.00 51.66  ? 328 MET A CB  1 
ATOM   127  C CG  . MET A 1 19  ? -6.598  12.999  6.674   1.00 53.78  ? 328 MET A CG  1 
ATOM   128  S SD  . MET A 1 19  ? -7.971  12.582  7.769   1.00 54.52  ? 328 MET A SD  1 
ATOM   129  C CE  . MET A 1 19  ? -9.365  12.867  6.671   1.00 54.89  ? 328 MET A CE  1 
ATOM   130  N N   . LYS A 1 20  ? -3.037  14.746  6.815   1.00 47.81  ? 329 LYS A N   1 
ATOM   131  C CA  . LYS A 1 20  ? -1.705  14.208  7.072   1.00 47.50  ? 329 LYS A CA  1 
ATOM   132  C C   . LYS A 1 20  ? -1.690  13.167  8.187   1.00 46.03  ? 329 LYS A C   1 
ATOM   133  O O   . LYS A 1 20  ? -0.726  12.414  8.328   1.00 44.95  ? 329 LYS A O   1 
ATOM   134  C CB  . LYS A 1 20  ? -0.745  15.338  7.428   1.00 49.18  ? 329 LYS A CB  1 
ATOM   135  C CG  . LYS A 1 20  ? -0.753  16.486  6.441   1.00 52.59  ? 329 LYS A CG  1 
ATOM   136  C CD  . LYS A 1 20  ? 0.020   17.665  7.009   1.00 55.65  ? 329 LYS A CD  1 
ATOM   137  C CE  . LYS A 1 20  ? -0.202  18.944  6.220   1.00 57.17  ? 329 LYS A CE  1 
ATOM   138  N NZ  . LYS A 1 20  ? 0.538   20.071  6.867   1.00 59.36  ? 329 LYS A NZ  1 
ATOM   139  N N   . GLU A 1 21  ? -2.755  13.126  8.978   1.00 44.60  ? 330 GLU A N   1 
ATOM   140  C CA  . GLU A 1 21  ? -2.849  12.175  10.079  1.00 44.87  ? 330 GLU A CA  1 
ATOM   141  C C   . GLU A 1 21  ? -4.312  11.865  10.373  1.00 42.35  ? 330 GLU A C   1 
ATOM   142  O O   . GLU A 1 21  ? -5.207  12.628  10.003  1.00 41.87  ? 330 GLU A O   1 
ATOM   143  C CB  . GLU A 1 21  ? -2.219  12.760  11.354  1.00 48.20  ? 330 GLU A CB  1 
ATOM   144  C CG  . GLU A 1 21  ? -3.262  13.243  12.399  1.00 54.55  ? 330 GLU A CG  1 
ATOM   145  C CD  . GLU A 1 21  ? -2.670  14.220  13.419  1.00 56.20  ? 330 GLU A CD  1 
ATOM   146  O OE1 . GLU A 1 21  ? -3.391  14.647  14.351  1.00 58.65  ? 330 GLU A OE1 1 
ATOM   147  O OE2 . GLU A 1 21  ? -1.479  14.568  13.274  1.00 57.95  ? 330 GLU A OE2 1 
ATOM   148  N N   . ILE A 1 22  ? -4.544  10.748  11.053  1.00 38.47  ? 331 ILE A N   1 
ATOM   149  C CA  . ILE A 1 22  ? -5.889  10.356  11.443  1.00 37.55  ? 331 ILE A CA  1 
ATOM   150  C C   . ILE A 1 22  ? -5.829  9.410   12.639  1.00 37.95  ? 331 ILE A C   1 
ATOM   151  O O   . ILE A 1 22  ? -4.942  8.556   12.734  1.00 36.94  ? 331 ILE A O   1 
ATOM   152  C CB  . ILE A 1 22  ? -6.659  9.682   10.282  1.00 38.03  ? 331 ILE A CB  1 
ATOM   153  C CG1 . ILE A 1 22  ? -8.101  9.399   10.716  1.00 36.99  ? 331 ILE A CG1 1 
ATOM   154  C CG2 . ILE A 1 22  ? -5.969  8.385   9.870   1.00 35.08  ? 331 ILE A CG2 1 
ATOM   155  C CD1 . ILE A 1 22  ? -9.012  8.963   9.580   1.00 36.86  ? 331 ILE A CD1 1 
ATOM   156  N N   . SER A 1 23  ? -6.765  9.575   13.564  1.00 37.73  ? 332 SER A N   1 
ATOM   157  C CA  . SER A 1 23  ? -6.794  8.723   14.738  1.00 37.46  ? 332 SER A CA  1 
ATOM   158  C C   . SER A 1 23  ? -7.447  7.394   14.398  1.00 37.46  ? 332 SER A C   1 
ATOM   159  O O   . SER A 1 23  ? -8.240  7.295   13.460  1.00 36.15  ? 332 SER A O   1 
ATOM   160  C CB  . SER A 1 23  ? -7.573  9.395   15.874  1.00 36.95  ? 332 SER A CB  1 
ATOM   161  O OG  . SER A 1 23  ? -8.947  9.504   15.538  1.00 41.99  ? 332 SER A OG  1 
ATOM   162  N N   . ASN A 1 24  ? -7.096  6.382   15.181  1.00 36.80  ? 333 ASN A N   1 
ATOM   163  C CA  . ASN A 1 24  ? -7.608  5.033   15.033  1.00 38.55  ? 333 ASN A CA  1 
ATOM   164  C C   . ASN A 1 24  ? -9.146  5.035   15.054  1.00 39.92  ? 333 ASN A C   1 
ATOM   165  O O   . ASN A 1 24  ? -9.786  4.346   14.257  1.00 37.51  ? 333 ASN A O   1 
ATOM   166  C CB  . ASN A 1 24  ? -7.055  4.187   16.183  1.00 41.83  ? 333 ASN A CB  1 
ATOM   167  C CG  . ASN A 1 24  ? -7.196  2.702   15.951  1.00 44.30  ? 333 ASN A CG  1 
ATOM   168  O OD1 . ASN A 1 24  ? -6.609  2.142   15.022  1.00 46.40  ? 333 ASN A OD1 1 
ATOM   169  N ND2 . ASN A 1 24  ? -7.963  2.046   16.811  1.00 44.88  ? 333 ASN A ND2 1 
ATOM   170  N N   . SER A 1 25  ? -9.736  5.821   15.957  1.00 40.05  ? 334 SER A N   1 
ATOM   171  C CA  . SER A 1 25  ? -11.192 5.878   16.068  1.00 42.38  ? 334 SER A CA  1 
ATOM   172  C C   . SER A 1 25  ? -11.866 6.581   14.894  1.00 40.78  ? 334 SER A C   1 
ATOM   173  O O   . SER A 1 25  ? -12.936 6.160   14.450  1.00 41.02  ? 334 SER A O   1 
ATOM   174  C CB  . SER A 1 25  ? -11.613 6.539   17.394  1.00 45.51  ? 334 SER A CB  1 
ATOM   175  O OG  . SER A 1 25  ? -11.177 7.882   17.478  1.00 49.33  ? 334 SER A OG  1 
ATOM   176  N N   . ASP A 1 26  ? -11.255 7.645   14.381  1.00 40.82  ? 335 ASP A N   1 
ATOM   177  C CA  . ASP A 1 26  ? -11.845 8.335   13.239  1.00 39.68  ? 335 ASP A CA  1 
ATOM   178  C C   . ASP A 1 26  ? -11.749 7.474   11.992  1.00 39.76  ? 335 ASP A C   1 
ATOM   179  O O   . ASP A 1 26  ? -12.653 7.474   11.157  1.00 40.16  ? 335 ASP A O   1 
ATOM   180  C CB  . ASP A 1 26  ? -11.156 9.675   12.981  1.00 40.05  ? 335 ASP A CB  1 
ATOM   181  C CG  . ASP A 1 26  ? -11.544 10.737  13.997  1.00 42.39  ? 335 ASP A CG  1 
ATOM   182  O OD1 . ASP A 1 26  ? -12.553 10.544  14.708  1.00 43.35  ? 335 ASP A OD1 1 
ATOM   183  O OD2 . ASP A 1 26  ? -10.853 11.772  14.077  1.00 43.35  ? 335 ASP A OD2 1 
ATOM   184  N N   . LEU A 1 27  ? -10.651 6.733   11.871  1.00 39.06  ? 336 LEU A N   1 
ATOM   185  C CA  . LEU A 1 27  ? -10.441 5.875   10.713  1.00 40.23  ? 336 LEU A CA  1 
ATOM   186  C C   . LEU A 1 27  ? -11.475 4.750   10.665  1.00 41.23  ? 336 LEU A C   1 
ATOM   187  O O   . LEU A 1 27  ? -12.049 4.460   9.613   1.00 38.91  ? 336 LEU A O   1 
ATOM   188  C CB  . LEU A 1 27  ? -9.030  5.277   10.748  1.00 38.76  ? 336 LEU A CB  1 
ATOM   189  C CG  . LEU A 1 27  ? -8.663  4.335   9.594   1.00 38.06  ? 336 LEU A CG  1 
ATOM   190  C CD1 . LEU A 1 27  ? -8.755  5.084   8.276   1.00 39.21  ? 336 LEU A CD1 1 
ATOM   191  C CD2 . LEU A 1 27  ? -7.254  3.779   9.803   1.00 36.14  ? 336 LEU A CD2 1 
ATOM   192  N N   . TYR A 1 28  ? -11.704 4.131   11.817  1.00 42.20  ? 337 TYR A N   1 
ATOM   193  C CA  . TYR A 1 28  ? -12.645 3.025   11.942  1.00 45.41  ? 337 TYR A CA  1 
ATOM   194  C C   . TYR A 1 28  ? -14.089 3.425   11.642  1.00 46.86  ? 337 TYR A C   1 
ATOM   195  O O   . TYR A 1 28  ? -14.914 2.573   11.316  1.00 46.76  ? 337 TYR A O   1 
ATOM   196  C CB  . TYR A 1 28  ? -12.552 2.444   13.349  1.00 45.92  ? 337 TYR A CB  1 
ATOM   197  C CG  . TYR A 1 28  ? -13.306 1.152   13.547  1.00 47.03  ? 337 TYR A CG  1 
ATOM   198  C CD1 . TYR A 1 28  ? -14.597 1.144   14.080  1.00 47.76  ? 337 TYR A CD1 1 
ATOM   199  C CD2 . TYR A 1 28  ? -12.712 -0.068  13.243  1.00 48.07  ? 337 TYR A CD2 1 
ATOM   200  C CE1 . TYR A 1 28  ? -15.274 -0.061  14.313  1.00 48.63  ? 337 TYR A CE1 1 
ATOM   201  C CE2 . TYR A 1 28  ? -13.376 -1.273  13.468  1.00 49.93  ? 337 TYR A CE2 1 
ATOM   202  C CZ  . TYR A 1 28  ? -14.652 -1.261  14.006  1.00 49.02  ? 337 TYR A CZ  1 
ATOM   203  O OH  . TYR A 1 28  ? -15.285 -2.450  14.261  1.00 52.20  ? 337 TYR A OH  1 
ATOM   204  N N   . LYS A 1 29  ? -14.387 4.717   11.742  1.00 47.85  ? 338 LYS A N   1 
ATOM   205  C CA  . LYS A 1 29  ? -15.735 5.214   11.480  1.00 50.91  ? 338 LYS A CA  1 
ATOM   206  C C   . LYS A 1 29  ? -16.031 5.448   9.995   1.00 50.69  ? 338 LYS A C   1 
ATOM   207  O O   . LYS A 1 29  ? -17.184 5.672   9.619   1.00 52.35  ? 338 LYS A O   1 
ATOM   208  C CB  . LYS A 1 29  ? -15.979 6.519   12.252  1.00 52.42  ? 338 LYS A CB  1 
ATOM   209  C CG  . LYS A 1 29  ? -15.996 6.354   13.763  1.00 55.99  ? 338 LYS A CG  1 
ATOM   210  C CD  . LYS A 1 29  ? -16.211 7.689   14.456  1.00 59.08  ? 338 LYS A CD  1 
ATOM   211  C CE  . LYS A 1 29  ? -16.160 7.541   15.973  1.00 61.19  ? 338 LYS A CE  1 
ATOM   212  N NZ  . LYS A 1 29  ? -16.271 8.861   16.664  1.00 61.88  ? 338 LYS A NZ  1 
ATOM   213  N N   . LEU A 1 30  ? -15.001 5.410   9.155   1.00 47.80  ? 339 LEU A N   1 
ATOM   214  C CA  . LEU A 1 30  ? -15.196 5.624   7.723   1.00 47.08  ? 339 LEU A CA  1 
ATOM   215  C C   . LEU A 1 30  ? -15.940 4.461   7.079   1.00 46.71  ? 339 LEU A C   1 
ATOM   216  O O   . LEU A 1 30  ? -15.614 3.289   7.309   1.00 45.10  ? 339 LEU A O   1 
ATOM   217  C CB  . LEU A 1 30  ? -13.847 5.835   7.024   1.00 47.18  ? 339 LEU A CB  1 
ATOM   218  C CG  . LEU A 1 30  ? -13.092 7.106   7.431   1.00 47.60  ? 339 LEU A CG  1 
ATOM   219  C CD1 . LEU A 1 30  ? -11.771 7.193   6.678   1.00 47.44  ? 339 LEU A CD1 1 
ATOM   220  C CD2 . LEU A 1 30  ? -13.951 8.325   7.127   1.00 48.84  ? 339 LEU A CD2 1 
ATOM   221  N N   . LYS A 1 31  ? -16.942 4.795   6.270   1.00 47.21  ? 340 LYS A N   1 
ATOM   222  C CA  . LYS A 1 31  ? -17.760 3.792   5.589   1.00 48.23  ? 340 LYS A CA  1 
ATOM   223  C C   . LYS A 1 31  ? -16.906 2.799   4.818   1.00 45.91  ? 340 LYS A C   1 
ATOM   224  O O   . LYS A 1 31  ? -17.039 1.587   4.994   1.00 44.90  ? 340 LYS A O   1 
ATOM   225  C CB  . LYS A 1 31  ? -18.755 4.467   4.636   1.00 51.71  ? 340 LYS A CB  1 
ATOM   226  C CG  . LYS A 1 31  ? -19.741 3.498   3.997   1.00 55.63  ? 340 LYS A CG  1 
ATOM   227  C CD  . LYS A 1 31  ? -20.775 4.214   3.135   1.00 59.64  ? 340 LYS A CD  1 
ATOM   228  C CE  . LYS A 1 31  ? -21.819 3.228   2.611   1.00 62.47  ? 340 LYS A CE  1 
ATOM   229  N NZ  . LYS A 1 31  ? -22.888 3.880   1.792   1.00 65.56  ? 340 LYS A NZ  1 
ATOM   230  N N   . GLU A 1 32  ? -16.027 3.320   3.966   1.00 45.72  ? 341 GLU A N   1 
ATOM   231  C CA  . GLU A 1 32  ? -15.141 2.480   3.171   1.00 45.78  ? 341 GLU A CA  1 
ATOM   232  C C   . GLU A 1 32  ? -14.329 1.525   4.043   1.00 43.65  ? 341 GLU A C   1 
ATOM   233  O O   . GLU A 1 32  ? -14.103 0.372   3.667   1.00 43.10  ? 341 GLU A O   1 
ATOM   234  C CB  . GLU A 1 32  ? -14.192 3.345   2.336   1.00 49.72  ? 341 GLU A CB  1 
ATOM   235  C CG  . GLU A 1 32  ? -14.712 3.680   0.945   1.00 56.96  ? 341 GLU A CG  1 
ATOM   236  C CD  . GLU A 1 32  ? -13.690 4.437   0.109   1.00 61.26  ? 341 GLU A CD  1 
ATOM   237  O OE1 . GLU A 1 32  ? -13.422 5.620   0.418   1.00 63.74  ? 341 GLU A OE1 1 
ATOM   238  O OE2 . GLU A 1 32  ? -13.145 3.848   -0.854  1.00 62.94  ? 341 GLU A OE2 1 
ATOM   239  N N   . VAL A 1 33  ? -13.889 2.002   5.204   1.00 40.54  ? 342 VAL A N   1 
ATOM   240  C CA  . VAL A 1 33  ? -13.106 1.166   6.108   1.00 39.84  ? 342 VAL A CA  1 
ATOM   241  C C   . VAL A 1 33  ? -13.968 0.044   6.694   1.00 40.11  ? 342 VAL A C   1 
ATOM   242  O O   . VAL A 1 33  ? -13.531 -1.104  6.768   1.00 38.07  ? 342 VAL A O   1 
ATOM   243  C CB  . VAL A 1 33  ? -12.482 2.000   7.260   1.00 38.21  ? 342 VAL A CB  1 
ATOM   244  C CG1 . VAL A 1 33  ? -11.758 1.087   8.240   1.00 37.46  ? 342 VAL A CG1 1 
ATOM   245  C CG2 . VAL A 1 33  ? -11.502 3.020   6.684   1.00 38.17  ? 342 VAL A CG2 1 
ATOM   246  N N   . ARG A 1 34  ? -15.190 0.368   7.106   1.00 41.64  ? 343 ARG A N   1 
ATOM   247  C CA  . ARG A 1 34  ? -16.077 -0.653  7.660   1.00 44.46  ? 343 ARG A CA  1 
ATOM   248  C C   . ARG A 1 34  ? -16.323 -1.789  6.656   1.00 43.67  ? 343 ARG A C   1 
ATOM   249  O O   . ARG A 1 34  ? -16.388 -2.954  7.042   1.00 44.17  ? 343 ARG A O   1 
ATOM   250  C CB  . ARG A 1 34  ? -17.418 -0.038  8.095   1.00 47.10  ? 343 ARG A CB  1 
ATOM   251  C CG  . ARG A 1 34  ? -17.340 0.868   9.324   1.00 50.26  ? 343 ARG A CG  1 
ATOM   252  C CD  . ARG A 1 34  ? -16.535 0.215   10.452  1.00 56.70  ? 343 ARG A CD  1 
ATOM   253  N NE  . ARG A 1 34  ? -17.055 -1.090  10.865  1.00 60.67  ? 343 ARG A NE  1 
ATOM   254  C CZ  . ARG A 1 34  ? -18.153 -1.269  11.596  1.00 63.52  ? 343 ARG A CZ  1 
ATOM   255  N NH1 . ARG A 1 34  ? -18.862 -0.224  12.007  1.00 63.99  ? 343 ARG A NH1 1 
ATOM   256  N NH2 . ARG A 1 34  ? -18.545 -2.498  11.917  1.00 64.11  ? 343 ARG A NH2 1 
ATOM   257  N N   . SER A 1 35  ? -16.443 -1.453  5.372   1.00 44.23  ? 344 SER A N   1 
ATOM   258  C CA  . SER A 1 35  ? -16.672 -2.465  4.333   1.00 44.04  ? 344 SER A CA  1 
ATOM   259  C C   . SER A 1 35  ? -15.531 -3.473  4.310   1.00 42.36  ? 344 SER A C   1 
ATOM   260  O O   . SER A 1 35  ? -15.758 -4.680  4.315   1.00 40.56  ? 344 SER A O   1 
ATOM   261  C CB  . SER A 1 35  ? -16.780 -1.811  2.956   1.00 44.31  ? 344 SER A CB  1 
ATOM   262  O OG  . SER A 1 35  ? -17.773 -0.803  2.954   1.00 50.33  ? 344 SER A OG  1 
ATOM   263  N N   . VAL A 1 36  ? -14.305 -2.959  4.276   1.00 40.12  ? 345 VAL A N   1 
ATOM   264  C CA  . VAL A 1 36  ? -13.115 -3.799  4.270   1.00 39.44  ? 345 VAL A CA  1 
ATOM   265  C C   . VAL A 1 36  ? -13.057 -4.642  5.548   1.00 38.63  ? 345 VAL A C   1 
ATOM   266  O O   . VAL A 1 36  ? -12.791 -5.845  5.501   1.00 38.03  ? 345 VAL A O   1 
ATOM   267  C CB  . VAL A 1 36  ? -11.817 -2.935  4.182   1.00 40.27  ? 345 VAL A CB  1 
ATOM   268  C CG1 . VAL A 1 36  ? -10.588 -3.818  4.291   1.00 39.88  ? 345 VAL A CG1 1 
ATOM   269  C CG2 . VAL A 1 36  ? -11.791 -2.167  2.870   1.00 41.49  ? 345 VAL A CG2 1 
ATOM   270  N N   . VAL A 1 37  ? -13.309 -3.998  6.688   1.00 37.56  ? 346 VAL A N   1 
ATOM   271  C CA  . VAL A 1 37  ? -13.271 -4.669  7.990   1.00 37.52  ? 346 VAL A CA  1 
ATOM   272  C C   . VAL A 1 37  ? -14.324 -5.777  8.116   1.00 37.35  ? 346 VAL A C   1 
ATOM   273  O O   . VAL A 1 37  ? -14.034 -6.880  8.579   1.00 36.45  ? 346 VAL A O   1 
ATOM   274  C CB  . VAL A 1 37  ? -13.462 -3.642  9.139   1.00 35.13  ? 346 VAL A CB  1 
ATOM   275  C CG1 . VAL A 1 37  ? -13.645 -4.367  10.462  1.00 36.20  ? 346 VAL A CG1 1 
ATOM   276  C CG2 . VAL A 1 37  ? -12.243 -2.717  9.215   1.00 36.94  ? 346 VAL A CG2 1 
ATOM   277  N N   . THR A 1 38  ? -15.548 -5.478  7.706   1.00 38.86  ? 347 THR A N   1 
ATOM   278  C CA  . THR A 1 38  ? -16.620 -6.464  7.776   1.00 39.64  ? 347 THR A CA  1 
ATOM   279  C C   . THR A 1 38  ? -16.270 -7.690  6.928   1.00 39.66  ? 347 THR A C   1 
ATOM   280  O O   . THR A 1 38  ? -16.461 -8.831  7.356   1.00 39.58  ? 347 THR A O   1 
ATOM   281  C CB  . THR A 1 38  ? -17.941 -5.854  7.287   1.00 40.21  ? 347 THR A CB  1 
ATOM   282  O OG1 . THR A 1 38  ? -18.272 -4.740  8.124   1.00 40.61  ? 347 THR A OG1 1 
ATOM   283  C CG2 . THR A 1 38  ? -19.071 -6.893  7.331   1.00 41.16  ? 347 THR A CG2 1 
ATOM   284  N N   . SER A 1 39  ? -15.743 -7.448  5.733   1.00 39.64  ? 348 SER A N   1 
ATOM   285  C CA  . SER A 1 39  ? -15.361 -8.538  4.841   1.00 40.62  ? 348 SER A CA  1 
ATOM   286  C C   . SER A 1 39  ? -14.287 -9.425  5.485   1.00 41.00  ? 348 SER A C   1 
ATOM   287  O O   . SER A 1 39  ? -14.390 -10.658 5.469   1.00 39.65  ? 348 SER A O   1 
ATOM   288  C CB  . SER A 1 39  ? -14.853 -7.971  3.507   1.00 42.91  ? 348 SER A CB  1 
ATOM   289  O OG  . SER A 1 39  ? -14.399 -9.007  2.651   1.00 47.19  ? 348 SER A OG  1 
ATOM   290  N N   . LEU A 1 40  ? -13.264 -8.798  6.065   1.00 39.77  ? 349 LEU A N   1 
ATOM   291  C CA  . LEU A 1 40  ? -12.181 -9.538  6.715   1.00 39.01  ? 349 LEU A CA  1 
ATOM   292  C C   . LEU A 1 40  ? -12.698 -10.263 7.960   1.00 37.89  ? 349 LEU A C   1 
ATOM   293  O O   . LEU A 1 40  ? -12.253 -11.367 8.285   1.00 36.56  ? 349 LEU A O   1 
ATOM   294  C CB  . LEU A 1 40  ? -11.053 -8.577  7.130   1.00 39.54  ? 349 LEU A CB  1 
ATOM   295  C CG  . LEU A 1 40  ? -9.600  -9.073  7.155   1.00 43.06  ? 349 LEU A CG  1 
ATOM   296  C CD1 . LEU A 1 40  ? -8.744  -8.088  7.955   1.00 42.46  ? 349 LEU A CD1 1 
ATOM   297  C CD2 . LEU A 1 40  ? -9.504  -10.446 7.769   1.00 42.24  ? 349 LEU A CD2 1 
ATOM   298  N N   . ALA A 1 41  ? -13.629 -9.630  8.662   1.00 36.64  ? 350 ALA A N   1 
ATOM   299  C CA  . ALA A 1 41  ? -14.183 -10.220 9.874   1.00 37.71  ? 350 ALA A CA  1 
ATOM   300  C C   . ALA A 1 41  ? -14.901 -11.533 9.565   1.00 37.72  ? 350 ALA A C   1 
ATOM   301  O O   . ALA A 1 41  ? -14.827 -12.489 10.353  1.00 35.24  ? 350 ALA A O   1 
ATOM   302  C CB  . ALA A 1 41  ? -15.139 -9.236  10.557  1.00 36.44  ? 350 ALA A CB  1 
ATOM   303  N N   . SER A 1 42  ? -15.583 -11.590 8.421   1.00 36.95  ? 351 SER A N   1 
ATOM   304  C CA  . SER A 1 42  ? -16.295 -12.815 8.064   1.00 38.36  ? 351 SER A CA  1 
ATOM   305  C C   . SER A 1 42  ? -15.268 -13.922 7.826   1.00 37.48  ? 351 SER A C   1 
ATOM   306  O O   . SER A 1 42  ? -15.546 -15.093 8.064   1.00 37.05  ? 351 SER A O   1 
ATOM   307  C CB  . SER A 1 42  ? -17.183 -12.607 6.832   1.00 36.67  ? 351 SER A CB  1 
ATOM   308  O OG  . SER A 1 42  ? -16.466 -12.791 5.631   1.00 43.23  ? 351 SER A OG  1 
ATOM   309  N N   . PHE A 1 43  ? -14.073 -13.551 7.367   1.00 37.66  ? 352 PHE A N   1 
ATOM   310  C CA  . PHE A 1 43  ? -13.025 -14.541 7.165   1.00 37.28  ? 352 PHE A CA  1 
ATOM   311  C C   . PHE A 1 43  ? -12.535 -15.012 8.536   1.00 39.12  ? 352 PHE A C   1 
ATOM   312  O O   . PHE A 1 43  ? -12.330 -16.212 8.751   1.00 40.07  ? 352 PHE A O   1 
ATOM   313  C CB  . PHE A 1 43  ? -11.852 -13.957 6.367   1.00 38.56  ? 352 PHE A CB  1 
ATOM   314  C CG  . PHE A 1 43  ? -10.638 -14.862 6.317   1.00 39.34  ? 352 PHE A CG  1 
ATOM   315  C CD1 . PHE A 1 43  ? -9.522  -14.602 7.115   1.00 40.30  ? 352 PHE A CD1 1 
ATOM   316  C CD2 . PHE A 1 43  ? -10.626 -15.989 5.499   1.00 39.74  ? 352 PHE A CD2 1 
ATOM   317  C CE1 . PHE A 1 43  ? -8.410  -15.456 7.099   1.00 39.46  ? 352 PHE A CE1 1 
ATOM   318  C CE2 . PHE A 1 43  ? -9.522  -16.851 5.475   1.00 40.71  ? 352 PHE A CE2 1 
ATOM   319  C CZ  . PHE A 1 43  ? -8.412  -16.582 6.278   1.00 40.83  ? 352 PHE A CZ  1 
ATOM   320  N N   . LEU A 1 44  ? -12.359 -14.075 9.468   1.00 38.27  ? 353 LEU A N   1 
ATOM   321  C CA  . LEU A 1 44  ? -11.893 -14.431 10.809  1.00 39.28  ? 353 LEU A CA  1 
ATOM   322  C C   . LEU A 1 44  ? -12.901 -15.336 11.527  1.00 37.76  ? 353 LEU A C   1 
ATOM   323  O O   . LEU A 1 44  ? -12.514 -16.226 12.287  1.00 37.62  ? 353 LEU A O   1 
ATOM   324  C CB  . LEU A 1 44  ? -11.623 -13.171 11.656  1.00 39.61  ? 353 LEU A CB  1 
ATOM   325  C CG  . LEU A 1 44  ? -10.496 -12.236 11.187  1.00 42.10  ? 353 LEU A CG  1 
ATOM   326  C CD1 . LEU A 1 44  ? -10.304 -11.121 12.210  1.00 42.51  ? 353 LEU A CD1 1 
ATOM   327  C CD2 . LEU A 1 44  ? -9.199  -13.020 11.010  1.00 42.30  ? 353 LEU A CD2 1 
ATOM   328  N N   . PHE A 1 45  ? -14.191 -15.110 11.290  1.00 36.99  ? 354 PHE A N   1 
ATOM   329  C CA  . PHE A 1 45  ? -15.211 -15.947 11.914  1.00 35.72  ? 354 PHE A CA  1 
ATOM   330  C C   . PHE A 1 45  ? -15.026 -17.408 11.494  1.00 36.06  ? 354 PHE A C   1 
ATOM   331  O O   . PHE A 1 45  ? -15.087 -18.316 12.328  1.00 35.44  ? 354 PHE A O   1 
ATOM   332  C CB  . PHE A 1 45  ? -16.614 -15.482 11.516  1.00 37.35  ? 354 PHE A CB  1 
ATOM   333  C CG  . PHE A 1 45  ? -17.719 -16.324 12.102  1.00 37.16  ? 354 PHE A CG  1 
ATOM   334  C CD1 . PHE A 1 45  ? -18.169 -16.101 13.396  1.00 37.87  ? 354 PHE A CD1 1 
ATOM   335  C CD2 . PHE A 1 45  ? -18.283 -17.361 11.367  1.00 36.54  ? 354 PHE A CD2 1 
ATOM   336  C CE1 . PHE A 1 45  ? -19.171 -16.903 13.953  1.00 39.35  ? 354 PHE A CE1 1 
ATOM   337  C CE2 . PHE A 1 45  ? -19.281 -18.166 11.911  1.00 37.64  ? 354 PHE A CE2 1 
ATOM   338  C CZ  . PHE A 1 45  ? -19.725 -17.935 13.209  1.00 38.53  ? 354 PHE A CZ  1 
ATOM   339  N N   . GLN A 1 46  ? -14.792 -17.632 10.202  1.00 36.59  ? 355 GLN A N   1 
ATOM   340  C CA  . GLN A 1 46  ? -14.605 -18.984 9.683   1.00 39.47  ? 355 GLN A CA  1 
ATOM   341  C C   . GLN A 1 46  ? -13.350 -19.635 10.230  1.00 41.27  ? 355 GLN A C   1 
ATOM   342  O O   . GLN A 1 46  ? -13.317 -20.848 10.432  1.00 42.21  ? 355 GLN A O   1 
ATOM   343  C CB  . GLN A 1 46  ? -14.501 -18.987 8.154   1.00 40.21  ? 355 GLN A CB  1 
ATOM   344  C CG  . GLN A 1 46  ? -15.576 -18.201 7.437   1.00 44.79  ? 355 GLN A CG  1 
ATOM   345  C CD  . GLN A 1 46  ? -15.893 -18.767 6.060   1.00 47.58  ? 355 GLN A CD  1 
ATOM   346  O OE1 . GLN A 1 46  ? -15.010 -19.280 5.365   1.00 48.93  ? 355 GLN A OE1 1 
ATOM   347  N NE2 . GLN A 1 46  ? -17.158 -18.666 5.654   1.00 47.66  ? 355 GLN A NE2 1 
ATOM   348  N N   . GLN A 1 47  ? -12.319 -18.824 10.464  1.00 41.54  ? 356 GLN A N   1 
ATOM   349  C CA  . GLN A 1 47  ? -11.040 -19.319 10.962  1.00 42.46  ? 356 GLN A CA  1 
ATOM   350  C C   . GLN A 1 47  ? -10.985 -19.615 12.460  1.00 43.04  ? 356 GLN A C   1 
ATOM   351  O O   . GLN A 1 47  ? -9.997  -20.171 12.943  1.00 42.43  ? 356 GLN A O   1 
ATOM   352  C CB  . GLN A 1 47  ? -9.926  -18.333 10.603  1.00 41.85  ? 356 GLN A CB  1 
ATOM   353  C CG  . GLN A 1 47  ? -9.759  -18.132 9.112   1.00 42.52  ? 356 GLN A CG  1 
ATOM   354  C CD  . GLN A 1 47  ? -9.519  -19.438 8.375   1.00 44.03  ? 356 GLN A CD  1 
ATOM   355  O OE1 . GLN A 1 47  ? -10.302 -19.825 7.504   1.00 46.46  ? 356 GLN A OE1 1 
ATOM   356  N NE2 . GLN A 1 47  ? -8.439  -20.126 8.721   1.00 41.43  ? 356 GLN A NE2 1 
ATOM   357  N N   . GLN A 1 48  ? -12.027 -19.245 13.198  1.00 42.64  ? 357 GLN A N   1 
ATOM   358  C CA  . GLN A 1 48  ? -12.041 -19.512 14.634  1.00 45.78  ? 357 GLN A CA  1 
ATOM   359  C C   . GLN A 1 48  ? -11.937 -21.006 14.901  1.00 46.85  ? 357 GLN A C   1 
ATOM   360  O O   . GLN A 1 48  ? -12.618 -21.813 14.265  1.00 45.64  ? 357 GLN A O   1 
ATOM   361  C CB  . GLN A 1 48  ? -13.324 -18.983 15.274  1.00 45.48  ? 357 GLN A CB  1 
ATOM   362  C CG  . GLN A 1 48  ? -13.407 -17.485 15.359  1.00 44.54  ? 357 GLN A CG  1 
ATOM   363  C CD  . GLN A 1 48  ? -14.750 -17.031 15.872  1.00 46.54  ? 357 GLN A CD  1 
ATOM   364  O OE1 . GLN A 1 48  ? -15.779 -17.241 15.224  1.00 47.38  ? 357 GLN A OE1 1 
ATOM   365  N NE2 . GLN A 1 48  ? -14.756 -16.414 17.047  1.00 44.45  ? 357 GLN A NE2 1 
ATOM   366  N N   . ASN A 1 49  ? -11.088 -21.371 15.849  1.00 49.19  ? 358 ASN A N   1 
ATOM   367  C CA  . ASN A 1 49  ? -10.910 -22.773 16.185  1.00 52.54  ? 358 ASN A CA  1 
ATOM   368  C C   . ASN A 1 49  ? -12.155 -23.333 16.865  1.00 52.07  ? 358 ASN A C   1 
ATOM   369  O O   . ASN A 1 49  ? -13.001 -22.584 17.361  1.00 49.68  ? 358 ASN A O   1 
ATOM   370  C CB  . ASN A 1 49  ? -9.691  -22.948 17.094  1.00 56.75  ? 358 ASN A CB  1 
ATOM   371  C CG  . ASN A 1 49  ? -8.402  -22.484 16.433  1.00 60.84  ? 358 ASN A CG  1 
ATOM   372  O OD1 . ASN A 1 49  ? -8.161  -22.759 15.256  1.00 62.67  ? 358 ASN A OD1 1 
ATOM   373  N ND2 . ASN A 1 49  ? -7.559  -21.787 17.194  1.00 62.86  ? 358 ASN A ND2 1 
ATOM   374  N N   . VAL A 1 50  ? -12.272 -24.657 16.861  1.00 53.65  ? 359 VAL A N   1 
ATOM   375  C CA  . VAL A 1 50  ? -13.405 -25.320 17.491  1.00 55.45  ? 359 VAL A CA  1 
ATOM   376  C C   . VAL A 1 50  ? -13.488 -24.879 18.947  1.00 56.19  ? 359 VAL A C   1 
ATOM   377  O O   . VAL A 1 50  ? -12.472 -24.776 19.634  1.00 55.57  ? 359 VAL A O   1 
ATOM   378  C CB  . VAL A 1 50  ? -13.260 -26.855 17.411  1.00 55.90  ? 359 VAL A CB  1 
ATOM   379  C CG1 . VAL A 1 50  ? -11.806 -27.251 17.605  1.00 57.43  ? 359 VAL A CG1 1 
ATOM   380  C CG2 . VAL A 1 50  ? -14.136 -27.520 18.469  1.00 56.70  ? 359 VAL A CG2 1 
ATOM   381  N N   . GLY A 1 51  ? -14.703 -24.600 19.404  1.00 58.05  ? 360 GLY A N   1 
ATOM   382  C CA  . GLY A 1 51  ? -14.892 -24.159 20.773  1.00 59.77  ? 360 GLY A CA  1 
ATOM   383  C C   . GLY A 1 51  ? -14.722 -22.657 20.911  1.00 61.54  ? 360 GLY A C   1 
ATOM   384  O O   . GLY A 1 51  ? -15.038 -22.080 21.952  1.00 61.82  ? 360 GLY A O   1 
ATOM   385  N N   . VAL A 1 52  ? -14.219 -22.016 19.862  1.00 62.05  ? 361 VAL A N   1 
ATOM   386  C CA  . VAL A 1 52  ? -14.021 -20.574 19.892  1.00 62.95  ? 361 VAL A CA  1 
ATOM   387  C C   . VAL A 1 52  ? -15.118 -19.871 19.100  1.00 63.28  ? 361 VAL A C   1 
ATOM   388  O O   . VAL A 1 52  ? -15.306 -20.125 17.908  1.00 63.26  ? 361 VAL A O   1 
ATOM   389  C CB  . VAL A 1 52  ? -12.645 -20.181 19.306  1.00 62.85  ? 361 VAL A CB  1 
ATOM   390  C CG1 . VAL A 1 52  ? -12.453 -18.675 19.400  1.00 62.27  ? 361 VAL A CG1 1 
ATOM   391  C CG2 . VAL A 1 52  ? -11.536 -20.907 20.052  1.00 61.75  ? 361 VAL A CG2 1 
ATOM   392  N N   . MET A 1 53  ? -15.847 -18.991 19.775  1.00 63.72  ? 362 MET A N   1 
ATOM   393  C CA  . MET A 1 53  ? -16.927 -18.239 19.150  1.00 63.79  ? 362 MET A CA  1 
ATOM   394  C C   . MET A 1 53  ? -17.033 -16.849 19.759  1.00 63.28  ? 362 MET A C   1 
ATOM   395  O O   . MET A 1 53  ? -17.704 -16.657 20.776  1.00 65.02  ? 362 MET A O   1 
ATOM   396  C CB  . MET A 1 53  ? -18.256 -18.978 19.327  1.00 66.39  ? 362 MET A CB  1 
ATOM   397  C CG  . MET A 1 53  ? -18.501 -20.083 18.318  1.00 68.63  ? 362 MET A CG  1 
ATOM   398  S SD  . MET A 1 53  ? -18.942 -19.444 16.681  1.00 72.93  ? 362 MET A SD  1 
ATOM   399  C CE  . MET A 1 53  ? -20.711 -19.787 16.638  1.00 69.00  ? 362 MET A CE  1 
ATOM   400  N N   . LYS A 1 54  ? -16.359 -15.884 19.139  1.00 60.15  ? 363 LYS A N   1 
ATOM   401  C CA  . LYS A 1 54  ? -16.382 -14.506 19.613  1.00 57.35  ? 363 LYS A CA  1 
ATOM   402  C C   . LYS A 1 54  ? -17.464 -13.740 18.866  1.00 54.09  ? 363 LYS A C   1 
ATOM   403  O O   . LYS A 1 54  ? -17.910 -14.165 17.803  1.00 53.35  ? 363 LYS A O   1 
ATOM   404  C CB  . LYS A 1 54  ? -15.024 -13.835 19.380  1.00 59.28  ? 363 LYS A CB  1 
ATOM   405  C CG  . LYS A 1 54  ? -13.871 -14.462 20.148  1.00 62.26  ? 363 LYS A CG  1 
ATOM   406  C CD  . LYS A 1 54  ? -12.573 -13.709 19.894  1.00 65.67  ? 363 LYS A CD  1 
ATOM   407  C CE  . LYS A 1 54  ? -11.413 -14.357 20.634  1.00 68.02  ? 363 LYS A CE  1 
ATOM   408  N NZ  . LYS A 1 54  ? -10.139 -13.604 20.438  1.00 69.96  ? 363 LYS A NZ  1 
ATOM   409  N N   . SER A 1 55  ? -17.888 -12.615 19.428  1.00 52.17  ? 364 SER A N   1 
ATOM   410  C CA  . SER A 1 55  ? -18.917 -11.796 18.797  1.00 50.23  ? 364 SER A CA  1 
ATOM   411  C C   . SER A 1 55  ? -18.368 -11.256 17.481  1.00 48.99  ? 364 SER A C   1 
ATOM   412  O O   . SER A 1 55  ? -17.154 -11.082 17.332  1.00 47.81  ? 364 SER A O   1 
ATOM   413  C CB  . SER A 1 55  ? -19.303 -10.635 19.717  1.00 50.87  ? 364 SER A CB  1 
ATOM   414  O OG  . SER A 1 55  ? -18.209 -9.754  19.899  1.00 51.96  ? 364 SER A OG  1 
ATOM   415  N N   . PHE A 1 56  ? -19.254 -10.991 16.529  1.00 46.68  ? 365 PHE A N   1 
ATOM   416  C CA  . PHE A 1 56  ? -18.816 -10.480 15.236  1.00 46.56  ? 365 PHE A CA  1 
ATOM   417  C C   . PHE A 1 56  ? -18.124 -9.122  15.409  1.00 46.47  ? 365 PHE A C   1 
ATOM   418  O O   . PHE A 1 56  ? -17.131 -8.826  14.743  1.00 44.72  ? 365 PHE A O   1 
ATOM   419  C CB  . PHE A 1 56  ? -20.006 -10.331 14.287  1.00 44.31  ? 365 PHE A CB  1 
ATOM   420  C CG  . PHE A 1 56  ? -19.613 -10.232 12.841  1.00 43.54  ? 365 PHE A CG  1 
ATOM   421  C CD1 . PHE A 1 56  ? -19.201 -11.360 12.141  1.00 43.34  ? 365 PHE A CD1 1 
ATOM   422  C CD2 . PHE A 1 56  ? -19.656 -9.011  12.179  1.00 42.85  ? 365 PHE A CD2 1 
ATOM   423  C CE1 . PHE A 1 56  ? -18.838 -11.272 10.798  1.00 43.78  ? 365 PHE A CE1 1 
ATOM   424  C CE2 . PHE A 1 56  ? -19.296 -8.911  10.836  1.00 44.38  ? 365 PHE A CE2 1 
ATOM   425  C CZ  . PHE A 1 56  ? -18.886 -10.047 10.145  1.00 44.03  ? 365 PHE A CZ  1 
ATOM   426  N N   . ASP A 1 57  ? -18.661 -8.305  16.310  1.00 46.29  ? 366 ASP A N   1 
ATOM   427  C CA  . ASP A 1 57  ? -18.102 -6.988  16.583  1.00 46.76  ? 366 ASP A CA  1 
ATOM   428  C C   . ASP A 1 57  ? -16.664 -7.154  17.059  1.00 45.70  ? 366 ASP A C   1 
ATOM   429  O O   . ASP A 1 57  ? -15.771 -6.402  16.673  1.00 44.93  ? 366 ASP A O   1 
ATOM   430  C CB  . ASP A 1 57  ? -18.950 -6.275  17.645  1.00 49.06  ? 366 ASP A CB  1 
ATOM   431  C CG  . ASP A 1 57  ? -18.346 -4.952  18.093  1.00 52.58  ? 366 ASP A CG  1 
ATOM   432  O OD1 . ASP A 1 57  ? -17.518 -4.967  19.032  1.00 54.81  ? 366 ASP A OD1 1 
ATOM   433  O OD2 . ASP A 1 57  ? -18.693 -3.902  17.505  1.00 52.05  ? 366 ASP A OD2 1 
ATOM   434  N N   . SER A 1 58  ? -16.446 -8.162  17.891  1.00 44.87  ? 367 SER A N   1 
ATOM   435  C CA  . SER A 1 58  ? -15.120 -8.431  18.404  1.00 45.18  ? 367 SER A CA  1 
ATOM   436  C C   . SER A 1 58  ? -14.215 -8.840  17.233  1.00 44.74  ? 367 SER A C   1 
ATOM   437  O O   . SER A 1 58  ? -13.054 -8.427  17.152  1.00 41.75  ? 367 SER A O   1 
ATOM   438  C CB  . SER A 1 58  ? -15.194 -9.548  19.442  1.00 46.90  ? 367 SER A CB  1 
ATOM   439  O OG  . SER A 1 58  ? -14.150 -9.424  20.388  1.00 51.87  ? 367 SER A OG  1 
ATOM   440  N N   . LEU A 1 59  ? -14.758 -9.646  16.323  1.00 41.78  ? 368 LEU A N   1 
ATOM   441  C CA  . LEU A 1 59  ? -13.998 -10.096 15.163  1.00 40.96  ? 368 LEU A CA  1 
ATOM   442  C C   . LEU A 1 59  ? -13.642 -8.930  14.243  1.00 39.19  ? 368 LEU A C   1 
ATOM   443  O O   . LEU A 1 59  ? -12.566 -8.924  13.644  1.00 38.22  ? 368 LEU A O   1 
ATOM   444  C CB  . LEU A 1 59  ? -14.787 -11.163 14.392  1.00 40.93  ? 368 LEU A CB  1 
ATOM   445  C CG  . LEU A 1 59  ? -14.966 -12.485 15.152  1.00 42.32  ? 368 LEU A CG  1 
ATOM   446  C CD1 . LEU A 1 59  ? -15.946 -13.403 14.420  1.00 43.27  ? 368 LEU A CD1 1 
ATOM   447  C CD2 . LEU A 1 59  ? -13.608 -13.152 15.296  1.00 43.09  ? 368 LEU A CD2 1 
ATOM   448  N N   . GLU A 1 60  ? -14.544 -7.953  14.132  1.00 38.22  ? 369 GLU A N   1 
ATOM   449  C CA  . GLU A 1 60  ? -14.314 -6.773  13.294  1.00 39.08  ? 369 GLU A CA  1 
ATOM   450  C C   . GLU A 1 60  ? -13.192 -5.898  13.864  1.00 39.82  ? 369 GLU A C   1 
ATOM   451  O O   . GLU A 1 60  ? -12.331 -5.405  13.127  1.00 38.29  ? 369 GLU A O   1 
ATOM   452  C CB  . GLU A 1 60  ? -15.590 -5.930  13.176  1.00 41.14  ? 369 GLU A CB  1 
ATOM   453  C CG  . GLU A 1 60  ? -16.708 -6.570  12.356  1.00 43.75  ? 369 GLU A CG  1 
ATOM   454  C CD  . GLU A 1 60  ? -17.937 -5.687  12.271  1.00 46.08  ? 369 GLU A CD  1 
ATOM   455  O OE1 . GLU A 1 60  ? -18.427 -5.255  13.334  1.00 49.23  ? 369 GLU A OE1 1 
ATOM   456  O OE2 . GLU A 1 60  ? -18.419 -5.422  11.147  1.00 48.06  ? 369 GLU A OE2 1 
ATOM   457  N N   . LYS A 1 61  ? -13.208 -5.697  15.177  1.00 39.81  ? 370 LYS A N   1 
ATOM   458  C CA  . LYS A 1 61  ? -12.177 -4.892  15.810  1.00 40.05  ? 370 LYS A CA  1 
ATOM   459  C C   . LYS A 1 61  ? -10.824 -5.586  15.679  1.00 40.12  ? 370 LYS A C   1 
ATOM   460  O O   . LYS A 1 61  ? -9.797  -4.929  15.531  1.00 39.29  ? 370 LYS A O   1 
ATOM   461  C CB  . LYS A 1 61  ? -12.551 -4.626  17.267  1.00 41.52  ? 370 LYS A CB  1 
ATOM   462  C CG  . LYS A 1 61  ? -13.709 -3.641  17.361  1.00 44.87  ? 370 LYS A CG  1 
ATOM   463  C CD  . LYS A 1 61  ? -14.229 -3.442  18.767  1.00 49.04  ? 370 LYS A CD  1 
ATOM   464  C CE  . LYS A 1 61  ? -15.338 -2.388  18.763  1.00 51.45  ? 370 LYS A CE  1 
ATOM   465  N NZ  . LYS A 1 61  ? -15.902 -2.162  20.125  1.00 55.26  ? 370 LYS A NZ  1 
ATOM   466  N N   . GLU A 1 62  ? -10.828 -6.917  15.699  1.00 39.83  ? 371 GLU A N   1 
ATOM   467  C CA  . GLU A 1 62  ? -9.595  -7.682  15.540  1.00 40.46  ? 371 GLU A CA  1 
ATOM   468  C C   . GLU A 1 62  ? -9.117  -7.594  14.080  1.00 40.43  ? 371 GLU A C   1 
ATOM   469  O O   . GLU A 1 62  ? -7.911  -7.550  13.809  1.00 38.14  ? 371 GLU A O   1 
ATOM   470  C CB  . GLU A 1 62  ? -9.829  -9.141  15.935  1.00 42.93  ? 371 GLU A CB  1 
ATOM   471  C CG  . GLU A 1 62  ? -8.671  -10.070 15.629  1.00 49.20  ? 371 GLU A CG  1 
ATOM   472  C CD  . GLU A 1 62  ? -8.895  -11.486 16.155  1.00 54.15  ? 371 GLU A CD  1 
ATOM   473  O OE1 . GLU A 1 62  ? -8.110  -12.385 15.782  1.00 55.40  ? 371 GLU A OE1 1 
ATOM   474  O OE2 . GLU A 1 62  ? -9.846  -11.698 16.945  1.00 55.32  ? 371 GLU A OE2 1 
ATOM   475  N N   . ALA A 1 63  ? -10.065 -7.562  13.146  1.00 38.55  ? 372 ALA A N   1 
ATOM   476  C CA  . ALA A 1 63  ? -9.730  -7.470  11.726  1.00 39.30  ? 372 ALA A CA  1 
ATOM   477  C C   . ALA A 1 63  ? -9.095  -6.116  11.434  1.00 39.41  ? 372 ALA A C   1 
ATOM   478  O O   . ALA A 1 63  ? -8.094  -6.026  10.723  1.00 37.50  ? 372 ALA A O   1 
ATOM   479  C CB  . ALA A 1 63  ? -10.987 -7.650  10.863  1.00 37.84  ? 372 ALA A CB  1 
ATOM   480  N N   . PHE A 1 64  ? -9.703  -5.068  11.985  1.00 38.43  ? 373 PHE A N   1 
ATOM   481  C CA  . PHE A 1 64  ? -9.233  -3.704  11.800  1.00 39.97  ? 373 PHE A CA  1 
ATOM   482  C C   . PHE A 1 64  ? -7.813  -3.547  12.343  1.00 41.31  ? 373 PHE A C   1 
ATOM   483  O O   . PHE A 1 64  ? -6.966  -2.924  11.710  1.00 40.21  ? 373 PHE A O   1 
ATOM   484  C CB  . PHE A 1 64  ? -10.181 -2.745  12.512  1.00 39.09  ? 373 PHE A CB  1 
ATOM   485  C CG  . PHE A 1 64  ? -9.737  -1.314  12.483  1.00 40.05  ? 373 PHE A CG  1 
ATOM   486  C CD1 . PHE A 1 64  ? -9.639  -0.625  11.282  1.00 38.70  ? 373 PHE A CD1 1 
ATOM   487  C CD2 . PHE A 1 64  ? -9.436  -0.648  13.667  1.00 41.80  ? 373 PHE A CD2 1 
ATOM   488  C CE1 . PHE A 1 64  ? -9.252  0.711   11.259  1.00 40.72  ? 373 PHE A CE1 1 
ATOM   489  C CE2 . PHE A 1 64  ? -9.047  0.692   13.653  1.00 42.42  ? 373 PHE A CE2 1 
ATOM   490  C CZ  . PHE A 1 64  ? -8.955  1.370   12.442  1.00 40.07  ? 373 PHE A CZ  1 
ATOM   491  N N   . ARG A 1 65  ? -7.564  -4.119  13.516  1.00 41.37  ? 374 ARG A N   1 
ATOM   492  C CA  . ARG A 1 65  ? -6.248  -4.048  14.130  1.00 42.50  ? 374 ARG A CA  1 
ATOM   493  C C   . ARG A 1 65  ? -5.221  -4.794  13.286  1.00 41.87  ? 374 ARG A C   1 
ATOM   494  O O   . ARG A 1 65  ? -4.082  -4.348  13.149  1.00 39.61  ? 374 ARG A O   1 
ATOM   495  C CB  . ARG A 1 65  ? -6.290  -4.652  15.531  1.00 46.80  ? 374 ARG A CB  1 
ATOM   496  C CG  . ARG A 1 65  ? -4.930  -4.734  16.220  1.00 53.16  ? 374 ARG A CG  1 
ATOM   497  C CD  . ARG A 1 65  ? -4.740  -6.106  16.858  1.00 57.73  ? 374 ARG A CD  1 
ATOM   498  N NE  . ARG A 1 65  ? -5.852  -6.446  17.747  1.00 62.28  ? 374 ARG A NE  1 
ATOM   499  C CZ  . ARG A 1 65  ? -6.185  -7.686  18.095  1.00 64.18  ? 374 ARG A CZ  1 
ATOM   500  N NH1 . ARG A 1 65  ? -5.489  -8.721  17.631  1.00 64.34  ? 374 ARG A NH1 1 
ATOM   501  N NH2 . ARG A 1 65  ? -7.226  -7.896  18.894  1.00 63.52  ? 374 ARG A NH2 1 
ATOM   502  N N   . ASP A 1 66  ? -5.619  -5.937  12.729  1.00 40.99  ? 375 ASP A N   1 
ATOM   503  C CA  . ASP A 1 66  ? -4.710  -6.724  11.901  1.00 42.31  ? 375 ASP A CA  1 
ATOM   504  C C   . ASP A 1 66  ? -4.320  -5.939  10.650  1.00 40.78  ? 375 ASP A C   1 
ATOM   505  O O   . ASP A 1 66  ? -3.149  -5.900  10.272  1.00 39.66  ? 375 ASP A O   1 
ATOM   506  C CB  . ASP A 1 66  ? -5.349  -8.061  11.494  1.00 48.02  ? 375 ASP A CB  1 
ATOM   507  C CG  . ASP A 1 66  ? -5.487  -9.028  12.661  1.00 53.84  ? 375 ASP A CG  1 
ATOM   508  O OD1 . ASP A 1 66  ? -6.044  -10.130 12.456  1.00 57.57  ? 375 ASP A OD1 1 
ATOM   509  O OD2 . ASP A 1 66  ? -5.040  -8.694  13.783  1.00 57.84  ? 375 ASP A OD2 1 
ATOM   510  N N   . LEU A 1 67  ? -5.303  -5.314  10.015  1.00 37.73  ? 376 LEU A N   1 
ATOM   511  C CA  . LEU A 1 67  ? -5.037  -4.528  8.817   1.00 38.46  ? 376 LEU A CA  1 
ATOM   512  C C   . LEU A 1 67  ? -4.107  -3.348  9.100   1.00 38.25  ? 376 LEU A C   1 
ATOM   513  O O   . LEU A 1 67  ? -3.110  -3.174  8.400   1.00 35.85  ? 376 LEU A O   1 
ATOM   514  C CB  . LEU A 1 67  ? -6.346  -4.022  8.207   1.00 39.37  ? 376 LEU A CB  1 
ATOM   515  C CG  . LEU A 1 67  ? -7.237  -5.126  7.633   1.00 43.07  ? 376 LEU A CG  1 
ATOM   516  C CD1 . LEU A 1 67  ? -8.579  -4.543  7.228   1.00 43.65  ? 376 LEU A CD1 1 
ATOM   517  C CD2 . LEU A 1 67  ? -6.536  -5.789  6.438   1.00 42.76  ? 376 LEU A CD2 1 
ATOM   518  N N   . VAL A 1 68  ? -4.417  -2.543  10.116  1.00 38.02  ? 377 VAL A N   1 
ATOM   519  C CA  . VAL A 1 68  ? -3.561  -1.403  10.416  1.00 41.17  ? 377 VAL A CA  1 
ATOM   520  C C   . VAL A 1 68  ? -2.165  -1.868  10.794  1.00 41.00  ? 377 VAL A C   1 
ATOM   521  O O   . VAL A 1 68  ? -1.174  -1.272  10.369  1.00 39.26  ? 377 VAL A O   1 
ATOM   522  C CB  . VAL A 1 68  ? -4.109  -0.516  11.563  1.00 41.93  ? 377 VAL A CB  1 
ATOM   523  C CG1 . VAL A 1 68  ? -5.434  0.115   11.148  1.00 42.73  ? 377 VAL A CG1 1 
ATOM   524  C CG2 . VAL A 1 68  ? -4.262  -1.335  12.831  1.00 46.12  ? 377 VAL A CG2 1 
ATOM   525  N N   . ASN A 1 69  ? -2.082  -2.939  11.581  1.00 41.89  ? 378 ASN A N   1 
ATOM   526  C CA  . ASN A 1 69  ? -0.783  -3.451  11.990  1.00 43.57  ? 378 ASN A CA  1 
ATOM   527  C C   . ASN A 1 69  ? 0.033   -3.958  10.804  1.00 44.18  ? 378 ASN A C   1 
ATOM   528  O O   . ASN A 1 69  ? 1.257   -3.833  10.808  1.00 45.56  ? 378 ASN A O   1 
ATOM   529  C CB  . ASN A 1 69  ? -0.935  -4.554  13.045  1.00 46.23  ? 378 ASN A CB  1 
ATOM   530  C CG  . ASN A 1 69  ? -1.422  -4.015  14.399  1.00 49.70  ? 378 ASN A CG  1 
ATOM   531  O OD1 . ASN A 1 69  ? -1.512  -2.799  14.602  1.00 52.10  ? 378 ASN A OD1 1 
ATOM   532  N ND2 . ASN A 1 69  ? -1.729  -4.922  15.328  1.00 49.93  ? 378 ASN A ND2 1 
ATOM   533  N N   . ARG A 1 70  ? -0.625  -4.524  9.791   1.00 43.11  ? 379 ARG A N   1 
ATOM   534  C CA  . ARG A 1 70  ? 0.099   -5.009  8.618   1.00 42.49  ? 379 ARG A CA  1 
ATOM   535  C C   . ARG A 1 70  ? 0.767   -3.822  7.923   1.00 41.67  ? 379 ARG A C   1 
ATOM   536  O O   . ARG A 1 70  ? 1.915   -3.914  7.492   1.00 42.80  ? 379 ARG A O   1 
ATOM   537  C CB  . ARG A 1 70  ? -0.842  -5.704  7.620   1.00 45.80  ? 379 ARG A CB  1 
ATOM   538  C CG  . ARG A 1 70  ? -1.457  -7.013  8.099   1.00 52.73  ? 379 ARG A CG  1 
ATOM   539  C CD  . ARG A 1 70  ? -2.368  -7.633  7.029   1.00 56.97  ? 379 ARG A CD  1 
ATOM   540  N NE  . ARG A 1 70  ? -3.273  -8.641  7.584   1.00 61.64  ? 379 ARG A NE  1 
ATOM   541  C CZ  . ARG A 1 70  ? -4.194  -9.300  6.882   1.00 62.31  ? 379 ARG A CZ  1 
ATOM   542  N NH1 . ARG A 1 70  ? -4.339  -9.068  5.583   1.00 62.87  ? 379 ARG A NH1 1 
ATOM   543  N NH2 . ARG A 1 70  ? -4.980  -10.186 7.483   1.00 61.39  ? 379 ARG A NH2 1 
ATOM   544  N N   . LEU A 1 71  ? 0.040   -2.711  7.813   1.00 38.39  ? 380 LEU A N   1 
ATOM   545  C CA  . LEU A 1 71  ? 0.555   -1.505  7.174   1.00 38.74  ? 380 LEU A CA  1 
ATOM   546  C C   . LEU A 1 71  ? 1.707   -0.879  7.967   1.00 38.81  ? 380 LEU A C   1 
ATOM   547  O O   . LEU A 1 71  ? 2.753   -0.557  7.399   1.00 37.93  ? 380 LEU A O   1 
ATOM   548  C CB  . LEU A 1 71  ? -0.575  -0.485  6.986   1.00 37.35  ? 380 LEU A CB  1 
ATOM   549  C CG  . LEU A 1 71  ? -1.693  -0.936  6.035   1.00 38.41  ? 380 LEU A CG  1 
ATOM   550  C CD1 . LEU A 1 71  ? -2.817  0.085   6.006   1.00 36.88  ? 380 LEU A CD1 1 
ATOM   551  C CD2 . LEU A 1 71  ? -1.111  -1.141  4.637   1.00 37.67  ? 380 LEU A CD2 1 
ATOM   552  N N   . VAL A 1 72  ? 1.518   -0.707  9.274   1.00 38.00  ? 381 VAL A N   1 
ATOM   553  C CA  . VAL A 1 72  ? 2.564   -0.133  10.120  1.00 39.16  ? 381 VAL A CA  1 
ATOM   554  C C   . VAL A 1 72  ? 3.798   -1.030  10.043  1.00 39.97  ? 381 VAL A C   1 
ATOM   555  O O   . VAL A 1 72  ? 4.927   -0.553  9.995   1.00 41.67  ? 381 VAL A O   1 
ATOM   556  C CB  . VAL A 1 72  ? 2.118   -0.046  11.607  1.00 39.39  ? 381 VAL A CB  1 
ATOM   557  C CG1 . VAL A 1 72  ? 3.271   0.483   12.466  1.00 40.83  ? 381 VAL A CG1 1 
ATOM   558  C CG2 . VAL A 1 72  ? 0.898   0.857   11.741  1.00 37.83  ? 381 VAL A CG2 1 
ATOM   559  N N   . SER A 1 73  ? 3.561   -2.335  10.017  1.00 40.85  ? 382 SER A N   1 
ATOM   560  C CA  . SER A 1 73  ? 4.622   -3.336  9.958   1.00 42.52  ? 382 SER A CA  1 
ATOM   561  C C   . SER A 1 73  ? 5.476   -3.274  8.683   1.00 41.88  ? 382 SER A C   1 
ATOM   562  O O   . SER A 1 73  ? 6.649   -3.664  8.695   1.00 39.18  ? 382 SER A O   1 
ATOM   563  C CB  . SER A 1 73  ? 4.001   -4.727  10.099  1.00 44.17  ? 382 SER A CB  1 
ATOM   564  O OG  . SER A 1 73  ? 4.962   -5.743  9.910   1.00 50.26  ? 382 SER A OG  1 
ATOM   565  N N   . GLN A 1 74  ? 4.885   -2.800  7.587   1.00 38.89  ? 383 GLN A N   1 
ATOM   566  C CA  . GLN A 1 74  ? 5.607   -2.684  6.323   1.00 39.22  ? 383 GLN A CA  1 
ATOM   567  C C   . GLN A 1 74  ? 6.186   -1.284  6.174   1.00 38.64  ? 383 GLN A C   1 
ATOM   568  O O   . GLN A 1 74  ? 6.839   -0.978  5.177   1.00 38.96  ? 383 GLN A O   1 
ATOM   569  C CB  . GLN A 1 74  ? 4.681   -2.955  5.137   1.00 39.57  ? 383 GLN A CB  1 
ATOM   570  C CG  . GLN A 1 74  ? 4.092   -4.345  5.094   1.00 45.18  ? 383 GLN A CG  1 
ATOM   571  C CD  . GLN A 1 74  ? 3.382   -4.613  3.779   1.00 47.24  ? 383 GLN A CD  1 
ATOM   572  O OE1 . GLN A 1 74  ? 2.485   -3.873  3.381   1.00 50.90  ? 383 GLN A OE1 1 
ATOM   573  N NE2 . GLN A 1 74  ? 3.785   -5.676  3.095   1.00 51.98  ? 383 GLN A NE2 1 
ATOM   574  N N   . GLY A 1 75  ? 5.918   -0.432  7.162   1.00 38.39  ? 384 GLY A N   1 
ATOM   575  C CA  . GLY A 1 75  ? 6.413   0.933   7.136   1.00 37.57  ? 384 GLY A CA  1 
ATOM   576  C C   . GLY A 1 75  ? 5.601   1.864   6.259   1.00 38.25  ? 384 GLY A C   1 
ATOM   577  O O   . GLY A 1 75  ? 6.017   2.994   5.999   1.00 37.59  ? 384 GLY A O   1 
ATOM   578  N N   . LEU A 1 76  ? 4.437   1.403   5.801   1.00 37.12  ? 385 LEU A N   1 
ATOM   579  C CA  . LEU A 1 76  ? 3.592   2.218   4.927   1.00 37.34  ? 385 LEU A CA  1 
ATOM   580  C C   . LEU A 1 76  ? 2.954   3.404   5.663   1.00 38.77  ? 385 LEU A C   1 
ATOM   581  O O   . LEU A 1 76  ? 2.720   4.470   5.081   1.00 38.42  ? 385 LEU A O   1 
ATOM   582  C CB  . LEU A 1 76  ? 2.537   1.334   4.256   1.00 35.59  ? 385 LEU A CB  1 
ATOM   583  C CG  . LEU A 1 76  ? 3.171   0.350   3.257   1.00 35.72  ? 385 LEU A CG  1 
ATOM   584  C CD1 . LEU A 1 76  ? 2.116   -0.575  2.665   1.00 35.42  ? 385 LEU A CD1 1 
ATOM   585  C CD2 . LEU A 1 76  ? 3.876   1.137   2.145   1.00 32.04  ? 385 LEU A CD2 1 
ATOM   586  N N   . ILE A 1 77  ? 2.659   3.210   6.941   1.00 38.40  ? 386 ILE A N   1 
ATOM   587  C CA  . ILE A 1 77  ? 2.132   4.291   7.764   1.00 40.42  ? 386 ILE A CA  1 
ATOM   588  C C   . ILE A 1 77  ? 2.789   4.137   9.119   1.00 41.07  ? 386 ILE A C   1 
ATOM   589  O O   . ILE A 1 77  ? 3.227   3.049   9.495   1.00 40.25  ? 386 ILE A O   1 
ATOM   590  C CB  . ILE A 1 77  ? 0.589   4.240   7.970   1.00 39.72  ? 386 ILE A CB  1 
ATOM   591  C CG1 . ILE A 1 77  ? 0.198   2.928   8.648   1.00 39.57  ? 386 ILE A CG1 1 
ATOM   592  C CG2 . ILE A 1 77  ? -0.122  4.472   6.647   1.00 41.44  ? 386 ILE A CG2 1 
ATOM   593  C CD1 . ILE A 1 77  ? -1.268  2.861   9.035   1.00 40.60  ? 386 ILE A CD1 1 
ATOM   594  N N   . GLY A 1 78  ? 2.871   5.233   9.855   1.00 42.12  ? 387 GLY A N   1 
ATOM   595  C CA  . GLY A 1 78  ? 3.460   5.146   11.169  1.00 41.79  ? 387 GLY A CA  1 
ATOM   596  C C   . GLY A 1 78  ? 2.473   5.577   12.211  1.00 41.59  ? 387 GLY A C   1 
ATOM   597  O O   . GLY A 1 78  ? 1.461   6.250   11.909  1.00 40.91  ? 387 GLY A O   1 
ATOM   598  N N   . LEU A 1 79  ? 2.765   5.164   13.439  1.00 41.25  ? 388 LEU A N   1 
ATOM   599  C CA  . LEU A 1 79  ? 1.955   5.532   14.587  1.00 43.21  ? 388 LEU A CA  1 
ATOM   600  C C   . LEU A 1 79  ? 2.643   6.799   15.054  1.00 43.61  ? 388 LEU A C   1 
ATOM   601  O O   . LEU A 1 79  ? 3.685   6.721   15.712  1.00 44.20  ? 388 LEU A O   1 
ATOM   602  C CB  . LEU A 1 79  ? 2.059   4.447   15.663  1.00 45.19  ? 388 LEU A CB  1 
ATOM   603  C CG  . LEU A 1 79  ? 1.138   4.562   16.870  1.00 46.58  ? 388 LEU A CG  1 
ATOM   604  C CD1 . LEU A 1 79  ? -0.321  4.609   16.452  1.00 47.17  ? 388 LEU A CD1 1 
ATOM   605  C CD2 . LEU A 1 79  ? 1.446   3.347   17.713  1.00 49.24  ? 388 LEU A CD2 1 
ATOM   606  N N   . LYS A 1 80  ? 2.127   7.963   14.681  1.00 42.81  ? 389 LYS A N   1 
ATOM   607  C CA  . LYS A 1 80  ? 2.828   9.152   15.123  1.00 43.82  ? 389 LYS A CA  1 
ATOM   608  C C   . LYS A 1 80  ? 2.682   9.412   16.623  1.00 42.43  ? 389 LYS A C   1 
ATOM   609  O O   . LYS A 1 80  ? 3.553   10.020  17.254  1.00 42.78  ? 389 LYS A O   1 
ATOM   610  C CB  . LYS A 1 80  ? 2.377   10.391  14.363  1.00 47.09  ? 389 LYS A CB  1 
ATOM   611  C CG  . LYS A 1 80  ? 1.030   10.905  14.774  1.00 52.15  ? 389 LYS A CG  1 
ATOM   612  C CD  . LYS A 1 80  ? 1.049   12.405  14.766  1.00 54.78  ? 389 LYS A CD  1 
ATOM   613  C CE  . LYS A 1 80  ? 1.348   12.861  13.360  1.00 56.43  ? 389 LYS A CE  1 
ATOM   614  N NZ  . LYS A 1 80  ? 1.535   14.308  13.330  1.00 58.79  ? 389 LYS A NZ  1 
ATOM   615  N N   . ASP A 1 81  ? 1.576   8.964   17.203  1.00 39.69  ? 390 ASP A N   1 
ATOM   616  C CA  . ASP A 1 81  ? 1.350   9.150   18.637  1.00 39.01  ? 390 ASP A CA  1 
ATOM   617  C C   . ASP A 1 81  ? 0.616   7.957   19.234  1.00 38.54  ? 390 ASP A C   1 
ATOM   618  O O   . ASP A 1 81  ? -0.573  7.747   18.989  1.00 36.24  ? 390 ASP A O   1 
ATOM   619  C CB  . ASP A 1 81  ? 0.565   10.434  18.915  1.00 39.55  ? 390 ASP A CB  1 
ATOM   620  C CG  . ASP A 1 81  ? 0.554   10.788  20.397  1.00 41.95  ? 390 ASP A CG  1 
ATOM   621  O OD1 . ASP A 1 81  ? 1.644   11.075  20.941  1.00 42.81  ? 390 ASP A OD1 1 
ATOM   622  O OD2 . ASP A 1 81  ? -0.527  10.755  21.023  1.00 39.65  ? 390 ASP A OD2 1 
ATOM   623  N N   . LYS A 1 82  ? 1.343   7.178   20.024  1.00 37.58  ? 391 LYS A N   1 
ATOM   624  C CA  . LYS A 1 82  ? 0.798   5.988   20.660  1.00 38.26  ? 391 LYS A CA  1 
ATOM   625  C C   . LYS A 1 82  ? -0.337  6.294   21.639  1.00 38.59  ? 391 LYS A C   1 
ATOM   626  O O   . LYS A 1 82  ? -1.405  5.675   21.581  1.00 37.54  ? 391 LYS A O   1 
ATOM   627  C CB  . LYS A 1 82  ? 1.935   5.247   21.375  1.00 38.19  ? 391 LYS A CB  1 
ATOM   628  C CG  . LYS A 1 82  ? 1.507   4.240   22.424  1.00 41.77  ? 391 LYS A CG  1 
ATOM   629  C CD  . LYS A 1 82  ? 1.372   2.847   21.851  1.00 43.78  ? 391 LYS A CD  1 
ATOM   630  C CE  . LYS A 1 82  ? -0.002  2.581   21.294  1.00 43.56  ? 391 LYS A CE  1 
ATOM   631  N NZ  . LYS A 1 82  ? -0.337  1.130   21.456  1.00 42.57  ? 391 LYS A NZ  1 
ATOM   632  N N   . THR A 1 83  ? -0.117  7.252   22.532  1.00 39.40  ? 392 THR A N   1 
ATOM   633  C CA  . THR A 1 83  ? -1.145  7.576   23.516  1.00 44.28  ? 392 THR A CA  1 
ATOM   634  C C   . THR A 1 83  ? -2.524  7.883   22.922  1.00 42.51  ? 392 THR A C   1 
ATOM   635  O O   . THR A 1 83  ? -3.531  7.433   23.463  1.00 43.34  ? 392 THR A O   1 
ATOM   636  C CB  . THR A 1 83  ? -0.705  8.733   24.468  1.00 47.29  ? 392 THR A CB  1 
ATOM   637  O OG1 . THR A 1 83  ? -1.866  9.456   24.908  1.00 50.44  ? 392 THR A OG1 1 
ATOM   638  C CG2 . THR A 1 83  ? 0.267   9.659   23.798  1.00 48.25  ? 392 THR A CG2 1 
ATOM   639  N N   . SER A 1 84  ? -2.580  8.624   21.817  1.00 40.87  ? 393 SER A N   1 
ATOM   640  C CA  . SER A 1 84  ? -3.866  8.931   21.194  1.00 38.68  ? 393 SER A CA  1 
ATOM   641  C C   . SER A 1 84  ? -4.155  7.987   20.015  1.00 38.40  ? 393 SER A C   1 
ATOM   642  O O   . SER A 1 84  ? -5.216  8.064   19.392  1.00 35.33  ? 393 SER A O   1 
ATOM   643  C CB  . SER A 1 84  ? -3.894  10.385  20.705  1.00 38.23  ? 393 SER A CB  1 
ATOM   644  O OG  . SER A 1 84  ? -3.019  10.577  19.604  1.00 39.31  ? 393 SER A OG  1 
ATOM   645  N N   . GLU A 1 85  ? -3.216  7.090   19.722  1.00 38.16  ? 394 GLU A N   1 
ATOM   646  C CA  . GLU A 1 85  ? -3.367  6.148   18.612  1.00 39.01  ? 394 GLU A CA  1 
ATOM   647  C C   . GLU A 1 85  ? -3.641  6.918   17.318  1.00 38.57  ? 394 GLU A C   1 
ATOM   648  O O   . GLU A 1 85  ? -4.629  6.670   16.622  1.00 38.29  ? 394 GLU A O   1 
ATOM   649  C CB  . GLU A 1 85  ? -4.516  5.166   18.882  1.00 42.30  ? 394 GLU A CB  1 
ATOM   650  C CG  . GLU A 1 85  ? -4.328  4.269   20.109  1.00 48.78  ? 394 GLU A CG  1 
ATOM   651  C CD  . GLU A 1 85  ? -3.193  3.263   19.949  1.00 53.80  ? 394 GLU A CD  1 
ATOM   652  O OE1 . GLU A 1 85  ? -2.997  2.431   20.866  1.00 57.21  ? 394 GLU A OE1 1 
ATOM   653  O OE2 . GLU A 1 85  ? -2.494  3.297   18.911  1.00 55.84  ? 394 GLU A OE2 1 
ATOM   654  N N   . THR A 1 86  ? -2.763  7.866   17.007  1.00 36.89  ? 395 THR A N   1 
ATOM   655  C CA  . THR A 1 86  ? -2.898  8.660   15.796  1.00 36.20  ? 395 THR A CA  1 
ATOM   656  C C   . THR A 1 86  ? -1.865  8.189   14.783  1.00 34.62  ? 395 THR A C   1 
ATOM   657  O O   . THR A 1 86  ? -0.681  8.042   15.105  1.00 34.32  ? 395 THR A O   1 
ATOM   658  C CB  . THR A 1 86  ? -2.695  10.159  16.085  1.00 35.70  ? 395 THR A CB  1 
ATOM   659  O OG1 . THR A 1 86  ? -3.656  10.580  17.056  1.00 38.11  ? 395 THR A OG1 1 
ATOM   660  C CG2 . THR A 1 86  ? -2.875  10.983  14.821  1.00 36.48  ? 395 THR A CG2 1 
ATOM   661  N N   . PHE A 1 87  ? -2.318  7.946   13.558  1.00 35.02  ? 396 PHE A N   1 
ATOM   662  C CA  . PHE A 1 87  ? -1.421  7.476   12.507  1.00 34.80  ? 396 PHE A CA  1 
ATOM   663  C C   . PHE A 1 87  ? -0.933  8.599   11.615  1.00 34.91  ? 396 PHE A C   1 
ATOM   664  O O   . PHE A 1 87  ? -1.664  9.540   11.317  1.00 34.40  ? 396 PHE A O   1 
ATOM   665  C CB  . PHE A 1 87  ? -2.108  6.409   11.642  1.00 34.18  ? 396 PHE A CB  1 
ATOM   666  C CG  . PHE A 1 87  ? -2.557  5.210   12.415  1.00 35.53  ? 396 PHE A CG  1 
ATOM   667  C CD1 . PHE A 1 87  ? -3.875  5.097   12.848  1.00 36.80  ? 396 PHE A CD1 1 
ATOM   668  C CD2 . PHE A 1 87  ? -1.650  4.211   12.753  1.00 36.64  ? 396 PHE A CD2 1 
ATOM   669  C CE1 . PHE A 1 87  ? -4.284  4.011   13.610  1.00 38.11  ? 396 PHE A CE1 1 
ATOM   670  C CE2 . PHE A 1 87  ? -2.048  3.117   13.517  1.00 37.68  ? 396 PHE A CE2 1 
ATOM   671  C CZ  . PHE A 1 87  ? -3.367  3.016   13.947  1.00 38.19  ? 396 PHE A CZ  1 
ATOM   672  N N   . ASP A 1 88  ? 0.322   8.484   11.205  1.00 36.22  ? 397 ASP A N   1 
ATOM   673  C CA  . ASP A 1 88  ? 0.957   9.450   10.320  1.00 37.25  ? 397 ASP A CA  1 
ATOM   674  C C   . ASP A 1 88  ? 0.739   8.896   8.910   1.00 37.40  ? 397 ASP A C   1 
ATOM   675  O O   . ASP A 1 88  ? 1.132   7.764   8.621   1.00 37.50  ? 397 ASP A O   1 
ATOM   676  C CB  . ASP A 1 88  ? 2.455   9.519   10.639  1.00 38.09  ? 397 ASP A CB  1 
ATOM   677  C CG  . ASP A 1 88  ? 3.190   10.550  9.807   1.00 39.37  ? 397 ASP A CG  1 
ATOM   678  O OD1 . ASP A 1 88  ? 2.547   11.294  9.037   1.00 38.02  ? 397 ASP A OD1 1 
ATOM   679  O OD2 . ASP A 1 88  ? 4.429   10.619  9.934   1.00 43.91  ? 397 ASP A OD2 1 
ATOM   680  N N   . LEU A 1 89  ? 0.111   9.680   8.043   1.00 37.16  ? 398 LEU A N   1 
ATOM   681  C CA  . LEU A 1 89  ? -0.149  9.226   6.687   1.00 38.51  ? 398 LEU A CA  1 
ATOM   682  C C   . LEU A 1 89  ? 0.889   9.746   5.677   1.00 40.72  ? 398 LEU A C   1 
ATOM   683  O O   . LEU A 1 89  ? 0.898   9.338   4.507   1.00 37.61  ? 398 LEU A O   1 
ATOM   684  C CB  . LEU A 1 89  ? -1.557  9.659   6.268   1.00 38.50  ? 398 LEU A CB  1 
ATOM   685  C CG  . LEU A 1 89  ? -2.704  9.211   7.179   1.00 37.61  ? 398 LEU A CG  1 
ATOM   686  C CD1 . LEU A 1 89  ? -4.032  9.684   6.593   1.00 38.25  ? 398 LEU A CD1 1 
ATOM   687  C CD2 . LEU A 1 89  ? -2.696  7.695   7.330   1.00 36.53  ? 398 LEU A CD2 1 
ATOM   688  N N   . LEU A 1 90  ? 1.773   10.629  6.136   1.00 40.70  ? 399 LEU A N   1 
ATOM   689  C CA  . LEU A 1 90  ? 2.793   11.205  5.256   1.00 43.08  ? 399 LEU A CA  1 
ATOM   690  C C   . LEU A 1 90  ? 3.749   10.188  4.637   1.00 42.98  ? 399 LEU A C   1 
ATOM   691  O O   . LEU A 1 90  ? 4.171   10.346  3.493   1.00 44.06  ? 399 LEU A O   1 
ATOM   692  C CB  . LEU A 1 90  ? 3.593   12.275  5.997   1.00 45.27  ? 399 LEU A CB  1 
ATOM   693  C CG  . LEU A 1 90  ? 2.822   13.554  6.326   1.00 48.25  ? 399 LEU A CG  1 
ATOM   694  C CD1 . LEU A 1 90  ? 3.762   14.564  6.988   1.00 49.85  ? 399 LEU A CD1 1 
ATOM   695  C CD2 . LEU A 1 90  ? 2.231   14.135  5.051   1.00 49.61  ? 399 LEU A CD2 1 
ATOM   696  N N   . PRO A 1 91  ? 4.124   9.141   5.387   1.00 41.87  ? 400 PRO A N   1 
ATOM   697  C CA  . PRO A 1 91  ? 5.035   8.149   4.802   1.00 40.37  ? 400 PRO A CA  1 
ATOM   698  C C   . PRO A 1 91  ? 4.420   7.542   3.534   1.00 40.87  ? 400 PRO A C   1 
ATOM   699  O O   . PRO A 1 91  ? 5.084   7.394   2.494   1.00 37.21  ? 400 PRO A O   1 
ATOM   700  C CB  . PRO A 1 91  ? 5.167   7.112   5.911   1.00 40.38  ? 400 PRO A CB  1 
ATOM   701  C CG  . PRO A 1 91  ? 5.066   7.956   7.163   1.00 41.38  ? 400 PRO A CG  1 
ATOM   702  C CD  . PRO A 1 91  ? 3.928   8.899   6.829   1.00 40.15  ? 400 PRO A CD  1 
ATOM   703  N N   . LEU A 1 92  ? 3.139   7.196   3.647   1.00 39.43  ? 401 LEU A N   1 
ATOM   704  C CA  . LEU A 1 92  ? 2.387   6.584   2.558   1.00 37.62  ? 401 LEU A CA  1 
ATOM   705  C C   . LEU A 1 92  ? 2.285   7.497   1.345   1.00 36.84  ? 401 LEU A C   1 
ATOM   706  O O   . LEU A 1 92  ? 2.552   7.088   0.206   1.00 34.43  ? 401 LEU A O   1 
ATOM   707  C CB  . LEU A 1 92  ? 0.978   6.218   3.040   1.00 36.33  ? 401 LEU A CB  1 
ATOM   708  C CG  . LEU A 1 92  ? 0.053   5.565   2.009   1.00 36.79  ? 401 LEU A CG  1 
ATOM   709  C CD1 . LEU A 1 92  ? 0.722   4.322   1.438   1.00 35.39  ? 401 LEU A CD1 1 
ATOM   710  C CD2 . LEU A 1 92  ? -1.277  5.210   2.663   1.00 37.35  ? 401 LEU A CD2 1 
ATOM   711  N N   . LYS A 1 93  ? 1.885   8.737   1.590   1.00 36.00  ? 402 LYS A N   1 
ATOM   712  C CA  . LYS A 1 93  ? 1.745   9.698   0.514   1.00 38.20  ? 402 LYS A CA  1 
ATOM   713  C C   . LYS A 1 93  ? 3.085   10.069  -0.120  1.00 38.10  ? 402 LYS A C   1 
ATOM   714  O O   . LYS A 1 93  ? 3.152   10.301  -1.329  1.00 39.40  ? 402 LYS A O   1 
ATOM   715  C CB  . LYS A 1 93  ? 1.011   10.931  1.029   1.00 41.70  ? 402 LYS A CB  1 
ATOM   716  C CG  . LYS A 1 93  ? -0.365  10.570  1.539   1.00 47.31  ? 402 LYS A CG  1 
ATOM   717  C CD  . LYS A 1 93  ? -1.157  11.764  2.014   1.00 53.44  ? 402 LYS A CD  1 
ATOM   718  C CE  . LYS A 1 93  ? -2.565  11.320  2.354   1.00 56.16  ? 402 LYS A CE  1 
ATOM   719  N NZ  . LYS A 1 93  ? -3.446  12.476  2.599   1.00 61.85  ? 402 LYS A NZ  1 
ATOM   720  N N   . ASN A 1 94  ? 4.149   10.123  0.683   1.00 36.21  ? 403 ASN A N   1 
ATOM   721  C CA  . ASN A 1 94  ? 5.466   10.426  0.139   1.00 35.45  ? 403 ASN A CA  1 
ATOM   722  C C   . ASN A 1 94  ? 5.987   9.235   -0.681  1.00 34.46  ? 403 ASN A C   1 
ATOM   723  O O   . ASN A 1 94  ? 6.702   9.421   -1.666  1.00 32.50  ? 403 ASN A O   1 
ATOM   724  C CB  . ASN A 1 94  ? 6.471   10.751  1.248   1.00 36.50  ? 403 ASN A CB  1 
ATOM   725  C CG  . ASN A 1 94  ? 6.186   12.080  1.921   1.00 38.72  ? 403 ASN A CG  1 
ATOM   726  O OD1 . ASN A 1 94  ? 5.673   13.007  1.298   1.00 40.50  ? 403 ASN A OD1 1 
ATOM   727  N ND2 . ASN A 1 94  ? 6.532   12.182  3.197   1.00 40.63  ? 403 ASN A ND2 1 
ATOM   728  N N   . LEU A 1 95  ? 5.647   8.018   -0.264  1.00 34.08  ? 404 LEU A N   1 
ATOM   729  C CA  . LEU A 1 95  ? 6.082   6.818   -0.982  1.00 34.40  ? 404 LEU A CA  1 
ATOM   730  C C   . LEU A 1 95  ? 5.414   6.775   -2.350  1.00 32.92  ? 404 LEU A C   1 
ATOM   731  O O   . LEU A 1 95  ? 6.040   6.417   -3.347  1.00 31.21  ? 404 LEU A O   1 
ATOM   732  C CB  . LEU A 1 95  ? 5.728   5.550   -0.194  1.00 35.03  ? 404 LEU A CB  1 
ATOM   733  C CG  . LEU A 1 95  ? 6.665   5.241   0.973   1.00 39.86  ? 404 LEU A CG  1 
ATOM   734  C CD1 . LEU A 1 95  ? 6.079   4.162   1.884   1.00 43.50  ? 404 LEU A CD1 1 
ATOM   735  C CD2 . LEU A 1 95  ? 8.011   4.813   0.407   1.00 41.69  ? 404 LEU A CD2 1 
ATOM   736  N N   . PHE A 1 96  ? 4.140   7.154   -2.393  1.00 33.25  ? 405 PHE A N   1 
ATOM   737  C CA  . PHE A 1 96  ? 3.406   7.173   -3.646  1.00 36.03  ? 405 PHE A CA  1 
ATOM   738  C C   . PHE A 1 96  ? 3.960   8.238   -4.585  1.00 36.84  ? 405 PHE A C   1 
ATOM   739  O O   . PHE A 1 96  ? 4.070   8.005   -5.786  1.00 35.88  ? 405 PHE A O   1 
ATOM   740  C CB  . PHE A 1 96  ? 1.916   7.407   -3.391  1.00 36.74  ? 405 PHE A CB  1 
ATOM   741  C CG  . PHE A 1 96  ? 1.094   6.162   -3.496  1.00 39.87  ? 405 PHE A CG  1 
ATOM   742  C CD1 . PHE A 1 96  ? 0.582   5.758   -4.725  1.00 41.05  ? 405 PHE A CD1 1 
ATOM   743  C CD2 . PHE A 1 96  ? 0.873   5.364   -2.376  1.00 40.55  ? 405 PHE A CD2 1 
ATOM   744  C CE1 . PHE A 1 96  ? -0.141  4.574   -4.847  1.00 42.93  ? 405 PHE A CE1 1 
ATOM   745  C CE2 . PHE A 1 96  ? 0.153   4.172   -2.481  1.00 43.92  ? 405 PHE A CE2 1 
ATOM   746  C CZ  . PHE A 1 96  ? -0.358  3.776   -3.720  1.00 45.37  ? 405 PHE A CZ  1 
ATOM   747  N N   . GLU A 1 97  ? 4.295   9.407   -4.046  1.00 37.94  ? 406 GLU A N   1 
ATOM   748  C CA  . GLU A 1 97  ? 4.859   10.467  -4.873  1.00 39.43  ? 406 GLU A CA  1 
ATOM   749  C C   . GLU A 1 97  ? 6.169   9.958   -5.461  1.00 37.39  ? 406 GLU A C   1 
ATOM   750  O O   . GLU A 1 97  ? 6.402   10.061  -6.667  1.00 36.90  ? 406 GLU A O   1 
ATOM   751  C CB  . GLU A 1 97  ? 5.116   11.728  -4.046  1.00 41.97  ? 406 GLU A CB  1 
ATOM   752  C CG  . GLU A 1 97  ? 3.993   12.754  -4.109  1.00 50.82  ? 406 GLU A CG  1 
ATOM   753  C CD  . GLU A 1 97  ? 4.282   13.997  -3.279  1.00 54.10  ? 406 GLU A CD  1 
ATOM   754  O OE1 . GLU A 1 97  ? 5.415   14.530  -3.364  1.00 55.68  ? 406 GLU A OE1 1 
ATOM   755  O OE2 . GLU A 1 97  ? 3.369   14.442  -2.547  1.00 56.53  ? 406 GLU A OE2 1 
ATOM   756  N N   . TYR A 1 98  ? 7.016   9.392   -4.599  1.00 35.80  ? 407 TYR A N   1 
ATOM   757  C CA  . TYR A 1 98  ? 8.298   8.846   -5.029  1.00 34.32  ? 407 TYR A CA  1 
ATOM   758  C C   . TYR A 1 98  ? 8.132   7.824   -6.176  1.00 32.85  ? 407 TYR A C   1 
ATOM   759  O O   . TYR A 1 98  ? 8.821   7.906   -7.197  1.00 30.44  ? 407 TYR A O   1 
ATOM   760  C CB  . TYR A 1 98  ? 8.990   8.200   -3.829  1.00 35.30  ? 407 TYR A CB  1 
ATOM   761  C CG  . TYR A 1 98  ? 10.334  7.568   -4.123  1.00 37.87  ? 407 TYR A CG  1 
ATOM   762  C CD1 . TYR A 1 98  ? 10.423  6.290   -4.682  1.00 38.06  ? 407 TYR A CD1 1 
ATOM   763  C CD2 . TYR A 1 98  ? 11.519  8.239   -3.812  1.00 38.07  ? 407 TYR A CD2 1 
ATOM   764  C CE1 . TYR A 1 98  ? 11.665  5.692   -4.919  1.00 39.47  ? 407 TYR A CE1 1 
ATOM   765  C CE2 . TYR A 1 98  ? 12.764  7.656   -4.043  1.00 39.37  ? 407 TYR A CE2 1 
ATOM   766  C CZ  . TYR A 1 98  ? 12.832  6.383   -4.593  1.00 41.78  ? 407 TYR A CZ  1 
ATOM   767  O OH  . TYR A 1 98  ? 14.063  5.794   -4.793  1.00 42.12  ? 407 TYR A OH  1 
ATOM   768  N N   . ALA A 1 99  ? 7.222   6.867   -6.005  1.00 30.54  ? 408 ALA A N   1 
ATOM   769  C CA  . ALA A 1 99  ? 6.987   5.856   -7.031  1.00 31.02  ? 408 ALA A CA  1 
ATOM   770  C C   . ALA A 1 99  ? 6.477   6.478   -8.339  1.00 31.34  ? 408 ALA A C   1 
ATOM   771  O O   . ALA A 1 99  ? 6.957   6.139   -9.419  1.00 30.31  ? 408 ALA A O   1 
ATOM   772  C CB  . ALA A 1 99  ? 5.995   4.814   -6.520  1.00 27.59  ? 408 ALA A CB  1 
ATOM   773  N N   . GLU A 1 100 ? 5.503   7.380   -8.241  1.00 31.84  ? 409 GLU A N   1 
ATOM   774  C CA  . GLU A 1 100 ? 4.954   8.041   -9.429  1.00 34.71  ? 409 GLU A CA  1 
ATOM   775  C C   . GLU A 1 100 ? 6.045   8.759   -10.235 1.00 33.89  ? 409 GLU A C   1 
ATOM   776  O O   . GLU A 1 100 ? 6.080   8.669   -11.464 1.00 31.75  ? 409 GLU A O   1 
ATOM   777  C CB  . GLU A 1 100 ? 3.891   9.062   -9.029  1.00 37.10  ? 409 GLU A CB  1 
ATOM   778  C CG  . GLU A 1 100 ? 2.545   8.478   -8.659  1.00 44.06  ? 409 GLU A CG  1 
ATOM   779  C CD  . GLU A 1 100 ? 1.811   9.354   -7.657  1.00 47.80  ? 409 GLU A CD  1 
ATOM   780  O OE1 . GLU A 1 100 ? 1.983   10.593  -7.715  1.00 49.95  ? 409 GLU A OE1 1 
ATOM   781  O OE2 . GLU A 1 100 ? 1.064   8.808   -6.816  1.00 51.77  ? 409 GLU A OE2 1 
ATOM   782  N N   . LYS A 1 101 ? 6.921   9.477   -9.540  1.00 32.48  ? 410 LYS A N   1 
ATOM   783  C CA  . LYS A 1 101 ? 8.006   10.200  -10.198 1.00 35.69  ? 410 LYS A CA  1 
ATOM   784  C C   . LYS A 1 101 ? 9.002   9.241   -10.838 1.00 35.09  ? 410 LYS A C   1 
ATOM   785  O O   . LYS A 1 101 ? 9.454   9.466   -11.962 1.00 35.41  ? 410 LYS A O   1 
ATOM   786  C CB  . LYS A 1 101 ? 8.744   11.094  -9.197  1.00 37.29  ? 410 LYS A CB  1 
ATOM   787  C CG  . LYS A 1 101 ? 7.946   12.309  -8.737  1.00 45.21  ? 410 LYS A CG  1 
ATOM   788  C CD  . LYS A 1 101 ? 8.682   13.053  -7.621  1.00 50.59  ? 410 LYS A CD  1 
ATOM   789  C CE  . LYS A 1 101 ? 7.891   14.256  -7.115  1.00 54.52  ? 410 LYS A CE  1 
ATOM   790  N NZ  . LYS A 1 101 ? 8.532   14.859  -5.901  1.00 57.10  ? 410 LYS A NZ  1 
ATOM   791  N N   . ARG A 1 102 ? 9.351   8.175   -10.117 1.00 33.70  ? 411 ARG A N   1 
ATOM   792  C CA  . ARG A 1 102 ? 10.298  7.196   -10.641 1.00 32.64  ? 411 ARG A CA  1 
ATOM   793  C C   . ARG A 1 102 ? 9.753   6.566   -11.919 1.00 33.28  ? 411 ARG A C   1 
ATOM   794  O O   . ARG A 1 102 ? 10.445  6.504   -12.932 1.00 33.12  ? 411 ARG A O   1 
ATOM   795  C CB  . ARG A 1 102 ? 10.576  6.104   -9.602  1.00 32.70  ? 411 ARG A CB  1 
ATOM   796  C CG  . ARG A 1 102 ? 11.436  4.950   -10.120 1.00 35.41  ? 411 ARG A CG  1 
ATOM   797  C CD  . ARG A 1 102 ? 12.705  5.470   -10.759 1.00 37.05  ? 411 ARG A CD  1 
ATOM   798  N NE  . ARG A 1 102 ? 13.433  6.329   -9.833  1.00 40.27  ? 411 ARG A NE  1 
ATOM   799  C CZ  . ARG A 1 102 ? 14.419  5.918   -9.040  1.00 43.70  ? 411 ARG A CZ  1 
ATOM   800  N NH1 . ARG A 1 102 ? 14.819  4.650   -9.058  1.00 42.86  ? 411 ARG A NH1 1 
ATOM   801  N NH2 . ARG A 1 102 ? 14.989  6.779   -8.209  1.00 45.17  ? 411 ARG A NH2 1 
ATOM   802  N N   . ILE A 1 103 ? 8.507   6.104   -11.860 1.00 32.99  ? 412 ILE A N   1 
ATOM   803  C CA  . ILE A 1 103 ? 7.857   5.477   -13.003 1.00 32.96  ? 412 ILE A CA  1 
ATOM   804  C C   . ILE A 1 103 ? 7.804   6.461   -14.178 1.00 34.97  ? 412 ILE A C   1 
ATOM   805  O O   . ILE A 1 103 ? 8.082   6.102   -15.326 1.00 33.26  ? 412 ILE A O   1 
ATOM   806  C CB  . ILE A 1 103 ? 6.421   5.031   -12.614 1.00 31.71  ? 412 ILE A CB  1 
ATOM   807  C CG1 . ILE A 1 103 ? 6.494   3.799   -11.695 1.00 28.87  ? 412 ILE A CG1 1 
ATOM   808  C CG2 . ILE A 1 103 ? 5.588   4.757   -13.853 1.00 29.74  ? 412 ILE A CG2 1 
ATOM   809  C CD1 . ILE A 1 103 ? 5.174   3.502   -10.978 1.00 28.39  ? 412 ILE A CD1 1 
ATOM   810  N N   . SER A 1 104 ? 7.452   7.706   -13.875 1.00 34.84  ? 413 SER A N   1 
ATOM   811  C CA  . SER A 1 104 ? 7.354   8.738   -14.895 1.00 37.61  ? 413 SER A CA  1 
ATOM   812  C C   . SER A 1 104 ? 8.675   8.948   -15.652 1.00 36.43  ? 413 SER A C   1 
ATOM   813  O O   . SER A 1 104 ? 8.689   8.977   -16.885 1.00 36.70  ? 413 SER A O   1 
ATOM   814  C CB  . SER A 1 104 ? 6.892   10.055  -14.259 1.00 38.07  ? 413 SER A CB  1 
ATOM   815  O OG  . SER A 1 104 ? 6.876   11.098  -15.219 1.00 44.89  ? 413 SER A OG  1 
ATOM   816  N N   . VAL A 1 105 ? 9.778   9.085   -14.925 1.00 35.10  ? 414 VAL A N   1 
ATOM   817  C CA  . VAL A 1 105 ? 11.063  9.290   -15.580 1.00 36.21  ? 414 VAL A CA  1 
ATOM   818  C C   . VAL A 1 105 ? 11.519  8.046   -16.355 1.00 34.63  ? 414 VAL A C   1 
ATOM   819  O O   . VAL A 1 105 ? 12.060  8.168   -17.458 1.00 33.39  ? 414 VAL A O   1 
ATOM   820  C CB  . VAL A 1 105 ? 12.174  9.706   -14.575 1.00 37.39  ? 414 VAL A CB  1 
ATOM   821  C CG1 . VAL A 1 105 ? 12.474  8.577   -13.604 1.00 40.01  ? 414 VAL A CG1 1 
ATOM   822  C CG2 . VAL A 1 105 ? 13.435  10.081  -15.336 1.00 40.46  ? 414 VAL A CG2 1 
ATOM   823  N N   . LEU A 1 106 ? 11.295  6.859   -15.794 1.00 31.35  ? 415 LEU A N   1 
ATOM   824  C CA  . LEU A 1 106 ? 11.688  5.625   -16.480 1.00 32.55  ? 415 LEU A CA  1 
ATOM   825  C C   . LEU A 1 106 ? 10.981  5.514   -17.831 1.00 32.33  ? 415 LEU A C   1 
ATOM   826  O O   . LEU A 1 106 ? 11.593  5.138   -18.833 1.00 33.15  ? 415 LEU A O   1 
ATOM   827  C CB  . LEU A 1 106 ? 11.369  4.389   -15.624 1.00 30.71  ? 415 LEU A CB  1 
ATOM   828  C CG  . LEU A 1 106 ? 12.291  4.157   -14.416 1.00 32.29  ? 415 LEU A CG  1 
ATOM   829  C CD1 . LEU A 1 106 ? 11.805  2.956   -13.599 1.00 31.72  ? 415 LEU A CD1 1 
ATOM   830  C CD2 . LEU A 1 106 ? 13.729  3.931   -14.907 1.00 30.86  ? 415 LEU A CD2 1 
ATOM   831  N N   . MET A 1 107 ? 9.697   5.846   -17.857 1.00 31.70  ? 416 MET A N   1 
ATOM   832  C CA  . MET A 1 107 ? 8.932   5.793   -19.090 1.00 33.96  ? 416 MET A CA  1 
ATOM   833  C C   . MET A 1 107 ? 9.442   6.826   -20.099 1.00 34.71  ? 416 MET A C   1 
ATOM   834  O O   . MET A 1 107 ? 9.573   6.524   -21.282 1.00 35.26  ? 416 MET A O   1 
ATOM   835  C CB  . MET A 1 107 ? 7.448   6.028   -18.806 1.00 35.06  ? 416 MET A CB  1 
ATOM   836  C CG  . MET A 1 107 ? 6.778   4.892   -18.051 1.00 38.28  ? 416 MET A CG  1 
ATOM   837  S SD  . MET A 1 107 ? 4.998   5.151   -17.902 1.00 43.19  ? 416 MET A SD  1 
ATOM   838  C CE  . MET A 1 107 ? 4.447   4.392   -19.378 1.00 46.31  ? 416 MET A CE  1 
ATOM   839  N N   . LYS A 1 108 ? 9.738   8.035   -19.628 1.00 35.45  ? 417 LYS A N   1 
ATOM   840  C CA  . LYS A 1 108 ? 10.233  9.100   -20.500 1.00 35.15  ? 417 LYS A CA  1 
ATOM   841  C C   . LYS A 1 108 ? 11.587  8.770   -21.124 1.00 35.65  ? 417 LYS A C   1 
ATOM   842  O O   . LYS A 1 108 ? 11.948  9.323   -22.158 1.00 34.30  ? 417 LYS A O   1 
ATOM   843  C CB  . LYS A 1 108 ? 10.327  10.418  -19.728 1.00 35.02  ? 417 LYS A CB  1 
ATOM   844  C CG  . LYS A 1 108 ? 8.974   11.055  -19.421 1.00 34.22  ? 417 LYS A CG  1 
ATOM   845  C CD  . LYS A 1 108 ? 9.128   12.214  -18.462 1.00 34.84  ? 417 LYS A CD  1 
ATOM   846  C CE  . LYS A 1 108 ? 7.784   12.780  -18.061 1.00 37.05  ? 417 LYS A CE  1 
ATOM   847  N NZ  . LYS A 1 108 ? 7.967   13.952  -17.161 1.00 37.08  ? 417 LYS A NZ  1 
ATOM   848  N N   . LEU A 1 109 ? 12.330  7.867   -20.492 1.00 35.68  ? 418 LEU A N   1 
ATOM   849  C CA  . LEU A 1 109 ? 13.631  7.448   -20.994 1.00 35.53  ? 418 LEU A CA  1 
ATOM   850  C C   . LEU A 1 109 ? 13.495  6.118   -21.724 1.00 35.77  ? 418 LEU A C   1 
ATOM   851  O O   . LEU A 1 109 ? 14.479  5.557   -22.208 1.00 35.67  ? 418 LEU A O   1 
ATOM   852  C CB  . LEU A 1 109 ? 14.619  7.289   -19.832 1.00 38.06  ? 418 LEU A CB  1 
ATOM   853  C CG  . LEU A 1 109 ? 15.041  8.580   -19.123 1.00 40.59  ? 418 LEU A CG  1 
ATOM   854  C CD1 . LEU A 1 109 ? 15.782  8.239   -17.845 1.00 41.89  ? 418 LEU A CD1 1 
ATOM   855  C CD2 . LEU A 1 109 ? 15.916  9.413   -20.054 1.00 43.69  ? 418 LEU A CD2 1 
ATOM   856  N N   . GLN A 1 110 ? 12.264  5.620   -21.788 1.00 34.56  ? 419 GLN A N   1 
ATOM   857  C CA  . GLN A 1 110 ? 11.967  4.347   -22.427 1.00 33.47  ? 419 GLN A CA  1 
ATOM   858  C C   . GLN A 1 110 ? 12.857  3.230   -21.878 1.00 33.95  ? 419 GLN A C   1 
ATOM   859  O O   . GLN A 1 110 ? 13.439  2.443   -22.638 1.00 32.87  ? 419 GLN A O   1 
ATOM   860  C CB  . GLN A 1 110 ? 12.123  4.450   -23.951 1.00 34.77  ? 419 GLN A CB  1 
ATOM   861  C CG  . GLN A 1 110 ? 11.259  3.433   -24.701 1.00 37.67  ? 419 GLN A CG  1 
ATOM   862  C CD  . GLN A 1 110 ? 11.215  3.657   -26.212 1.00 39.98  ? 419 GLN A CD  1 
ATOM   863  O OE1 . GLN A 1 110 ? 11.372  4.781   -26.696 1.00 38.15  ? 419 GLN A OE1 1 
ATOM   864  N NE2 . GLN A 1 110 ? 10.974  2.583   -26.958 1.00 38.28  ? 419 GLN A NE2 1 
ATOM   865  N N   . CYS A 1 111 ? 12.967  3.177   -20.553 1.00 31.15  ? 420 CYS A N   1 
ATOM   866  C CA  . CYS A 1 111 ? 13.744  2.143   -19.872 1.00 32.67  ? 420 CYS A CA  1 
ATOM   867  C C   . CYS A 1 111 ? 12.847  0.910   -19.718 1.00 33.60  ? 420 CYS A C   1 
ATOM   868  O O   . CYS A 1 111 ? 11.695  1.031   -19.282 1.00 30.94  ? 420 CYS A O   1 
ATOM   869  C CB  . CYS A 1 111 ? 14.175  2.618   -18.477 1.00 34.98  ? 420 CYS A CB  1 
ATOM   870  S SG  . CYS A 1 111 ? 14.949  1.302   -17.438 1.00 38.61  ? 420 CYS A SG  1 
ATOM   871  N N   . TYR A 1 112 ? 13.369  -0.265  -20.070 1.00 32.34  ? 421 TYR A N   1 
ATOM   872  C CA  . TYR A 1 112 ? 12.600  -1.508  -19.968 1.00 32.45  ? 421 TYR A CA  1 
ATOM   873  C C   . TYR A 1 112 ? 12.794  -2.247  -18.642 1.00 33.93  ? 421 TYR A C   1 
ATOM   874  O O   . TYR A 1 112 ? 11.919  -3.010  -18.210 1.00 33.03  ? 421 TYR A O   1 
ATOM   875  C CB  . TYR A 1 112 ? 12.973  -2.467  -21.104 1.00 32.84  ? 421 TYR A CB  1 
ATOM   876  C CG  . TYR A 1 112 ? 12.754  -1.894  -22.476 1.00 33.76  ? 421 TYR A CG  1 
ATOM   877  C CD1 . TYR A 1 112 ? 13.776  -1.211  -23.135 1.00 33.69  ? 421 TYR A CD1 1 
ATOM   878  C CD2 . TYR A 1 112 ? 11.515  -1.999  -23.105 1.00 34.06  ? 421 TYR A CD2 1 
ATOM   879  C CE1 . TYR A 1 112 ? 13.569  -0.647  -24.389 1.00 34.19  ? 421 TYR A CE1 1 
ATOM   880  C CE2 . TYR A 1 112 ? 11.295  -1.436  -24.364 1.00 34.19  ? 421 TYR A CE2 1 
ATOM   881  C CZ  . TYR A 1 112 ? 12.329  -0.763  -24.996 1.00 33.87  ? 421 TYR A CZ  1 
ATOM   882  O OH  . TYR A 1 112 ? 12.133  -0.212  -26.239 1.00 36.64  ? 421 TYR A OH  1 
ATOM   883  N N   . THR A 1 113 ? 13.941  -2.029  -18.010 1.00 34.45  ? 422 THR A N   1 
ATOM   884  C CA  . THR A 1 113 ? 14.268  -2.692  -16.748 1.00 36.55  ? 422 THR A CA  1 
ATOM   885  C C   . THR A 1 113 ? 15.096  -1.757  -15.875 1.00 36.64  ? 422 THR A C   1 
ATOM   886  O O   . THR A 1 113 ? 16.150  -1.276  -16.296 1.00 36.84  ? 422 THR A O   1 
ATOM   887  C CB  . THR A 1 113 ? 15.093  -3.983  -16.995 1.00 37.83  ? 422 THR A CB  1 
ATOM   888  O OG1 . THR A 1 113 ? 14.386  -4.837  -17.898 1.00 43.22  ? 422 THR A OG1 1 
ATOM   889  C CG2 . THR A 1 113 ? 15.321  -4.735  -15.689 1.00 39.03  ? 422 THR A CG2 1 
ATOM   890  N N   . GLY A 1 114 ? 14.616  -1.498  -14.665 1.00 36.21  ? 423 GLY A N   1 
ATOM   891  C CA  . GLY A 1 114 ? 15.334  -0.618  -13.765 1.00 36.87  ? 423 GLY A CA  1 
ATOM   892  C C   . GLY A 1 114 ? 15.232  -1.074  -12.321 1.00 36.59  ? 423 GLY A C   1 
ATOM   893  O O   . GLY A 1 114 ? 14.208  -1.612  -11.893 1.00 36.05  ? 423 GLY A O   1 
ATOM   894  N N   . THR A 1 115 ? 16.301  -0.863  -11.567 1.00 35.01  ? 424 THR A N   1 
ATOM   895  C CA  . THR A 1 115 ? 16.308  -1.255  -10.172 1.00 36.09  ? 424 THR A CA  1 
ATOM   896  C C   . THR A 1 115 ? 15.913  -0.120  -9.246  1.00 34.35  ? 424 THR A C   1 
ATOM   897  O O   . THR A 1 115 ? 16.221  1.038   -9.497  1.00 34.26  ? 424 THR A O   1 
ATOM   898  C CB  . THR A 1 115 ? 17.706  -1.738  -9.728  1.00 36.55  ? 424 THR A CB  1 
ATOM   899  O OG1 . THR A 1 115 ? 17.960  -3.033  -10.279 1.00 38.30  ? 424 THR A OG1 1 
ATOM   900  C CG2 . THR A 1 115 ? 17.803  -1.789  -8.194  1.00 33.67  ? 424 THR A CG2 1 
ATOM   901  N N   . VAL A 1 116 ? 15.217  -0.483  -8.178  1.00 34.00  ? 425 VAL A N   1 
ATOM   902  C CA  . VAL A 1 116 ? 14.825  0.444   -7.137  1.00 34.02  ? 425 VAL A CA  1 
ATOM   903  C C   . VAL A 1 116 ? 15.372  -0.210  -5.867  1.00 33.83  ? 425 VAL A C   1 
ATOM   904  O O   . VAL A 1 116 ? 14.856  -1.226  -5.423  1.00 32.50  ? 425 VAL A O   1 
ATOM   905  C CB  . VAL A 1 116 ? 13.296  0.587   -7.027  1.00 34.02  ? 425 VAL A CB  1 
ATOM   906  C CG1 . VAL A 1 116 ? 12.948  1.368   -5.754  1.00 37.00  ? 425 VAL A CG1 1 
ATOM   907  C CG2 . VAL A 1 116 ? 12.753  1.316   -8.258  1.00 35.20  ? 425 VAL A CG2 1 
ATOM   908  N N   . GLN A 1 117 ? 16.442  0.354   -5.314  1.00 33.68  ? 426 GLN A N   1 
ATOM   909  C CA  . GLN A 1 117 ? 17.062  -0.180  -4.106  1.00 34.94  ? 426 GLN A CA  1 
ATOM   910  C C   . GLN A 1 117 ? 16.330  0.314   -2.863  1.00 34.56  ? 426 GLN A C   1 
ATOM   911  O O   . GLN A 1 117 ? 16.072  1.506   -2.714  1.00 33.97  ? 426 GLN A O   1 
ATOM   912  C CB  . GLN A 1 117 ? 18.535  0.243   -4.026  1.00 36.74  ? 426 GLN A CB  1 
ATOM   913  C CG  . GLN A 1 117 ? 19.405  -0.311  -5.131  1.00 37.33  ? 426 GLN A CG  1 
ATOM   914  C CD  . GLN A 1 117 ? 20.874  0.013   -4.934  1.00 39.84  ? 426 GLN A CD  1 
ATOM   915  O OE1 . GLN A 1 117 ? 21.410  -0.127  -3.833  1.00 40.28  ? 426 GLN A OE1 1 
ATOM   916  N NE2 . GLN A 1 117 ? 21.540  0.429   -6.007  1.00 39.68  ? 426 GLN A NE2 1 
ATOM   917  N N   . LEU A 1 118 ? 16.007  -0.617  -1.974  1.00 33.21  ? 427 LEU A N   1 
ATOM   918  C CA  . LEU A 1 118 ? 15.303  -0.300  -0.743  1.00 36.17  ? 427 LEU A CA  1 
ATOM   919  C C   . LEU A 1 118 ? 16.037  0.760   0.082   1.00 35.94  ? 427 LEU A C   1 
ATOM   920  O O   . LEU A 1 118 ? 15.420  1.718   0.551   1.00 35.39  ? 427 LEU A O   1 
ATOM   921  C CB  . LEU A 1 118 ? 15.108  -1.572  0.093   1.00 38.23  ? 427 LEU A CB  1 
ATOM   922  C CG  . LEU A 1 118 ? 14.468  -1.393  1.477   1.00 40.28  ? 427 LEU A CG  1 
ATOM   923  C CD1 . LEU A 1 118 ? 13.051  -0.847  1.346   1.00 44.05  ? 427 LEU A CD1 1 
ATOM   924  C CD2 . LEU A 1 118 ? 14.463  -2.736  2.201   1.00 43.14  ? 427 LEU A CD2 1 
ATOM   925  N N   . SER A 1 119 ? 17.348  0.596   0.252   1.00 35.40  ? 428 SER A N   1 
ATOM   926  C CA  . SER A 1 119 ? 18.131  1.567   1.024   1.00 36.65  ? 428 SER A CA  1 
ATOM   927  C C   . SER A 1 119 ? 18.010  2.979   0.452   1.00 36.61  ? 428 SER A C   1 
ATOM   928  O O   . SER A 1 119 ? 17.970  3.948   1.207   1.00 38.29  ? 428 SER A O   1 
ATOM   929  C CB  . SER A 1 119 ? 19.609  1.156   1.082   1.00 35.95  ? 428 SER A CB  1 
ATOM   930  O OG  . SER A 1 119 ? 20.197  1.134   -0.210  1.00 40.04  ? 428 SER A OG  1 
ATOM   931  N N   . HIS A 1 120 ? 17.949  3.105   -0.874  1.00 35.15  ? 429 HIS A N   1 
ATOM   932  C CA  . HIS A 1 120 ? 17.818  4.427   -1.492  1.00 35.96  ? 429 HIS A CA  1 
ATOM   933  C C   . HIS A 1 120 ? 16.477  5.056   -1.123  1.00 36.12  ? 429 HIS A C   1 
ATOM   934  O O   . HIS A 1 120 ? 16.395  6.249   -0.817  1.00 35.48  ? 429 HIS A O   1 
ATOM   935  C CB  . HIS A 1 120 ? 17.946  4.333   -3.022  1.00 35.70  ? 429 HIS A CB  1 
ATOM   936  C CG  . HIS A 1 120 ? 19.322  3.971   -3.486  1.00 37.85  ? 429 HIS A CG  1 
ATOM   937  N ND1 . HIS A 1 120 ? 19.676  3.925   -4.819  1.00 38.77  ? 429 HIS A ND1 1 
ATOM   938  C CD2 . HIS A 1 120 ? 20.431  3.615   -2.793  1.00 37.44  ? 429 HIS A CD2 1 
ATOM   939  C CE1 . HIS A 1 120 ? 20.939  3.553   -4.926  1.00 36.59  ? 429 HIS A CE1 1 
ATOM   940  N NE2 . HIS A 1 120 ? 21.420  3.357   -3.709  1.00 38.32  ? 429 HIS A NE2 1 
ATOM   941  N N   . VAL A 1 121 ? 15.422  4.252   -1.153  1.00 35.34  ? 430 VAL A N   1 
ATOM   942  C CA  . VAL A 1 121 ? 14.102  4.749   -0.804  1.00 34.58  ? 430 VAL A CA  1 
ATOM   943  C C   . VAL A 1 121 ? 14.062  5.157   0.668   1.00 34.06  ? 430 VAL A C   1 
ATOM   944  O O   . VAL A 1 121 ? 13.477  6.183   1.014   1.00 32.56  ? 430 VAL A O   1 
ATOM   945  C CB  . VAL A 1 121 ? 13.022  3.684   -1.034  1.00 34.53  ? 430 VAL A CB  1 
ATOM   946  C CG1 . VAL A 1 121 ? 11.665  4.232   -0.607  1.00 35.91  ? 430 VAL A CG1 1 
ATOM   947  C CG2 . VAL A 1 121 ? 13.012  3.256   -2.495  1.00 33.38  ? 430 VAL A CG2 1 
ATOM   948  N N   . GLN A 1 122 ? 14.673  4.347   1.529   1.00 35.48  ? 431 GLN A N   1 
ATOM   949  C CA  . GLN A 1 122 ? 14.697  4.639   2.962   1.00 39.99  ? 431 GLN A CA  1 
ATOM   950  C C   . GLN A 1 122 ? 15.448  5.938   3.259   1.00 40.72  ? 431 GLN A C   1 
ATOM   951  O O   . GLN A 1 122 ? 15.007  6.743   4.082   1.00 42.23  ? 431 GLN A O   1 
ATOM   952  C CB  . GLN A 1 122 ? 15.340  3.482   3.733   1.00 40.66  ? 431 GLN A CB  1 
ATOM   953  C CG  . GLN A 1 122 ? 14.700  2.136   3.436   1.00 45.25  ? 431 GLN A CG  1 
ATOM   954  C CD  . GLN A 1 122 ? 15.356  0.984   4.167   1.00 46.25  ? 431 GLN A CD  1 
ATOM   955  O OE1 . GLN A 1 122 ? 16.581  0.865   4.190   1.00 47.16  ? 431 GLN A OE1 1 
ATOM   956  N NE2 . GLN A 1 122 ? 14.538  0.114   4.755   1.00 47.71  ? 431 GLN A NE2 1 
ATOM   957  N N   . GLU A 1 123 ? 16.570  6.137   2.571   1.00 40.81  ? 432 GLU A N   1 
ATOM   958  C CA  . GLU A 1 123 ? 17.404  7.330   2.740   1.00 42.67  ? 432 GLU A CA  1 
ATOM   959  C C   . GLU A 1 123 ? 16.741  8.585   2.176   1.00 42.79  ? 432 GLU A C   1 
ATOM   960  O O   . GLU A 1 123 ? 16.749  9.642   2.807   1.00 43.08  ? 432 GLU A O   1 
ATOM   961  C CB  . GLU A 1 123 ? 18.760  7.115   2.053   1.00 43.25  ? 432 GLU A CB  1 
ATOM   962  C CG  . GLU A 1 123 ? 19.767  8.234   2.249   1.00 47.50  ? 432 GLU A CG  1 
ATOM   963  C CD  . GLU A 1 123 ? 20.096  8.467   3.714   1.00 49.50  ? 432 GLU A CD  1 
ATOM   964  O OE1 . GLU A 1 123 ? 20.431  7.489   4.418   1.00 50.04  ? 432 GLU A OE1 1 
ATOM   965  O OE2 . GLU A 1 123 ? 20.022  9.629   4.158   1.00 51.85  ? 432 GLU A OE2 1 
ATOM   966  N N   . LYS A 1 124 ? 16.166  8.455   0.985   1.00 42.74  ? 433 LYS A N   1 
ATOM   967  C CA  . LYS A 1 124 ? 15.502  9.559   0.296   1.00 41.04  ? 433 LYS A CA  1 
ATOM   968  C C   . LYS A 1 124 ? 14.300  10.134  1.043   1.00 42.12  ? 433 LYS A C   1 
ATOM   969  O O   . LYS A 1 124 ? 14.081  11.346  1.044   1.00 41.76  ? 433 LYS A O   1 
ATOM   970  C CB  . LYS A 1 124 ? 15.035  9.093   -1.087  1.00 42.81  ? 433 LYS A CB  1 
ATOM   971  C CG  . LYS A 1 124 ? 14.275  10.141  -1.886  1.00 42.95  ? 433 LYS A CG  1 
ATOM   972  C CD  . LYS A 1 124 ? 15.187  11.298  -2.254  1.00 46.43  ? 433 LYS A CD  1 
ATOM   973  C CE  . LYS A 1 124 ? 14.458  12.313  -3.113  1.00 47.15  ? 433 LYS A CE  1 
ATOM   974  N NZ  . LYS A 1 124 ? 15.384  13.369  -3.592  1.00 50.57  ? 433 LYS A NZ  1 
ATOM   975  N N   . LEU A 1 125 ? 13.516  9.264   1.671   1.00 41.42  ? 434 LEU A N   1 
ATOM   976  C CA  . LEU A 1 125 ? 12.317  9.709   2.372   1.00 43.00  ? 434 LEU A CA  1 
ATOM   977  C C   . LEU A 1 125 ? 12.445  9.653   3.890   1.00 43.69  ? 434 LEU A C   1 
ATOM   978  O O   . LEU A 1 125 ? 11.495  9.956   4.607   1.00 44.85  ? 434 LEU A O   1 
ATOM   979  C CB  . LEU A 1 125 ? 11.123  8.856   1.924   1.00 41.42  ? 434 LEU A CB  1 
ATOM   980  C CG  . LEU A 1 125 ? 10.896  8.712   0.413   1.00 40.91  ? 434 LEU A CG  1 
ATOM   981  C CD1 . LEU A 1 125 ? 9.715   7.780   0.160   1.00 40.61  ? 434 LEU A CD1 1 
ATOM   982  C CD2 . LEU A 1 125 ? 10.642  10.069  -0.205  1.00 38.24  ? 434 LEU A CD2 1 
ATOM   983  N N   . HIS A 1 126 ? 13.622  9.264   4.370   1.00 45.68  ? 435 HIS A N   1 
ATOM   984  C CA  . HIS A 1 126 ? 13.878  9.140   5.801   1.00 47.79  ? 435 HIS A CA  1 
ATOM   985  C C   . HIS A 1 126 ? 12.850  8.214   6.445   1.00 47.35  ? 435 HIS A C   1 
ATOM   986  O O   . HIS A 1 126 ? 12.221  8.559   7.443   1.00 46.86  ? 435 HIS A O   1 
ATOM   987  C CB  . HIS A 1 126 ? 13.852  10.515  6.480   1.00 49.78  ? 435 HIS A CB  1 
ATOM   988  C CG  . HIS A 1 126 ? 14.704  11.535  5.796   1.00 54.78  ? 435 HIS A CG  1 
ATOM   989  N ND1 . HIS A 1 126 ? 14.222  12.368  4.808   1.00 57.65  ? 435 HIS A ND1 1 
ATOM   990  C CD2 . HIS A 1 126 ? 16.026  11.816  5.911   1.00 55.36  ? 435 HIS A CD2 1 
ATOM   991  C CE1 . HIS A 1 126 ? 15.207  13.117  4.344   1.00 57.70  ? 435 HIS A CE1 1 
ATOM   992  N NE2 . HIS A 1 126 ? 16.311  12.800  4.997   1.00 57.23  ? 435 HIS A NE2 1 
ATOM   993  N N   . LEU A 1 127 ? 12.695  7.033   5.854   1.00 47.28  ? 436 LEU A N   1 
ATOM   994  C CA  . LEU A 1 127 ? 11.757  6.024   6.337   1.00 46.41  ? 436 LEU A CA  1 
ATOM   995  C C   . LEU A 1 127 ? 12.486  4.698   6.532   1.00 47.44  ? 436 LEU A C   1 
ATOM   996  O O   . LEU A 1 127 ? 12.431  3.816   5.674   1.00 47.27  ? 436 LEU A O   1 
ATOM   997  C CB  . LEU A 1 127 ? 10.621  5.838   5.328   1.00 44.99  ? 436 LEU A CB  1 
ATOM   998  C CG  . LEU A 1 127 ? 9.748   7.071   5.078   1.00 44.54  ? 436 LEU A CG  1 
ATOM   999  C CD1 . LEU A 1 127 ? 8.713   6.771   4.010   1.00 44.69  ? 436 LEU A CD1 1 
ATOM   1000 C CD2 . LEU A 1 127 ? 9.064   7.472   6.377   1.00 44.16  ? 436 LEU A CD2 1 
ATOM   1001 N N   . PRO A 1 128 ? 13.173  4.535   7.675   1.00 48.95  ? 437 PRO A N   1 
ATOM   1002 C CA  . PRO A 1 128 ? 13.921  3.307   7.984   1.00 49.49  ? 437 PRO A CA  1 
ATOM   1003 C C   . PRO A 1 128 ? 13.086  2.018   8.033   1.00 48.88  ? 437 PRO A C   1 
ATOM   1004 O O   . PRO A 1 128 ? 13.594  0.931   7.748   1.00 47.18  ? 437 PRO A O   1 
ATOM   1005 C CB  . PRO A 1 128 ? 14.539  3.607   9.352   1.00 49.95  ? 437 PRO A CB  1 
ATOM   1006 C CG  . PRO A 1 128 ? 14.606  5.111   9.393   1.00 50.58  ? 437 PRO A CG  1 
ATOM   1007 C CD  . PRO A 1 128 ? 13.304  5.516   8.767   1.00 49.09  ? 437 PRO A CD  1 
ATOM   1008 N N   . TYR A 1 129 ? 11.810  2.146   8.389   1.00 48.13  ? 438 TYR A N   1 
ATOM   1009 C CA  . TYR A 1 129 ? 10.938  0.981   8.532   1.00 48.99  ? 438 TYR A CA  1 
ATOM   1010 C C   . TYR A 1 129 ? 10.276  0.468   7.263   1.00 47.32  ? 438 TYR A C   1 
ATOM   1011 O O   . TYR A 1 129 ? 9.580   -0.550  7.295   1.00 44.56  ? 438 TYR A O   1 
ATOM   1012 C CB  . TYR A 1 129 ? 9.856   1.264   9.580   1.00 50.95  ? 438 TYR A CB  1 
ATOM   1013 C CG  . TYR A 1 129 ? 10.387  1.566   10.968  1.00 54.89  ? 438 TYR A CG  1 
ATOM   1014 C CD1 . TYR A 1 129 ? 9.535   2.023   11.972  1.00 56.76  ? 438 TYR A CD1 1 
ATOM   1015 C CD2 . TYR A 1 129 ? 11.744  1.414   11.278  1.00 56.90  ? 438 TYR A CD2 1 
ATOM   1016 C CE1 . TYR A 1 129 ? 10.018  2.326   13.250  1.00 58.18  ? 438 TYR A CE1 1 
ATOM   1017 C CE2 . TYR A 1 129 ? 12.237  1.716   12.555  1.00 57.21  ? 438 TYR A CE2 1 
ATOM   1018 C CZ  . TYR A 1 129 ? 11.365  2.173   13.532  1.00 58.08  ? 438 TYR A CZ  1 
ATOM   1019 O OH  . TYR A 1 129 ? 11.829  2.486   14.789  1.00 57.35  ? 438 TYR A OH  1 
ATOM   1020 N N   . ILE A 1 130 ? 10.473  1.154   6.144   1.00 46.80  ? 439 ILE A N   1 
ATOM   1021 C CA  . ILE A 1 130 ? 9.852   0.676   4.918   1.00 45.68  ? 439 ILE A CA  1 
ATOM   1022 C C   . ILE A 1 130 ? 10.511  -0.641  4.515   1.00 43.04  ? 439 ILE A C   1 
ATOM   1023 O O   . ILE A 1 130 ? 11.727  -0.797  4.622   1.00 42.38  ? 439 ILE A O   1 
ATOM   1024 C CB  . ILE A 1 130 ? 9.974   1.705   3.782   1.00 47.64  ? 439 ILE A CB  1 
ATOM   1025 C CG1 . ILE A 1 130 ? 9.122   1.258   2.600   1.00 50.93  ? 439 ILE A CG1 1 
ATOM   1026 C CG2 . ILE A 1 130 ? 11.423  1.866   3.363   1.00 47.29  ? 439 ILE A CG2 1 
ATOM   1027 C CD1 . ILE A 1 130 ? 9.175   2.213   1.441   1.00 57.46  ? 439 ILE A CD1 1 
ATOM   1028 N N   . THR A 1 131 ? 9.698   -1.599  4.089   1.00 41.17  ? 440 THR A N   1 
ATOM   1029 C CA  . THR A 1 131 ? 10.196  -2.908  3.683   1.00 40.53  ? 440 THR A CA  1 
ATOM   1030 C C   . THR A 1 131 ? 10.031  -3.076  2.180   1.00 40.67  ? 440 THR A C   1 
ATOM   1031 O O   . THR A 1 131 ? 9.355   -2.276  1.533   1.00 40.15  ? 440 THR A O   1 
ATOM   1032 C CB  . THR A 1 131 ? 9.416   -4.040  4.365   1.00 40.20  ? 440 THR A CB  1 
ATOM   1033 O OG1 . THR A 1 131 ? 8.052   -4.005  3.921   1.00 37.15  ? 440 THR A OG1 1 
ATOM   1034 C CG2 . THR A 1 131 ? 9.467   -3.885  5.898   1.00 38.04  ? 440 THR A CG2 1 
ATOM   1035 N N   . THR A 1 132 ? 10.632  -4.124  1.628   1.00 41.01  ? 441 THR A N   1 
ATOM   1036 C CA  . THR A 1 132 ? 10.522  -4.363  0.196   1.00 42.96  ? 441 THR A CA  1 
ATOM   1037 C C   . THR A 1 132 ? 9.085   -4.729  -0.195  1.00 40.90  ? 441 THR A C   1 
ATOM   1038 O O   . THR A 1 132 ? 8.619   -4.334  -1.261  1.00 39.09  ? 441 THR A O   1 
ATOM   1039 C CB  . THR A 1 132 ? 11.517  -5.457  -0.269  1.00 46.33  ? 441 THR A CB  1 
ATOM   1040 O OG1 . THR A 1 132 ? 11.243  -6.688  0.407   1.00 50.27  ? 441 THR A OG1 1 
ATOM   1041 C CG2 . THR A 1 132 ? 12.956  -5.027  0.045   1.00 47.53  ? 441 THR A CG2 1 
ATOM   1042 N N   . ASN A 1 133 ? 8.374   -5.457  0.665   1.00 39.70  ? 442 ASN A N   1 
ATOM   1043 C CA  . ASN A 1 133 ? 6.988   -5.811  0.360   1.00 40.21  ? 442 ASN A CA  1 
ATOM   1044 C C   . ASN A 1 133 ? 6.119   -4.558  0.323   1.00 38.37  ? 442 ASN A C   1 
ATOM   1045 O O   . ASN A 1 133 ? 5.177   -4.468  -0.466  1.00 37.81  ? 442 ASN A O   1 
ATOM   1046 C CB  . ASN A 1 133 ? 6.427   -6.792  1.388   1.00 43.84  ? 442 ASN A CB  1 
ATOM   1047 C CG  . ASN A 1 133 ? 7.124   -8.137  1.341   1.00 48.62  ? 442 ASN A CG  1 
ATOM   1048 O OD1 . ASN A 1 133 ? 7.417   -8.658  0.263   1.00 47.44  ? 442 ASN A OD1 1 
ATOM   1049 N ND2 . ASN A 1 133 ? 7.386   -8.714  2.511   1.00 51.60  ? 442 ASN A ND2 1 
ATOM   1050 N N   . GLY A 1 134 ? 6.435   -3.594  1.181   1.00 34.52  ? 443 GLY A N   1 
ATOM   1051 C CA  . GLY A 1 134 ? 5.678   -2.356  1.189   1.00 34.40  ? 443 GLY A CA  1 
ATOM   1052 C C   . GLY A 1 134 ? 5.910   -1.583  -0.099  1.00 33.21  ? 443 GLY A C   1 
ATOM   1053 O O   . GLY A 1 134 ? 4.966   -1.089  -0.709  1.00 32.56  ? 443 GLY A O   1 
ATOM   1054 N N   . ILE A 1 135 ? 7.170   -1.479  -0.517  1.00 31.99  ? 444 ILE A N   1 
ATOM   1055 C CA  . ILE A 1 135 ? 7.515   -0.766  -1.741  1.00 34.86  ? 444 ILE A CA  1 
ATOM   1056 C C   . ILE A 1 135 ? 6.898   -1.455  -2.955  1.00 34.52  ? 444 ILE A C   1 
ATOM   1057 O O   . ILE A 1 135 ? 6.458   -0.793  -3.893  1.00 33.83  ? 444 ILE A O   1 
ATOM   1058 C CB  . ILE A 1 135 ? 9.042   -0.666  -1.922  1.00 36.12  ? 444 ILE A CB  1 
ATOM   1059 C CG1 . ILE A 1 135 ? 9.613   0.304   -0.894  1.00 39.94  ? 444 ILE A CG1 1 
ATOM   1060 C CG2 . ILE A 1 135 ? 9.378   -0.152  -3.304  1.00 41.76  ? 444 ILE A CG2 1 
ATOM   1061 C CD1 . ILE A 1 135 ? 11.115  0.410   -0.925  1.00 45.28  ? 444 ILE A CD1 1 
ATOM   1062 N N   . VAL A 1 136 ? 6.872   -2.785  -2.932  1.00 32.01  ? 445 VAL A N   1 
ATOM   1063 C CA  . VAL A 1 136 ? 6.267   -3.534  -4.024  1.00 33.94  ? 445 VAL A CA  1 
ATOM   1064 C C   . VAL A 1 136 ? 4.788   -3.163  -4.167  1.00 33.35  ? 445 VAL A C   1 
ATOM   1065 O O   . VAL A 1 136 ? 4.314   -2.909  -5.266  1.00 33.56  ? 445 VAL A O   1 
ATOM   1066 C CB  . VAL A 1 136 ? 6.376   -5.067  -3.793  1.00 34.69  ? 445 VAL A CB  1 
ATOM   1067 C CG1 . VAL A 1 136 ? 5.473   -5.815  -4.771  1.00 34.11  ? 445 VAL A CG1 1 
ATOM   1068 C CG2 . VAL A 1 136 ? 7.824   -5.514  -3.960  1.00 32.94  ? 445 VAL A CG2 1 
ATOM   1069 N N   . ASP A 1 137 ? 4.050   -3.119  -3.062  1.00 34.48  ? 446 ASP A N   1 
ATOM   1070 C CA  . ASP A 1 137 ? 2.636   -2.789  -3.181  1.00 35.34  ? 446 ASP A CA  1 
ATOM   1071 C C   . ASP A 1 137 ? 2.409   -1.356  -3.643  1.00 33.96  ? 446 ASP A C   1 
ATOM   1072 O O   . ASP A 1 137 ? 1.455   -1.085  -4.364  1.00 32.19  ? 446 ASP A O   1 
ATOM   1073 C CB  . ASP A 1 137 ? 1.888   -3.082  -1.872  1.00 37.21  ? 446 ASP A CB  1 
ATOM   1074 C CG  . ASP A 1 137 ? 1.797   -4.583  -1.585  1.00 44.36  ? 446 ASP A CG  1 
ATOM   1075 O OD1 . ASP A 1 137 ? 1.879   -5.372  -2.555  1.00 45.46  ? 446 ASP A OD1 1 
ATOM   1076 O OD2 . ASP A 1 137 ? 1.641   -4.979  -0.409  1.00 45.66  ? 446 ASP A OD2 1 
ATOM   1077 N N   . VAL A 1 138 ? 3.284   -0.435  -3.257  1.00 31.62  ? 447 VAL A N   1 
ATOM   1078 C CA  . VAL A 1 138 ? 3.105   0.939   -3.709  1.00 32.02  ? 447 VAL A CA  1 
ATOM   1079 C C   . VAL A 1 138 ? 3.324   1.014   -5.228  1.00 31.49  ? 447 VAL A C   1 
ATOM   1080 O O   . VAL A 1 138 ? 2.515   1.607   -5.951  1.00 31.39  ? 447 VAL A O   1 
ATOM   1081 C CB  . VAL A 1 138 ? 4.068   1.913   -2.979  1.00 31.79  ? 447 VAL A CB  1 
ATOM   1082 C CG1 . VAL A 1 138 ? 3.977   3.312   -3.602  1.00 31.12  ? 447 VAL A CG1 1 
ATOM   1083 C CG2 . VAL A 1 138 ? 3.694   1.981   -1.499  1.00 29.96  ? 447 VAL A CG2 1 
ATOM   1084 N N   . PHE A 1 139 ? 4.395   0.392   -5.712  1.00 30.90  ? 448 PHE A N   1 
ATOM   1085 C CA  . PHE A 1 139 ? 4.676   0.411   -7.146  1.00 32.11  ? 448 PHE A CA  1 
ATOM   1086 C C   . PHE A 1 139 ? 3.613   -0.323  -7.967  1.00 32.46  ? 448 PHE A C   1 
ATOM   1087 O O   . PHE A 1 139 ? 3.260   0.128   -9.057  1.00 32.81  ? 448 PHE A O   1 
ATOM   1088 C CB  . PHE A 1 139 ? 6.080   -0.145  -7.444  1.00 31.12  ? 448 PHE A CB  1 
ATOM   1089 C CG  . PHE A 1 139 ? 7.175   0.895   -7.322  1.00 30.76  ? 448 PHE A CG  1 
ATOM   1090 C CD1 . PHE A 1 139 ? 7.732   1.200   -6.084  1.00 31.26  ? 448 PHE A CD1 1 
ATOM   1091 C CD2 . PHE A 1 139 ? 7.597   1.612   -8.443  1.00 29.83  ? 448 PHE A CD2 1 
ATOM   1092 C CE1 . PHE A 1 139 ? 8.696   2.208   -5.959  1.00 33.19  ? 448 PHE A CE1 1 
ATOM   1093 C CE2 . PHE A 1 139 ? 8.557   2.621   -8.335  1.00 30.72  ? 448 PHE A CE2 1 
ATOM   1094 C CZ  . PHE A 1 139 ? 9.109   2.922   -7.089  1.00 33.26  ? 448 PHE A CZ  1 
ATOM   1095 N N   . LYS A 1 140 ? 3.087   -1.434  -7.447  1.00 31.75  ? 449 LYS A N   1 
ATOM   1096 C CA  . LYS A 1 140 ? 2.036   -2.153  -8.165  1.00 32.84  ? 449 LYS A CA  1 
ATOM   1097 C C   . LYS A 1 140 ? 0.825   -1.237  -8.397  1.00 33.18  ? 449 LYS A C   1 
ATOM   1098 O O   . LYS A 1 140 ? 0.290   -1.164  -9.508  1.00 32.64  ? 449 LYS A O   1 
ATOM   1099 C CB  . LYS A 1 140 ? 1.599   -3.405  -7.391  1.00 32.95  ? 449 LYS A CB  1 
ATOM   1100 C CG  . LYS A 1 140 ? 2.531   -4.601  -7.568  1.00 37.34  ? 449 LYS A CG  1 
ATOM   1101 C CD  . LYS A 1 140 ? 2.040   -5.834  -6.810  1.00 42.07  ? 449 LYS A CD  1 
ATOM   1102 C CE  . LYS A 1 140 ? 2.900   -7.061  -7.134  1.00 43.97  ? 449 LYS A CE  1 
ATOM   1103 N NZ  . LYS A 1 140 ? 2.452   -8.266  -6.363  1.00 48.59  ? 449 LYS A NZ  1 
ATOM   1104 N N   . GLU A 1 141 ? 0.397   -0.539  -7.347  1.00 33.19  ? 450 GLU A N   1 
ATOM   1105 C CA  . GLU A 1 141 ? -0.738  0.374   -7.452  1.00 36.12  ? 450 GLU A CA  1 
ATOM   1106 C C   . GLU A 1 141 ? -0.477  1.524   -8.435  1.00 35.25  ? 450 GLU A C   1 
ATOM   1107 O O   . GLU A 1 141 ? -1.344  1.873   -9.236  1.00 36.91  ? 450 GLU A O   1 
ATOM   1108 C CB  . GLU A 1 141 ? -1.089  0.954   -6.084  1.00 36.98  ? 450 GLU A CB  1 
ATOM   1109 C CG  . GLU A 1 141 ? -2.357  0.394   -5.499  1.00 45.61  ? 450 GLU A CG  1 
ATOM   1110 C CD  . GLU A 1 141 ? -3.476  0.299   -6.531  1.00 46.30  ? 450 GLU A CD  1 
ATOM   1111 O OE1 . GLU A 1 141 ? -3.882  1.336   -7.123  1.00 50.52  ? 450 GLU A OE1 1 
ATOM   1112 O OE2 . GLU A 1 141 ? -3.945  -0.825  -6.753  1.00 46.88  ? 450 GLU A OE2 1 
ATOM   1113 N N   . CYS A 1 142 ? 0.706   2.123   -8.360  1.00 33.52  ? 451 CYS A N   1 
ATOM   1114 C CA  . CYS A 1 142 ? 1.041   3.210   -9.273  1.00 33.02  ? 451 CYS A CA  1 
ATOM   1115 C C   . CYS A 1 142 ? 1.097   2.707   -10.712 1.00 32.48  ? 451 CYS A C   1 
ATOM   1116 O O   . CYS A 1 142 ? 0.573   3.350   -11.618 1.00 32.35  ? 451 CYS A O   1 
ATOM   1117 C CB  . CYS A 1 142 ? 2.382   3.833   -8.896  1.00 32.32  ? 451 CYS A CB  1 
ATOM   1118 S SG  . CYS A 1 142 ? 2.329   4.706   -7.331  1.00 38.51  ? 451 CYS A SG  1 
ATOM   1119 N N   . LEU A 1 143 ? 1.726   1.554   -10.921 1.00 31.14  ? 452 LEU A N   1 
ATOM   1120 C CA  . LEU A 1 143 ? 1.830   0.998   -12.267 1.00 33.61  ? 452 LEU A CA  1 
ATOM   1121 C C   . LEU A 1 143 ? 0.449   0.666   -12.816 1.00 33.50  ? 452 LEU A C   1 
ATOM   1122 O O   . LEU A 1 143 ? 0.179   0.865   -14.002 1.00 34.47  ? 452 LEU A O   1 
ATOM   1123 C CB  . LEU A 1 143 ? 2.737   -0.243  -12.260 1.00 30.78  ? 452 LEU A CB  1 
ATOM   1124 C CG  . LEU A 1 143 ? 4.227   0.111   -12.121 1.00 31.79  ? 452 LEU A CG  1 
ATOM   1125 C CD1 . LEU A 1 143 ? 5.070   -1.114  -11.788 1.00 31.70  ? 452 LEU A CD1 1 
ATOM   1126 C CD2 . LEU A 1 143 ? 4.700   0.748   -13.435 1.00 32.58  ? 452 LEU A CD2 1 
ATOM   1127 N N   . LYS A 1 144 ? -0.427  0.177   -11.946 1.00 34.74  ? 453 LYS A N   1 
ATOM   1128 C CA  . LYS A 1 144 ? -1.793  -0.163  -12.336 1.00 38.78  ? 453 LYS A CA  1 
ATOM   1129 C C   . LYS A 1 144 ? -2.485  1.116   -12.837 1.00 39.16  ? 453 LYS A C   1 
ATOM   1130 O O   . LYS A 1 144 ? -3.135  1.119   -13.886 1.00 37.29  ? 453 LYS A O   1 
ATOM   1131 C CB  . LYS A 1 144 ? -2.528  -0.750  -11.125 1.00 40.56  ? 453 LYS A CB  1 
ATOM   1132 C CG  . LYS A 1 144 ? -3.937  -1.269  -11.371 1.00 48.65  ? 453 LYS A CG  1 
ATOM   1133 C CD  . LYS A 1 144 ? -4.459  -2.001  -10.115 1.00 51.98  ? 453 LYS A CD  1 
ATOM   1134 C CE  . LYS A 1 144 ? -5.919  -2.436  -10.270 1.00 56.00  ? 453 LYS A CE  1 
ATOM   1135 N NZ  . LYS A 1 144 ? -6.429  -3.262  -9.123  1.00 55.38  ? 453 LYS A NZ  1 
ATOM   1136 N N   . ARG A 1 145 ? -2.317  2.208   -12.095 1.00 38.92  ? 454 ARG A N   1 
ATOM   1137 C CA  . ARG A 1 145 ? -2.917  3.487   -12.480 1.00 41.10  ? 454 ARG A CA  1 
ATOM   1138 C C   . ARG A 1 145 ? -2.287  4.053   -13.746 1.00 39.65  ? 454 ARG A C   1 
ATOM   1139 O O   . ARG A 1 145 ? -2.981  4.611   -14.592 1.00 39.23  ? 454 ARG A O   1 
ATOM   1140 C CB  . ARG A 1 145 ? -2.763  4.520   -11.361 1.00 42.10  ? 454 ARG A CB  1 
ATOM   1141 C CG  . ARG A 1 145 ? -3.481  4.156   -10.087 1.00 46.17  ? 454 ARG A CG  1 
ATOM   1142 C CD  . ARG A 1 145 ? -3.228  5.193   -9.003  1.00 48.72  ? 454 ARG A CD  1 
ATOM   1143 N NE  . ARG A 1 145 ? -4.053  4.941   -7.828  1.00 49.65  ? 454 ARG A NE  1 
ATOM   1144 C CZ  . ARG A 1 145 ? -4.122  5.749   -6.780  1.00 52.16  ? 454 ARG A CZ  1 
ATOM   1145 N NH1 . ARG A 1 145 ? -3.408  6.867   -6.755  1.00 53.47  ? 454 ARG A NH1 1 
ATOM   1146 N NH2 . ARG A 1 145 ? -4.921  5.447   -5.766  1.00 53.83  ? 454 ARG A NH2 1 
ATOM   1147 N N   . THR A 1 146 ? -0.970  3.913   -13.865 1.00 37.81  ? 455 THR A N   1 
ATOM   1148 C CA  . THR A 1 146 ? -0.253  4.426   -15.026 1.00 36.68  ? 455 THR A CA  1 
ATOM   1149 C C   . THR A 1 146 ? -0.722  3.753   -16.315 1.00 38.12  ? 455 THR A C   1 
ATOM   1150 O O   . THR A 1 146 ? -0.945  4.425   -17.332 1.00 37.72  ? 455 THR A O   1 
ATOM   1151 C CB  . THR A 1 146 ? 1.272   4.236   -14.869 1.00 34.45  ? 455 THR A CB  1 
ATOM   1152 O OG1 . THR A 1 146 ? 1.729   4.997   -13.745 1.00 35.76  ? 455 THR A OG1 1 
ATOM   1153 C CG2 . THR A 1 146 ? 2.009   4.710   -16.120 1.00 34.42  ? 455 THR A CG2 1 
ATOM   1154 N N   . LYS A 1 147 ? -0.879  2.434   -16.277 1.00 37.59  ? 456 LYS A N   1 
ATOM   1155 C CA  . LYS A 1 147 ? -1.339  1.713   -17.458 1.00 41.51  ? 456 LYS A CA  1 
ATOM   1156 C C   . LYS A 1 147 ? -2.743  2.182   -17.860 1.00 43.95  ? 456 LYS A C   1 
ATOM   1157 O O   . LYS A 1 147 ? -3.049  2.295   -19.050 1.00 44.79  ? 456 LYS A O   1 
ATOM   1158 C CB  . LYS A 1 147 ? -1.351  0.203   -17.204 1.00 40.84  ? 456 LYS A CB  1 
ATOM   1159 C CG  . LYS A 1 147 ? -1.869  -0.601  -18.388 1.00 44.73  ? 456 LYS A CG  1 
ATOM   1160 C CD  . LYS A 1 147 ? -1.680  -2.096  -18.186 1.00 46.35  ? 456 LYS A CD  1 
ATOM   1161 C CE  . LYS A 1 147 ? -2.147  -2.875  -19.413 1.00 47.34  ? 456 LYS A CE  1 
ATOM   1162 N NZ  . LYS A 1 147 ? -1.895  -4.336  -19.273 1.00 48.04  ? 456 LYS A NZ  1 
ATOM   1163 N N   . LYS A 1 148 ? -3.593  2.457   -16.871 1.00 45.15  ? 457 LYS A N   1 
ATOM   1164 C CA  . LYS A 1 148 ? -4.949  2.924   -17.157 1.00 48.72  ? 457 LYS A CA  1 
ATOM   1165 C C   . LYS A 1 148 ? -4.967  4.337   -17.724 1.00 49.58  ? 457 LYS A C   1 
ATOM   1166 O O   . LYS A 1 148 ? -5.715  4.620   -18.659 1.00 51.16  ? 457 LYS A O   1 
ATOM   1167 C CB  . LYS A 1 148 ? -5.831  2.887   -15.906 1.00 50.14  ? 457 LYS A CB  1 
ATOM   1168 C CG  . LYS A 1 148 ? -6.395  1.520   -15.577 1.00 55.40  ? 457 LYS A CG  1 
ATOM   1169 C CD  . LYS A 1 148 ? -7.500  1.624   -14.528 1.00 57.50  ? 457 LYS A CD  1 
ATOM   1170 C CE  . LYS A 1 148 ? -8.113  0.264   -14.232 1.00 59.65  ? 457 LYS A CE  1 
ATOM   1171 N NZ  . LYS A 1 148 ? -9.267  0.371   -13.290 1.00 61.79  ? 457 LYS A NZ  1 
ATOM   1172 N N   . GLN A 1 149 ? -4.141  5.219   -17.166 1.00 49.18  ? 458 GLN A N   1 
ATOM   1173 C CA  . GLN A 1 149 ? -4.092  6.600   -17.620 1.00 49.86  ? 458 GLN A CA  1 
ATOM   1174 C C   . GLN A 1 149 ? -3.260  6.838   -18.884 1.00 48.97  ? 458 GLN A C   1 
ATOM   1175 O O   . GLN A 1 149 ? -3.473  7.828   -19.580 1.00 47.76  ? 458 GLN A O   1 
ATOM   1176 C CB  . GLN A 1 149 ? -3.577  7.505   -16.499 1.00 52.78  ? 458 GLN A CB  1 
ATOM   1177 C CG  . GLN A 1 149 ? -4.361  7.398   -15.204 1.00 57.78  ? 458 GLN A CG  1 
ATOM   1178 C CD  . GLN A 1 149 ? -4.001  8.493   -14.213 1.00 60.64  ? 458 GLN A CD  1 
ATOM   1179 O OE1 . GLN A 1 149 ? -2.824  8.765   -13.964 1.00 63.62  ? 458 GLN A OE1 1 
ATOM   1180 N NE2 . GLN A 1 149 ? -5.020  9.124   -13.635 1.00 62.94  ? 458 GLN A NE2 1 
ATOM   1181 N N   . TYR A 1 150 ? -2.314  5.948   -19.180 1.00 47.47  ? 459 TYR A N   1 
ATOM   1182 C CA  . TYR A 1 150 ? -1.489  6.110   -20.373 1.00 46.70  ? 459 TYR A CA  1 
ATOM   1183 C C   . TYR A 1 150 ? -1.389  4.826   -21.187 1.00 45.38  ? 459 TYR A C   1 
ATOM   1184 O O   . TYR A 1 150 ? -0.307  4.253   -21.330 1.00 45.92  ? 459 TYR A O   1 
ATOM   1185 C CB  . TYR A 1 150 ? -0.084  6.596   -20.000 1.00 49.00  ? 459 TYR A CB  1 
ATOM   1186 C CG  . TYR A 1 150 ? -0.092  7.859   -19.173 1.00 53.15  ? 459 TYR A CG  1 
ATOM   1187 C CD1 . TYR A 1 150 ? -0.413  7.817   -17.815 1.00 55.58  ? 459 TYR A CD1 1 
ATOM   1188 C CD2 . TYR A 1 150 ? 0.165   9.103   -19.754 1.00 53.81  ? 459 TYR A CD2 1 
ATOM   1189 C CE1 . TYR A 1 150 ? -0.484  8.978   -17.051 1.00 58.09  ? 459 TYR A CE1 1 
ATOM   1190 C CE2 . TYR A 1 150 ? 0.099   10.278  -18.999 1.00 55.58  ? 459 TYR A CE2 1 
ATOM   1191 C CZ  . TYR A 1 150 ? -0.228  10.203  -17.644 1.00 58.16  ? 459 TYR A CZ  1 
ATOM   1192 O OH  . TYR A 1 150 ? -0.307  11.338  -16.870 1.00 58.27  ? 459 TYR A OH  1 
ATOM   1193 N N   . PRO A 1 151 ? -2.523  4.354   -21.733 1.00 44.22  ? 460 PRO A N   1 
ATOM   1194 C CA  . PRO A 1 151 ? -2.504  3.123   -22.530 1.00 44.54  ? 460 PRO A CA  1 
ATOM   1195 C C   . PRO A 1 151 ? -1.699  3.243   -23.823 1.00 44.54  ? 460 PRO A C   1 
ATOM   1196 O O   . PRO A 1 151 ? -1.293  2.234   -24.399 1.00 45.39  ? 460 PRO A O   1 
ATOM   1197 C CB  . PRO A 1 151 ? -3.989  2.837   -22.770 1.00 43.54  ? 460 PRO A CB  1 
ATOM   1198 C CG  . PRO A 1 151 ? -4.626  4.187   -22.678 1.00 43.61  ? 460 PRO A CG  1 
ATOM   1199 C CD  . PRO A 1 151 ? -3.903  4.828   -21.529 1.00 41.85  ? 460 PRO A CD  1 
ATOM   1200 N N   . GLU A 1 152 ? -1.450  4.474   -24.266 1.00 43.20  ? 461 GLU A N   1 
ATOM   1201 C CA  . GLU A 1 152 ? -0.684  4.693   -25.495 1.00 43.01  ? 461 GLU A CA  1 
ATOM   1202 C C   . GLU A 1 152 ? 0.810   4.570   -25.224 1.00 41.28  ? 461 GLU A C   1 
ATOM   1203 O O   . GLU A 1 152 ? 1.616   4.458   -26.149 1.00 40.44  ? 461 GLU A O   1 
ATOM   1204 C CB  . GLU A 1 152 ? -0.980  6.084   -26.080 1.00 44.50  ? 461 GLU A CB  1 
ATOM   1205 C CG  . GLU A 1 152 ? -2.462  6.399   -26.205 1.00 47.08  ? 461 GLU A CG  1 
ATOM   1206 C CD  . GLU A 1 152 ? -3.003  7.181   -25.013 1.00 49.84  ? 461 GLU A CD  1 
ATOM   1207 O OE1 . GLU A 1 152 ? -2.489  7.008   -23.881 1.00 47.52  ? 461 GLU A OE1 1 
ATOM   1208 O OE2 . GLU A 1 152 ? -3.956  7.971   -25.214 1.00 52.33  ? 461 GLU A OE2 1 
ATOM   1209 N N   . VAL A 1 153 ? 1.177   4.582   -23.949 1.00 39.74  ? 462 VAL A N   1 
ATOM   1210 C CA  . VAL A 1 153 ? 2.581   4.490   -23.578 1.00 39.54  ? 462 VAL A CA  1 
ATOM   1211 C C   . VAL A 1 153 ? 2.968   3.181   -22.877 1.00 38.78  ? 462 VAL A C   1 
ATOM   1212 O O   . VAL A 1 153 ? 3.883   2.483   -23.315 1.00 40.40  ? 462 VAL A O   1 
ATOM   1213 C CB  . VAL A 1 153 ? 2.970   5.689   -22.692 1.00 39.45  ? 462 VAL A CB  1 
ATOM   1214 C CG1 . VAL A 1 153 ? 4.457   5.671   -22.403 1.00 41.75  ? 462 VAL A CG1 1 
ATOM   1215 C CG2 . VAL A 1 153 ? 2.589   6.986   -23.400 1.00 41.90  ? 462 VAL A CG2 1 
ATOM   1216 N N   . LEU A 1 154 ? 2.270   2.846   -21.797 1.00 37.20  ? 463 LEU A N   1 
ATOM   1217 C CA  . LEU A 1 154 ? 2.574   1.628   -21.037 1.00 36.41  ? 463 LEU A CA  1 
ATOM   1218 C C   . LEU A 1 154 ? 1.668   0.474   -21.455 1.00 36.08  ? 463 LEU A C   1 
ATOM   1219 O O   . LEU A 1 154 ? 0.460   0.518   -21.221 1.00 33.55  ? 463 LEU A O   1 
ATOM   1220 C CB  . LEU A 1 154 ? 2.384   1.880   -19.534 1.00 35.01  ? 463 LEU A CB  1 
ATOM   1221 C CG  . LEU A 1 154 ? 3.350   1.267   -18.507 1.00 38.55  ? 463 LEU A CG  1 
ATOM   1222 C CD1 . LEU A 1 154 ? 2.602   1.081   -17.188 1.00 35.77  ? 463 LEU A CD1 1 
ATOM   1223 C CD2 . LEU A 1 154 ? 3.907   -0.044  -18.984 1.00 35.32  ? 463 LEU A CD2 1 
ATOM   1224 N N   . LYS A 1 155 ? 2.253   -0.554  -22.064 1.00 36.63  ? 464 LYS A N   1 
ATOM   1225 C CA  . LYS A 1 155 ? 1.487   -1.723  -22.493 1.00 38.35  ? 464 LYS A CA  1 
ATOM   1226 C C   . LYS A 1 155 ? 1.361   -2.773  -21.376 1.00 38.47  ? 464 LYS A C   1 
ATOM   1227 O O   . LYS A 1 155 ? 0.267   -3.261  -21.096 1.00 38.95  ? 464 LYS A O   1 
ATOM   1228 C CB  . LYS A 1 155 ? 2.152   -2.351  -23.717 1.00 40.25  ? 464 LYS A CB  1 
ATOM   1229 C CG  . LYS A 1 155 ? 1.374   -3.504  -24.337 1.00 42.58  ? 464 LYS A CG  1 
ATOM   1230 C CD  . LYS A 1 155 ? 2.116   -4.064  -25.545 1.00 47.83  ? 464 LYS A CD  1 
ATOM   1231 C CE  . LYS A 1 155 ? 1.383   -5.240  -26.175 1.00 50.59  ? 464 LYS A CE  1 
ATOM   1232 N NZ  . LYS A 1 155 ? 2.218   -5.878  -27.237 1.00 54.51  ? 464 LYS A NZ  1 
ATOM   1233 N N   . ASN A 1 156 ? 2.488   -3.121  -20.754 1.00 37.61  ? 465 ASN A N   1 
ATOM   1234 C CA  . ASN A 1 156 ? 2.528   -4.105  -19.655 1.00 35.72  ? 465 ASN A CA  1 
ATOM   1235 C C   . ASN A 1 156 ? 3.639   -3.775  -18.659 1.00 34.22  ? 465 ASN A C   1 
ATOM   1236 O O   . ASN A 1 156 ? 4.552   -3.002  -18.963 1.00 33.26  ? 465 ASN A O   1 
ATOM   1237 C CB  . ASN A 1 156 ? 2.789   -5.524  -20.185 1.00 37.70  ? 465 ASN A CB  1 
ATOM   1238 C CG  . ASN A 1 156 ? 1.574   -6.139  -20.848 1.00 41.26  ? 465 ASN A CG  1 
ATOM   1239 O OD1 . ASN A 1 156 ? 0.515   -6.270  -20.232 1.00 41.83  ? 465 ASN A OD1 1 
ATOM   1240 N ND2 . ASN A 1 156 ? 1.724   -6.528  -22.114 1.00 43.85  ? 465 ASN A ND2 1 
ATOM   1241 N N   . TRP A 1 157 ? 3.560   -4.377  -17.475 1.00 32.05  ? 466 TRP A N   1 
ATOM   1242 C CA  . TRP A 1 157 ? 4.571   -4.172  -16.440 1.00 31.16  ? 466 TRP A CA  1 
ATOM   1243 C C   . TRP A 1 157 ? 4.678   -5.391  -15.531 1.00 30.94  ? 466 TRP A C   1 
ATOM   1244 O O   . TRP A 1 157 ? 3.727   -6.153  -15.397 1.00 27.97  ? 466 TRP A O   1 
ATOM   1245 C CB  . TRP A 1 157 ? 4.246   -2.941  -15.574 1.00 30.71  ? 466 TRP A CB  1 
ATOM   1246 C CG  . TRP A 1 157 ? 2.945   -3.028  -14.821 1.00 30.58  ? 466 TRP A CG  1 
ATOM   1247 C CD1 . TRP A 1 157 ? 1.731   -2.537  -15.220 1.00 31.36  ? 466 TRP A CD1 1 
ATOM   1248 C CD2 . TRP A 1 157 ? 2.722   -3.675  -13.559 1.00 31.25  ? 466 TRP A CD2 1 
ATOM   1249 N NE1 . TRP A 1 157 ? 0.768   -2.841  -14.286 1.00 32.12  ? 466 TRP A NE1 1 
ATOM   1250 C CE2 . TRP A 1 157 ? 1.346   -3.536  -13.259 1.00 32.23  ? 466 TRP A CE2 1 
ATOM   1251 C CE3 . TRP A 1 157 ? 3.551   -4.359  -12.655 1.00 32.12  ? 466 TRP A CE3 1 
ATOM   1252 C CZ2 . TRP A 1 157 ? 0.775   -4.065  -12.085 1.00 33.19  ? 466 TRP A CZ2 1 
ATOM   1253 C CZ3 . TRP A 1 157 ? 2.986   -4.885  -11.490 1.00 31.29  ? 466 TRP A CZ3 1 
ATOM   1254 C CH2 . TRP A 1 157 ? 1.607   -4.731  -11.218 1.00 33.15  ? 466 TRP A CH2 1 
ATOM   1255 N N   . TRP A 1 158 ? 5.845   -5.569  -14.923 1.00 30.44  ? 467 TRP A N   1 
ATOM   1256 C CA  . TRP A 1 158 ? 6.087   -6.664  -13.987 1.00 31.83  ? 467 TRP A CA  1 
ATOM   1257 C C   . TRP A 1 158 ? 7.069   -6.146  -12.938 1.00 32.32  ? 467 TRP A C   1 
ATOM   1258 O O   . TRP A 1 158 ? 7.862   -5.241  -13.210 1.00 31.43  ? 467 TRP A O   1 
ATOM   1259 C CB  . TRP A 1 158 ? 6.742   -7.867  -14.678 1.00 33.06  ? 467 TRP A CB  1 
ATOM   1260 C CG  . TRP A 1 158 ? 5.961   -8.475  -15.802 1.00 36.31  ? 467 TRP A CG  1 
ATOM   1261 C CD1 . TRP A 1 158 ? 5.176   -9.595  -15.751 1.00 36.98  ? 467 TRP A CD1 1 
ATOM   1262 C CD2 . TRP A 1 158 ? 5.927   -8.021  -17.160 1.00 35.83  ? 467 TRP A CD2 1 
ATOM   1263 N NE1 . TRP A 1 158 ? 4.660   -9.871  -17.000 1.00 37.44  ? 467 TRP A NE1 1 
ATOM   1264 C CE2 . TRP A 1 158 ? 5.106   -8.920  -17.884 1.00 38.02  ? 467 TRP A CE2 1 
ATOM   1265 C CE3 . TRP A 1 158 ? 6.511   -6.940  -17.838 1.00 37.01  ? 467 TRP A CE3 1 
ATOM   1266 C CZ2 . TRP A 1 158 ? 4.856   -8.774  -19.254 1.00 37.92  ? 467 TRP A CZ2 1 
ATOM   1267 C CZ3 . TRP A 1 158 ? 6.264   -6.793  -19.206 1.00 40.32  ? 467 TRP A CZ3 1 
ATOM   1268 C CH2 . TRP A 1 158 ? 5.440   -7.711  -19.899 1.00 41.10  ? 467 TRP A CH2 1 
ATOM   1269 N N   . ILE A 1 159 ? 7.012   -6.724  -11.745 1.00 32.36  ? 468 ILE A N   1 
ATOM   1270 C CA  . ILE A 1 159 ? 7.933   -6.357  -10.688 1.00 33.26  ? 468 ILE A CA  1 
ATOM   1271 C C   . ILE A 1 159 ? 8.595   -7.631  -10.172 1.00 34.40  ? 468 ILE A C   1 
ATOM   1272 O O   . ILE A 1 159 ? 7.906   -8.569  -9.768  1.00 33.03  ? 468 ILE A O   1 
ATOM   1273 C CB  . ILE A 1 159 ? 7.219   -5.652  -9.514  1.00 33.34  ? 468 ILE A CB  1 
ATOM   1274 C CG1 . ILE A 1 159 ? 6.615   -4.328  -9.992  1.00 31.59  ? 468 ILE A CG1 1 
ATOM   1275 C CG2 . ILE A 1 159 ? 8.211   -5.415  -8.364  1.00 32.34  ? 468 ILE A CG2 1 
ATOM   1276 C CD1 . ILE A 1 159 ? 5.929   -3.534  -8.880  1.00 32.57  ? 468 ILE A CD1 1 
ATOM   1277 N N   . ASP A 1 160 ? 9.927   -7.666  -10.217 1.00 35.33  ? 469 ASP A N   1 
ATOM   1278 C CA  . ASP A 1 160 ? 10.700  -8.807  -9.720  1.00 37.56  ? 469 ASP A CA  1 
ATOM   1279 C C   . ASP A 1 160 ? 11.409  -8.419  -8.430  1.00 40.24  ? 469 ASP A C   1 
ATOM   1280 O O   . ASP A 1 160 ? 11.646  -7.239  -8.172  1.00 36.12  ? 469 ASP A O   1 
ATOM   1281 C CB  . ASP A 1 160 ? 11.781  -9.233  -10.719 1.00 35.62  ? 469 ASP A CB  1 
ATOM   1282 C CG  . ASP A 1 160 ? 11.235  -10.058 -11.862 1.00 37.23  ? 469 ASP A CG  1 
ATOM   1283 O OD1 . ASP A 1 160 ? 10.064  -10.474 -11.796 1.00 35.58  ? 469 ASP A OD1 1 
ATOM   1284 O OD2 . ASP A 1 160 ? 11.989  -10.298 -12.823 1.00 39.40  ? 469 ASP A OD2 1 
ATOM   1285 N N   . LEU A 1 161 ? 11.754  -9.414  -7.620  1.00 44.58  ? 470 LEU A N   1 
ATOM   1286 C CA  . LEU A 1 161 ? 12.483  -9.148  -6.389  1.00 50.08  ? 470 LEU A CA  1 
ATOM   1287 C C   . LEU A 1 161 ? 13.959  -9.367  -6.699  1.00 53.98  ? 470 LEU A C   1 
ATOM   1288 O O   . LEU A 1 161 ? 14.317  -10.346 -7.358  1.00 54.10  ? 470 LEU A O   1 
ATOM   1289 C CB  . LEU A 1 161 ? 12.047  -10.094 -5.269  1.00 48.93  ? 470 LEU A CB  1 
ATOM   1290 C CG  . LEU A 1 161 ? 10.637  -9.921  -4.706  1.00 50.01  ? 470 LEU A CG  1 
ATOM   1291 C CD1 . LEU A 1 161 ? 10.475  -10.825 -3.490  1.00 49.76  ? 470 LEU A CD1 1 
ATOM   1292 C CD2 . LEU A 1 161 ? 10.401  -8.473  -4.315  1.00 48.96  ? 470 LEU A CD2 1 
ATOM   1293 N N   . ASP A 1 162 ? 14.812  -8.457  -6.237  1.00 58.00  ? 471 ASP A N   1 
ATOM   1294 C CA  . ASP A 1 162 ? 16.242  -8.577  -6.485  1.00 62.20  ? 471 ASP A CA  1 
ATOM   1295 C C   . ASP A 1 162 ? 16.981  -9.142  -5.280  1.00 63.33  ? 471 ASP A C   1 
ATOM   1296 O O   . ASP A 1 162 ? 18.208  -9.244  -5.289  1.00 64.74  ? 471 ASP A O   1 
ATOM   1297 C CB  . ASP A 1 162 ? 16.835  -7.217  -6.868  1.00 65.17  ? 471 ASP A CB  1 
ATOM   1298 C CG  . ASP A 1 162 ? 16.204  -6.642  -8.117  1.00 70.02  ? 471 ASP A CG  1 
ATOM   1299 O OD1 . ASP A 1 162 ? 15.606  -7.413  -8.895  1.00 20.11  ? 471 ASP A OD1 1 
ATOM   1300 O OD2 . ASP A 1 162 ? 16.311  -5.413  -8.328  1.00 20.11  ? 471 ASP A OD2 1 
ATOM   1301 N N   . ASN A 1 171 ? 15.324  -8.299  -1.156  1.00 67.99  ? 480 ASN A N   1 
ATOM   1302 C CA  . ASN A 1 171 ? 15.360  -7.661  0.155   1.00 67.91  ? 480 ASN A CA  1 
ATOM   1303 C C   . ASN A 1 171 ? 16.250  -6.426  0.076   1.00 65.85  ? 480 ASN A C   1 
ATOM   1304 O O   . ASN A 1 171 ? 16.276  -5.599  0.985   1.00 66.04  ? 480 ASN A O   1 
ATOM   1305 C CB  . ASN A 1 171 ? 15.894  -8.642  1.207   1.00 70.68  ? 480 ASN A CB  1 
ATOM   1306 C CG  . ASN A 1 171 ? 15.645  -8.166  2.625   1.00 73.54  ? 480 ASN A CG  1 
ATOM   1307 O OD1 . ASN A 1 171 ? 15.024  -7.121  2.843   1.00 74.16  ? 480 ASN A OD1 1 
ATOM   1308 N ND2 . ASN A 1 171 ? 16.125  -8.935  3.599   1.00 74.05  ? 480 ASN A ND2 1 
ATOM   1309 N N   . SER A 1 172 ? 16.994  -6.314  -1.016  1.00 63.12  ? 481 SER A N   1 
ATOM   1310 C CA  . SER A 1 172 ? 17.856  -5.157  -1.207  1.00 59.82  ? 481 SER A CA  1 
ATOM   1311 C C   . SER A 1 172 ? 17.145  -4.220  -2.176  1.00 55.58  ? 481 SER A C   1 
ATOM   1312 O O   . SER A 1 172 ? 17.508  -3.055  -2.301  1.00 54.81  ? 481 SER A O   1 
ATOM   1313 C CB  . SER A 1 172 ? 19.228  -5.569  -1.768  1.00 60.59  ? 481 SER A CB  1 
ATOM   1314 O OG  . SER A 1 172 ? 19.146  -5.924  -3.135  1.00 62.00  ? 481 SER A OG  1 
ATOM   1315 N N   . GLY A 1 173 ? 16.125  -4.741  -2.856  1.00 51.19  ? 482 GLY A N   1 
ATOM   1316 C CA  . GLY A 1 173 ? 15.382  -3.920  -3.793  1.00 47.10  ? 482 GLY A CA  1 
ATOM   1317 C C   . GLY A 1 173 ? 14.461  -4.689  -4.722  1.00 44.07  ? 482 GLY A C   1 
ATOM   1318 O O   . GLY A 1 173 ? 14.285  -5.898  -4.577  1.00 43.48  ? 482 GLY A O   1 
ATOM   1319 N N   . ILE A 1 174 ? 13.863  -3.974  -5.671  1.00 39.78  ? 483 ILE A N   1 
ATOM   1320 C CA  . ILE A 1 174 ? 12.960  -4.579  -6.632  1.00 38.61  ? 483 ILE A CA  1 
ATOM   1321 C C   . ILE A 1 174 ? 13.430  -4.225  -8.040  1.00 38.25  ? 483 ILE A C   1 
ATOM   1322 O O   . ILE A 1 174 ? 14.226  -3.299  -8.232  1.00 35.81  ? 483 ILE A O   1 
ATOM   1323 C CB  . ILE A 1 174 ? 11.496  -4.095  -6.424  1.00 37.75  ? 483 ILE A CB  1 
ATOM   1324 C CG1 . ILE A 1 174 ? 11.382  -2.592  -6.675  1.00 38.64  ? 483 ILE A CG1 1 
ATOM   1325 C CG2 . ILE A 1 174 ? 11.048  -4.408  -4.995  1.00 39.55  ? 483 ILE A CG2 1 
ATOM   1326 C CD1 . ILE A 1 174 ? 9.954   -2.066  -6.546  1.00 37.52  ? 483 ILE A CD1 1 
ATOM   1327 N N   . LEU A 1 175 ? 12.945  -4.976  -9.017  1.00 35.89  ? 484 LEU A N   1 
ATOM   1328 C CA  . LEU A 1 175 ? 13.316  -4.754  -10.400 1.00 36.80  ? 484 LEU A CA  1 
ATOM   1329 C C   . LEU A 1 175 ? 12.038  -4.499  -11.187 1.00 37.27  ? 484 LEU A C   1 
ATOM   1330 O O   . LEU A 1 175 ? 11.150  -5.358  -11.254 1.00 39.01  ? 484 LEU A O   1 
ATOM   1331 C CB  . LEU A 1 175 ? 14.057  -5.991  -10.930 1.00 39.19  ? 484 LEU A CB  1 
ATOM   1332 C CG  . LEU A 1 175 ? 14.746  -5.931  -12.297 1.00 43.28  ? 484 LEU A CG  1 
ATOM   1333 C CD1 . LEU A 1 175 ? 15.919  -4.962  -12.224 1.00 41.97  ? 484 LEU A CD1 1 
ATOM   1334 C CD2 . LEU A 1 175 ? 15.232  -7.330  -12.706 1.00 40.06  ? 484 LEU A CD2 1 
ATOM   1335 N N   . LEU A 1 176 ? 11.933  -3.305  -11.759 1.00 35.57  ? 485 LEU A N   1 
ATOM   1336 C CA  . LEU A 1 176 ? 10.760  -2.936  -12.540 1.00 34.70  ? 485 LEU A CA  1 
ATOM   1337 C C   . LEU A 1 176 ? 10.938  -3.277  -14.020 1.00 34.97  ? 485 LEU A C   1 
ATOM   1338 O O   . LEU A 1 176 ? 11.947  -2.927  -14.632 1.00 36.34  ? 485 LEU A O   1 
ATOM   1339 C CB  . LEU A 1 176 ? 10.481  -1.437  -12.401 1.00 33.29  ? 485 LEU A CB  1 
ATOM   1340 C CG  . LEU A 1 176 ? 10.366  -0.869  -10.980 1.00 36.11  ? 485 LEU A CG  1 
ATOM   1341 C CD1 . LEU A 1 176 ? 10.294  0.647   -11.065 1.00 33.15  ? 485 LEU A CD1 1 
ATOM   1342 C CD2 . LEU A 1 176 ? 9.126   -1.428  -10.266 1.00 34.57  ? 485 LEU A CD2 1 
ATOM   1343 N N   . HIS A 1 177 ? 9.958   -3.969  -14.585 1.00 34.25  ? 486 HIS A N   1 
ATOM   1344 C CA  . HIS A 1 177 ? 9.986   -4.315  -16.006 1.00 33.55  ? 486 HIS A CA  1 
ATOM   1345 C C   . HIS A 1 177 ? 8.853   -3.554  -16.664 1.00 33.11  ? 486 HIS A C   1 
ATOM   1346 O O   . HIS A 1 177 ? 7.708   -3.628  -16.213 1.00 32.81  ? 486 HIS A O   1 
ATOM   1347 C CB  . HIS A 1 177 ? 9.761   -5.815  -16.230 1.00 33.03  ? 486 HIS A CB  1 
ATOM   1348 C CG  . HIS A 1 177 ? 10.867  -6.677  -15.712 1.00 35.49  ? 486 HIS A CG  1 
ATOM   1349 N ND1 . HIS A 1 177 ? 10.853  -7.230  -14.445 1.00 36.03  ? 486 HIS A ND1 1 
ATOM   1350 C CD2 . HIS A 1 177 ? 12.035  -7.059  -16.277 1.00 33.74  ? 486 HIS A CD2 1 
ATOM   1351 C CE1 . HIS A 1 177 ? 11.966  -7.917  -14.257 1.00 35.38  ? 486 HIS A CE1 1 
ATOM   1352 N NE2 . HIS A 1 177 ? 12.700  -7.829  -15.353 1.00 38.11  ? 486 HIS A NE2 1 
ATOM   1353 N N   . LEU A 1 178 ? 9.167   -2.816  -17.722 1.00 33.50  ? 487 LEU A N   1 
ATOM   1354 C CA  . LEU A 1 178 ? 8.152   -2.044  -18.427 1.00 34.38  ? 487 LEU A CA  1 
ATOM   1355 C C   . LEU A 1 178 ? 8.165   -2.394  -19.914 1.00 33.66  ? 487 LEU A C   1 
ATOM   1356 O O   . LEU A 1 178 ? 9.227   -2.500  -20.531 1.00 33.52  ? 487 LEU A O   1 
ATOM   1357 C CB  . LEU A 1 178 ? 8.407   -0.537  -18.248 1.00 34.14  ? 487 LEU A CB  1 
ATOM   1358 C CG  . LEU A 1 178 ? 8.542   -0.029  -16.808 1.00 34.88  ? 487 LEU A CG  1 
ATOM   1359 C CD1 . LEU A 1 178 ? 8.931   1.464   -16.806 1.00 34.59  ? 487 LEU A CD1 1 
ATOM   1360 C CD2 . LEU A 1 178 ? 7.230   -0.256  -16.062 1.00 30.99  ? 487 LEU A CD2 1 
ATOM   1361 N N   . GLU A 1 179 ? 6.981   -2.604  -20.474 1.00 34.03  ? 488 GLU A N   1 
ATOM   1362 C CA  . GLU A 1 179 ? 6.856   -2.901  -21.895 1.00 36.30  ? 488 GLU A CA  1 
ATOM   1363 C C   . GLU A 1 179 ? 6.028   -1.747  -22.464 1.00 34.84  ? 488 GLU A C   1 
ATOM   1364 O O   . GLU A 1 179 ? 4.984   -1.389  -21.914 1.00 34.75  ? 488 GLU A O   1 
ATOM   1365 C CB  . GLU A 1 179 ? 6.143   -4.236  -22.120 1.00 36.27  ? 488 GLU A CB  1 
ATOM   1366 C CG  . GLU A 1 179 ? 5.833   -4.512  -23.588 1.00 42.93  ? 488 GLU A CG  1 
ATOM   1367 C CD  . GLU A 1 179 ? 5.192   -5.877  -23.823 1.00 45.01  ? 488 GLU A CD  1 
ATOM   1368 O OE1 . GLU A 1 179 ? 4.348   -6.297  -23.004 1.00 45.58  ? 488 GLU A OE1 1 
ATOM   1369 O OE2 . GLU A 1 179 ? 5.526   -6.519  -24.840 1.00 48.51  ? 488 GLU A OE2 1 
ATOM   1370 N N   . TYR A 1 180 ? 6.497   -1.171  -23.562 1.00 34.37  ? 489 TYR A N   1 
ATOM   1371 C CA  . TYR A 1 180 ? 5.819   -0.031  -24.167 1.00 34.80  ? 489 TYR A CA  1 
ATOM   1372 C C   . TYR A 1 180 ? 4.871   -0.335  -25.324 1.00 37.16  ? 489 TYR A C   1 
ATOM   1373 O O   . TYR A 1 180 ? 5.088   -1.268  -26.101 1.00 37.21  ? 489 TYR A O   1 
ATOM   1374 C CB  . TYR A 1 180 ? 6.869   1.002   -24.586 1.00 33.19  ? 489 TYR A CB  1 
ATOM   1375 C CG  . TYR A 1 180 ? 7.678   1.492   -23.406 1.00 32.10  ? 489 TYR A CG  1 
ATOM   1376 C CD1 . TYR A 1 180 ? 8.903   0.899   -23.071 1.00 34.35  ? 489 TYR A CD1 1 
ATOM   1377 C CD2 . TYR A 1 180 ? 7.184   2.492   -22.575 1.00 31.19  ? 489 TYR A CD2 1 
ATOM   1378 C CE1 . TYR A 1 180 ? 9.614   1.298   -21.925 1.00 33.14  ? 489 TYR A CE1 1 
ATOM   1379 C CE2 . TYR A 1 180 ? 7.880   2.896   -21.431 1.00 33.04  ? 489 TYR A CE2 1 
ATOM   1380 C CZ  . TYR A 1 180 ? 9.088   2.299   -21.109 1.00 33.04  ? 489 TYR A CZ  1 
ATOM   1381 O OH  . TYR A 1 180 ? 9.759   2.702   -19.972 1.00 32.57  ? 489 TYR A OH  1 
ATOM   1382 N N   . ALA A 1 181 ? 3.816   0.470   -25.425 1.00 36.97  ? 490 ALA A N   1 
ATOM   1383 C CA  . ALA A 1 181 ? 2.812   0.308   -26.471 1.00 39.66  ? 490 ALA A CA  1 
ATOM   1384 C C   . ALA A 1 181 ? 3.321   0.782   -27.830 1.00 40.56  ? 490 ALA A C   1 
ATOM   1385 O O   . ALA A 1 181 ? 4.311   1.511   -27.920 1.00 39.13  ? 490 ALA A O   1 
ATOM   1386 C CB  . ALA A 1 181 ? 1.537   1.069   -26.097 1.00 39.63  ? 490 ALA A CB  1 
ATOM   1387 N N   . ALA A 1 182 ? 2.626   0.361   -28.880 1.00 41.36  ? 491 ALA A N   1 
ATOM   1388 C CA  . ALA A 1 182 ? 2.982   0.710   -30.253 1.00 43.93  ? 491 ALA A CA  1 
ATOM   1389 C C   . ALA A 1 182 ? 3.100   2.217   -30.519 1.00 44.16  ? 491 ALA A C   1 
ATOM   1390 O O   . ALA A 1 182 ? 4.104   2.673   -31.063 1.00 44.62  ? 491 ALA A O   1 
ATOM   1391 C CB  . ALA A 1 182 ? 1.964   0.089   -31.218 1.00 44.51  ? 491 ALA A CB  1 
ATOM   1392 N N   . ALA A 1 183 ? 2.074   2.979   -30.140 1.00 43.95  ? 492 ALA A N   1 
ATOM   1393 C CA  . ALA A 1 183 ? 2.059   4.431   -30.350 1.00 43.95  ? 492 ALA A CA  1 
ATOM   1394 C C   . ALA A 1 183 ? 3.339   5.128   -29.874 1.00 44.17  ? 492 ALA A C   1 
ATOM   1395 O O   . ALA A 1 183 ? 3.947   5.894   -30.625 1.00 44.61  ? 492 ALA A O   1 
ATOM   1396 C CB  . ALA A 1 183 ? 0.836   5.045   -29.654 1.00 42.36  ? 492 ALA A CB  1 
ATOM   1397 N N   . TYR A 1 184 ? 3.741   4.858   -28.632 1.00 44.75  ? 493 TYR A N   1 
ATOM   1398 C CA  . TYR A 1 184 ? 4.944   5.448   -28.049 1.00 44.82  ? 493 TYR A CA  1 
ATOM   1399 C C   . TYR A 1 184 ? 6.164   4.841   -28.727 1.00 46.48  ? 493 TYR A C   1 
ATOM   1400 O O   . TYR A 1 184 ? 7.250   5.432   -28.737 1.00 45.54  ? 493 TYR A O   1 
ATOM   1401 C CB  . TYR A 1 184 ? 4.982   5.181   -26.538 1.00 42.89  ? 493 TYR A CB  1 
ATOM   1402 C CG  . TYR A 1 184 ? 6.092   5.889   -25.792 1.00 41.74  ? 493 TYR A CG  1 
ATOM   1403 C CD1 . TYR A 1 184 ? 6.300   7.264   -25.939 1.00 42.20  ? 493 TYR A CD1 1 
ATOM   1404 C CD2 . TYR A 1 184 ? 6.916   5.190   -24.904 1.00 42.14  ? 493 TYR A CD2 1 
ATOM   1405 C CE1 . TYR A 1 184 ? 7.300   7.925   -25.219 1.00 41.03  ? 493 TYR A CE1 1 
ATOM   1406 C CE2 . TYR A 1 184 ? 7.915   5.839   -24.177 1.00 40.48  ? 493 TYR A CE2 1 
ATOM   1407 C CZ  . TYR A 1 184 ? 8.103   7.204   -24.338 1.00 40.89  ? 493 TYR A CZ  1 
ATOM   1408 O OH  . TYR A 1 184 ? 9.099   7.840   -23.625 1.00 37.45  ? 493 TYR A OH  1 
ATOM   1409 N N   . SER A 1 185 ? 5.952   3.662   -29.305 1.00 48.30  ? 494 SER A N   1 
ATOM   1410 C CA  . SER A 1 185 ? 6.970   2.903   -30.028 1.00 50.60  ? 494 SER A CA  1 
ATOM   1411 C C   . SER A 1 185 ? 7.783   2.027   -29.092 1.00 50.84  ? 494 SER A C   1 
ATOM   1412 O O   . SER A 1 185 ? 7.277   1.020   -28.595 1.00 52.63  ? 494 SER A O   1 
ATOM   1413 C CB  . SER A 1 185 ? 7.897   3.840   -30.813 1.00 51.10  ? 494 SER A CB  1 
ATOM   1414 O OG  . SER A 1 185 ? 8.772   3.111   -31.652 1.00 50.53  ? 494 SER A OG  1 
HETATM 1415 O O   . HOH B 2 .   ? -3.081  -5.339  -12.697 1.00 58.06  ? 495 HOH A O   1 
HETATM 1416 O O   . HOH B 2 .   ? 4.889   -8.736  -11.360 1.00 43.72  ? 496 HOH A O   1 
HETATM 1417 O O   . HOH B 2 .   ? -8.419  11.971  13.240  1.00 41.20  ? 497 HOH A O   1 
HETATM 1418 O O   . HOH B 2 .   ? -2.255  -3.164  -14.714 1.00 30.62  ? 498 HOH A O   1 
HETATM 1419 O O   . HOH B 2 .   ? -2.566  -6.236  -3.577  1.00 48.72  ? 499 HOH A O   1 
HETATM 1420 O O   . HOH B 2 .   ? 8.213   -2.502  -25.455 1.00 35.51  ? 500 HOH A O   1 
HETATM 1421 O O   . HOH B 2 .   ? 12.545  -5.775  3.619   1.00 38.16  ? 501 HOH A O   1 
HETATM 1422 O O   . HOH B 2 .   ? 11.526  9.063   -7.169  1.00 40.06  ? 502 HOH A O   1 
HETATM 1423 O O   . HOH B 2 .   ? 1.700   13.861  10.003  1.00 50.18  ? 503 HOH A O   1 
HETATM 1424 O O   . HOH B 2 .   ? 2.884   -12.449 -16.995 1.00 59.03  ? 504 HOH A O   1 
HETATM 1425 O O   . HOH B 2 .   ? 8.766   10.801  4.262   1.00 58.90  ? 505 HOH A O   1 
HETATM 1426 O O   . HOH B 2 .   ? 10.108  -5.311  -21.171 1.00 57.08  ? 506 HOH A O   1 
HETATM 1427 O O   . HOH B 2 .   ? -5.072  0.446   -20.204 1.00 53.66  ? 507 HOH A O   1 
HETATM 1428 O O   . HOH B 2 .   ? 7.234   -6.905  4.952   1.00 49.49  ? 508 HOH A O   1 
HETATM 1429 O O   . HOH B 2 .   ? 12.788  9.253   -9.954  1.00 42.16  ? 511 HOH A O   1 
HETATM 1430 O O   . HOH B 2 .   ? 16.202  7.489   -4.403  1.00 47.68  ? 512 HOH A O   1 
HETATM 1431 O O   . HOH B 2 .   ? 0.476   -1.740  -28.537 1.00 48.55  ? 513 HOH A O   1 
HETATM 1432 O O   . HOH B 2 .   ? -9.910  7.842   0.656   1.00 46.15  ? 514 HOH A O   1 
HETATM 1433 O O   . HOH B 2 .   ? 9.578   13.158  -14.946 1.00 47.06  ? 517 HOH A O   1 
HETATM 1434 O O   . HOH B 2 .   ? -4.138  -0.897  -15.105 1.00 34.57  ? 518 HOH A O   1 
HETATM 1435 O O   . HOH B 2 .   ? -6.555  6.334   -3.347  1.00 45.06  ? 519 HOH A O   1 
HETATM 1436 O O   . HOH B 2 .   ? 8.344   11.708  -1.868  1.00 51.42  ? 520 HOH A O   1 
HETATM 1437 O O   . HOH B 2 .   ? -0.831  -3.660  -3.954  1.00 49.58  ? 523 HOH A O   1 
HETATM 1438 O O   . HOH B 2 .   ? -17.230 -24.567 18.493  1.00 55.08  ? 524 HOH A O   1 
HETATM 1439 O O   . HOH B 2 .   ? 17.124  5.910   -23.181 1.00 36.44  ? 525 HOH A O   1 
HETATM 1440 O O   . HOH B 2 .   ? 16.263  5.562   -6.565  1.00 94.00  ? 526 HOH A O   1 
HETATM 1441 O O   . HOH B 2 .   ? -10.009 11.111  17.682  1.00 56.62  ? 527 HOH A O   1 
HETATM 1442 O O   . HOH B 2 .   ? -2.921  -2.570  -5.647  1.00 49.19  ? 528 HOH A O   1 
HETATM 1443 O O   . HOH B 2 .   ? 10.401  4.587   8.617   1.00 44.85  ? 529 HOH A O   1 
HETATM 1444 O O   . HOH B 2 .   ? 11.153  2.213   -29.803 1.00 46.81  ? 530 HOH A O   1 
HETATM 1445 O O   . HOH B 2 .   ? -1.381  -8.303  11.001  1.00 70.83  ? 531 HOH A O   1 
HETATM 1446 O O   . HOH B 2 .   ? -10.761 13.042  2.905   1.00 56.32  ? 532 HOH A O   1 
HETATM 1447 O O   . HOH B 2 .   ? -17.349 -11.379 3.292   1.00 51.96  ? 533 HOH A O   1 
HETATM 1448 O O   . HOH B 2 .   ? 18.851  -1.573  -0.704  1.00 49.08  ? 534 HOH A O   1 
HETATM 1449 O O   . HOH B 2 .   ? -18.209 1.222   1.095   1.00 66.30  ? 537 HOH A O   1 
HETATM 1450 O O   . HOH B 2 .   ? -2.074  0.680   17.468  1.00 82.12  ? 538 HOH A O   1 
HETATM 1451 O O   . HOH B 2 .   ? -2.352  -12.238 10.592  1.00 79.96  ? 539 HOH A O   1 
HETATM 1452 O O   . HOH B 2 .   ? 3.764   -8.551  -26.152 1.00 67.07  ? 540 HOH A O   1 
HETATM 1453 O O   . HOH B 2 .   ? 0.758   11.036  -3.065  1.00 58.73  ? 541 HOH A O   1 
HETATM 1454 O O   . HOH B 2 .   ? 0.006   20.999  9.420   1.00 77.07  ? 542 HOH A O   1 
HETATM 1455 O O   . HOH B 2 .   ? -10.325 -16.513 17.061  1.00 88.53  ? 543 HOH A O   1 
HETATM 1456 O O   . HOH B 2 .   ? -0.991  -6.578  -0.917  1.00 85.78  ? 544 HOH A O   1 
HETATM 1457 O O   . HOH B 2 .   ? 3.966   -7.124  -1.776  1.00 83.82  ? 545 HOH A O   1 
HETATM 1458 O O   . HOH B 2 .   ? 16.679  2.673   -6.005  1.00 87.21  ? 546 HOH A O   1 
HETATM 1459 O O   . HOH B 2 .   ? -14.316 4.326   16.746  1.00 68.88  ? 547 HOH A O   1 
HETATM 1460 O O   . HOH B 2 .   ? 5.964   2.586   10.338  1.00 53.18  ? 548 HOH A O   1 
HETATM 1461 O O   . HOH B 2 .   ? -0.734  -2.194  0.701   1.00 40.41  ? 549 HOH A O   1 
HETATM 1462 O O   . HOH B 2 .   ? 9.627   -7.377  2.944   1.00 49.24  ? 550 HOH A O   1 
HETATM 1463 O O   . HOH B 2 .   ? 19.733  11.997  2.815   1.00 68.64  ? 551 HOH A O   1 
HETATM 1464 O O   . HOH B 2 .   ? -4.650  10.439  -24.326 1.00 49.84  ? 552 HOH A O   1 
HETATM 1465 O O   . HOH B 2 .   ? 7.438   4.245   8.098   1.00 45.77  ? 553 HOH A O   1 
HETATM 1466 O O   . HOH B 2 .   ? -4.302  16.500  8.824   1.00 61.91  ? 554 HOH A O   1 
HETATM 1467 O O   . HOH B 2 .   ? -1.456  -8.447  14.149  1.00 71.38  ? 555 HOH A O   1 
HETATM 1468 O O   . HOH B 2 .   ? 18.715  -4.100  -5.247  1.00 53.20  ? 556 HOH A O   1 
HETATM 1469 O O   . HOH B 2 .   ? -2.612  9.128   -22.205 1.00 52.06  ? 557 HOH A O   1 
HETATM 1470 O O   . HOH B 2 .   ? 15.024  -10.722 -11.399 1.00 53.73  ? 558 HOH A O   1 
HETATM 1471 O O   . HOH B 2 .   ? 6.479   15.161  4.249   1.00 45.92  ? 559 HOH A O   1 
HETATM 1472 O O   . HOH B 2 .   ? 19.768  3.534   3.631   1.00 65.26  ? 560 HOH A O   1 
HETATM 1473 O O   . HOH B 2 .   ? 12.220  -12.019 -8.733  1.00 60.66  ? 561 HOH A O   1 
HETATM 1474 O O   . HOH B 2 .   ? 6.103   11.228  17.719  1.00 87.14  ? 562 HOH A O   1 
HETATM 1475 O O   . HOH B 2 .   ? 17.045  -9.954  -9.228  1.00 109.42 ? 563 HOH A O   1 
HETATM 1476 O O   . HOH B 2 .   ? -9.210  -19.419 17.279  1.00 51.38  ? 564 HOH A O   1 
HETATM 1477 O O   . HOH B 2 .   ? -0.660  1.961   -29.337 1.00 51.52  ? 565 HOH A O   1 
HETATM 1478 O O   . HOH B 2 .   ? -14.193 -0.180  0.976   1.00 53.98  ? 566 HOH A O   1 
HETATM 1479 O O   . HOH B 2 .   ? -1.374  12.654  23.015  1.00 65.12  ? 567 HOH A O   1 
HETATM 1480 O O   . HOH B 2 .   ? -10.089 -16.083 13.937  1.00 46.82  ? 568 HOH A O   1 
HETATM 1481 O O   . HOH B 2 .   ? -1.589  -8.791  3.571   1.00 53.70  ? 569 HOH A O   1 
HETATM 1482 O O   . HOH B 2 .   ? 10.014  10.812  7.233   1.00 72.12  ? 570 HOH A O   1 
HETATM 1483 O O   . HOH B 2 .   ? -5.118  8.813   -4.114  1.00 58.44  ? 571 HOH A O   1 
HETATM 1484 O O   . HOH B 2 .   ? -3.242  -10.909 1.197   1.00 70.31  ? 572 HOH A O   1 
HETATM 1485 O O   . HOH B 2 .   ? -6.434  -1.322  -6.975  1.00 54.98  ? 573 HOH A O   1 
HETATM 1486 O O   . HOH B 2 .   ? -8.855  18.738  4.948   1.00 68.63  ? 574 HOH A O   1 
HETATM 1487 O O   . HOH B 2 .   ? 3.909   -9.028  -23.132 1.00 55.17  ? 575 HOH A O   1 
# 
